data_1EMR
# 
_entry.id   1EMR 
# 
_audit_conform.dict_name       mmcif_pdbx.dic 
_audit_conform.dict_version    5.398 
_audit_conform.dict_location   http://mmcif.pdb.org/dictionaries/ascii/mmcif_pdbx.dic 
# 
loop_
_database_2.database_id 
_database_2.database_code 
_database_2.pdbx_database_accession 
_database_2.pdbx_DOI 
PDB   1EMR         pdb_00001emr 10.2210/pdb1emr/pdb 
RCSB  RCSB010728   ?            ?                   
WWPDB D_1000010728 ?            ?                   
# 
loop_
_pdbx_audit_revision_history.ordinal 
_pdbx_audit_revision_history.data_content_type 
_pdbx_audit_revision_history.major_revision 
_pdbx_audit_revision_history.minor_revision 
_pdbx_audit_revision_history.revision_date 
1 'Structure model' 1 0 2001-03-21 
2 'Structure model' 1 1 2008-04-27 
3 'Structure model' 1 2 2011-07-13 
4 'Structure model' 1 3 2024-11-06 
# 
_pdbx_audit_revision_details.ordinal             1 
_pdbx_audit_revision_details.revision_ordinal    1 
_pdbx_audit_revision_details.data_content_type   'Structure model' 
_pdbx_audit_revision_details.provider            repository 
_pdbx_audit_revision_details.type                'Initial release' 
_pdbx_audit_revision_details.description         ? 
_pdbx_audit_revision_details.details             ? 
# 
loop_
_pdbx_audit_revision_group.ordinal 
_pdbx_audit_revision_group.revision_ordinal 
_pdbx_audit_revision_group.data_content_type 
_pdbx_audit_revision_group.group 
1 2 'Structure model' 'Version format compliance' 
2 3 'Structure model' 'Version format compliance' 
3 4 'Structure model' 'Data collection'           
4 4 'Structure model' 'Database references'       
5 4 'Structure model' 'Structure summary'         
# 
loop_
_pdbx_audit_revision_category.ordinal 
_pdbx_audit_revision_category.revision_ordinal 
_pdbx_audit_revision_category.data_content_type 
_pdbx_audit_revision_category.category 
1 4 'Structure model' chem_comp_atom            
2 4 'Structure model' chem_comp_bond            
3 4 'Structure model' database_2                
4 4 'Structure model' pdbx_entry_details        
5 4 'Structure model' pdbx_modification_feature 
6 4 'Structure model' struct_ref_seq_dif        
# 
loop_
_pdbx_audit_revision_item.ordinal 
_pdbx_audit_revision_item.revision_ordinal 
_pdbx_audit_revision_item.data_content_type 
_pdbx_audit_revision_item.item 
1 4 'Structure model' '_database_2.pdbx_DOI'                
2 4 'Structure model' '_database_2.pdbx_database_accession' 
3 4 'Structure model' '_struct_ref_seq_dif.details'         
# 
_pdbx_database_status.status_code                     REL 
_pdbx_database_status.entry_id                        1EMR 
_pdbx_database_status.recvd_initial_deposition_date   2000-03-17 
_pdbx_database_status.deposit_site                    RCSB 
_pdbx_database_status.process_site                    RCSB 
_pdbx_database_status.SG_entry                        . 
_pdbx_database_status.pdb_format_compatible           Y 
_pdbx_database_status.status_code_mr                  ? 
_pdbx_database_status.status_code_sf                  ? 
_pdbx_database_status.status_code_cs                  ? 
_pdbx_database_status.status_code_nmr_data            ? 
_pdbx_database_status.methods_development_category    ? 
# 
loop_
_audit_author.name 
_audit_author.pdbx_ordinal 
'Robinson, R.C.' 1 
'Heath, J.K.'    2 
'Hawkins, N.'    3 
'Samal, B.'      4 
'Jones, E.Y.'    5 
'Betzel, C.'     6 
# 
loop_
_citation.id 
_citation.title 
_citation.journal_abbrev 
_citation.journal_volume 
_citation.page_first 
_citation.page_last 
_citation.year 
_citation.journal_id_ASTM 
_citation.country 
_citation.journal_id_ISSN 
_citation.journal_id_CSD 
_citation.book_publisher 
_citation.pdbx_database_id_PubMed 
_citation.pdbx_database_id_DOI 
primary 
'Species Variation in Receptor Binding Site Revealed by the Medium Resolution X-ray Structure of Human Leukemia Inhibitory Factor' 
'to be published' ?   ?   ?   ?    ?      ?  ?         0353 ? ? ?                              
1       'Crystallization and Preliminary X-ray Analysis of Leukemia Inhibitory Factor' 'FEBS Lett.'      336 236 238 1993 FEBLAL 
NE 0014-5793 0165 ? ? '10.1016/0014-5793(93)80810-H' 
# 
loop_
_citation_author.citation_id 
_citation_author.name 
_citation_author.ordinal 
_citation_author.identifier_ORCID 
primary 'Robinson, R.C.' 1  ? 
primary 'Heath, J.K.'    2  ? 
primary 'Hawkins, N.'    3  ? 
primary 'Samal, B.'      4  ? 
primary 'Jones, E.Y.'    5  ? 
primary 'Betzel, C.'     6  ? 
1       'Betzel, C.'     7  ? 
1       'Visanji, M.'    8  ? 
1       'Dauter, Z.'     9  ? 
1       'Fourme, R.'     10 ? 
1       'Weber, W.'      11 ? 
1       'Marnitz, U.'    12 ? 
1       'Boone, T.'      13 ? 
1       'Pope, J.'       14 ? 
1       'Miller, J.'     15 ? 
1       'Hawkins, N.'    16 ? 
1       'Samal, B.'      17 ? 
# 
_entity.id                         1 
_entity.type                       polymer 
_entity.src_method                 man 
_entity.pdbx_description           'LEUKEMIA INHIBITORY FACTOR' 
_entity.formula_weight             17515.262 
_entity.pdbx_number_of_molecules   1 
_entity.pdbx_ec                    ? 
_entity.pdbx_mutation              ? 
_entity.pdbx_fragment              ? 
_entity.details                    ? 
# 
_entity_name_com.entity_id   1 
_entity_name_com.name        LIF 
# 
_entity_poly.entity_id                      1 
_entity_poly.type                           'polypeptide(L)' 
_entity_poly.nstd_linkage                   no 
_entity_poly.nstd_monomer                   no 
_entity_poly.pdbx_seq_one_letter_code       
;LMNQIRSQLAQLNGSANALFILYYTAQGEPFPNNLEKLCGPNVTDFPPFHANGTEKAKLVELYRIVVYLGTSLGNITRDQ
KILNPSALSLHSKLNATADILRGLLSNVLCRLCSKYHVGHVDVTYGPDTSGKDVFQKKKLGCQLLGKYKQVISVLAQAF
;
_entity_poly.pdbx_seq_one_letter_code_can   
;LMNQIRSQLAQLNGSANALFILYYTAQGEPFPNNLEKLCGPNVTDFPPFHANGTEKAKLVELYRIVVYLGTSLGNITRDQ
KILNPSALSLHSKLNATADILRGLLSNVLCRLCSKYHVGHVDVTYGPDTSGKDVFQKKKLGCQLLGKYKQVISVLAQAF
;
_entity_poly.pdbx_strand_id                 A 
_entity_poly.pdbx_target_identifier         ? 
# 
loop_
_entity_poly_seq.entity_id 
_entity_poly_seq.num 
_entity_poly_seq.mon_id 
_entity_poly_seq.hetero 
1 1   LEU n 
1 2   MET n 
1 3   ASN n 
1 4   GLN n 
1 5   ILE n 
1 6   ARG n 
1 7   SER n 
1 8   GLN n 
1 9   LEU n 
1 10  ALA n 
1 11  GLN n 
1 12  LEU n 
1 13  ASN n 
1 14  GLY n 
1 15  SER n 
1 16  ALA n 
1 17  ASN n 
1 18  ALA n 
1 19  LEU n 
1 20  PHE n 
1 21  ILE n 
1 22  LEU n 
1 23  TYR n 
1 24  TYR n 
1 25  THR n 
1 26  ALA n 
1 27  GLN n 
1 28  GLY n 
1 29  GLU n 
1 30  PRO n 
1 31  PHE n 
1 32  PRO n 
1 33  ASN n 
1 34  ASN n 
1 35  LEU n 
1 36  GLU n 
1 37  LYS n 
1 38  LEU n 
1 39  CYS n 
1 40  GLY n 
1 41  PRO n 
1 42  ASN n 
1 43  VAL n 
1 44  THR n 
1 45  ASP n 
1 46  PHE n 
1 47  PRO n 
1 48  PRO n 
1 49  PHE n 
1 50  HIS n 
1 51  ALA n 
1 52  ASN n 
1 53  GLY n 
1 54  THR n 
1 55  GLU n 
1 56  LYS n 
1 57  ALA n 
1 58  LYS n 
1 59  LEU n 
1 60  VAL n 
1 61  GLU n 
1 62  LEU n 
1 63  TYR n 
1 64  ARG n 
1 65  ILE n 
1 66  VAL n 
1 67  VAL n 
1 68  TYR n 
1 69  LEU n 
1 70  GLY n 
1 71  THR n 
1 72  SER n 
1 73  LEU n 
1 74  GLY n 
1 75  ASN n 
1 76  ILE n 
1 77  THR n 
1 78  ARG n 
1 79  ASP n 
1 80  GLN n 
1 81  LYS n 
1 82  ILE n 
1 83  LEU n 
1 84  ASN n 
1 85  PRO n 
1 86  SER n 
1 87  ALA n 
1 88  LEU n 
1 89  SER n 
1 90  LEU n 
1 91  HIS n 
1 92  SER n 
1 93  LYS n 
1 94  LEU n 
1 95  ASN n 
1 96  ALA n 
1 97  THR n 
1 98  ALA n 
1 99  ASP n 
1 100 ILE n 
1 101 LEU n 
1 102 ARG n 
1 103 GLY n 
1 104 LEU n 
1 105 LEU n 
1 106 SER n 
1 107 ASN n 
1 108 VAL n 
1 109 LEU n 
1 110 CYS n 
1 111 ARG n 
1 112 LEU n 
1 113 CYS n 
1 114 SER n 
1 115 LYS n 
1 116 TYR n 
1 117 HIS n 
1 118 VAL n 
1 119 GLY n 
1 120 HIS n 
1 121 VAL n 
1 122 ASP n 
1 123 VAL n 
1 124 THR n 
1 125 TYR n 
1 126 GLY n 
1 127 PRO n 
1 128 ASP n 
1 129 THR n 
1 130 SER n 
1 131 GLY n 
1 132 LYS n 
1 133 ASP n 
1 134 VAL n 
1 135 PHE n 
1 136 GLN n 
1 137 LYS n 
1 138 LYS n 
1 139 LYS n 
1 140 LEU n 
1 141 GLY n 
1 142 CYS n 
1 143 GLN n 
1 144 LEU n 
1 145 LEU n 
1 146 GLY n 
1 147 LYS n 
1 148 TYR n 
1 149 LYS n 
1 150 GLN n 
1 151 VAL n 
1 152 ILE n 
1 153 SER n 
1 154 VAL n 
1 155 LEU n 
1 156 ALA n 
1 157 GLN n 
1 158 ALA n 
1 159 PHE n 
# 
_entity_src_gen.entity_id                          1 
_entity_src_gen.pdbx_src_id                        1 
_entity_src_gen.pdbx_alt_source_flag               sample 
_entity_src_gen.pdbx_seq_type                      ? 
_entity_src_gen.pdbx_beg_seq_num                   ? 
_entity_src_gen.pdbx_end_seq_num                   ? 
_entity_src_gen.gene_src_common_name               human 
_entity_src_gen.gene_src_genus                     Homo 
_entity_src_gen.pdbx_gene_src_gene                 ? 
_entity_src_gen.gene_src_species                   ? 
_entity_src_gen.gene_src_strain                    ? 
_entity_src_gen.gene_src_tissue                    ? 
_entity_src_gen.gene_src_tissue_fraction           ? 
_entity_src_gen.gene_src_details                   ? 
_entity_src_gen.pdbx_gene_src_fragment             ? 
_entity_src_gen.pdbx_gene_src_scientific_name      'Homo sapiens' 
_entity_src_gen.pdbx_gene_src_ncbi_taxonomy_id     9606 
_entity_src_gen.pdbx_gene_src_variant              ? 
_entity_src_gen.pdbx_gene_src_cell_line            ? 
_entity_src_gen.pdbx_gene_src_atcc                 ? 
_entity_src_gen.pdbx_gene_src_organ                ? 
_entity_src_gen.pdbx_gene_src_organelle            ? 
_entity_src_gen.pdbx_gene_src_cell                 ? 
_entity_src_gen.pdbx_gene_src_cellular_location    ? 
_entity_src_gen.host_org_common_name               ? 
_entity_src_gen.pdbx_host_org_scientific_name      'Escherichia coli' 
_entity_src_gen.pdbx_host_org_ncbi_taxonomy_id     562 
_entity_src_gen.host_org_genus                     Escherichia 
_entity_src_gen.pdbx_host_org_gene                 ? 
_entity_src_gen.pdbx_host_org_organ                ? 
_entity_src_gen.host_org_species                   ? 
_entity_src_gen.pdbx_host_org_tissue               ? 
_entity_src_gen.pdbx_host_org_tissue_fraction      ? 
_entity_src_gen.pdbx_host_org_strain               ? 
_entity_src_gen.pdbx_host_org_variant              ? 
_entity_src_gen.pdbx_host_org_cell_line            ? 
_entity_src_gen.pdbx_host_org_atcc                 ? 
_entity_src_gen.pdbx_host_org_culture_collection   ? 
_entity_src_gen.pdbx_host_org_cell                 ? 
_entity_src_gen.pdbx_host_org_organelle            ? 
_entity_src_gen.pdbx_host_org_cellular_location    ? 
_entity_src_gen.pdbx_host_org_vector_type          ? 
_entity_src_gen.pdbx_host_org_vector               ? 
_entity_src_gen.host_org_details                   ? 
_entity_src_gen.expression_system_id               ? 
_entity_src_gen.plasmid_name                       ? 
_entity_src_gen.plasmid_details                    ? 
_entity_src_gen.pdbx_description                   ? 
# 
loop_
_chem_comp.id 
_chem_comp.type 
_chem_comp.mon_nstd_flag 
_chem_comp.name 
_chem_comp.pdbx_synonyms 
_chem_comp.formula 
_chem_comp.formula_weight 
ALA 'L-peptide linking' y ALANINE         ? 'C3 H7 N O2'     89.093  
ARG 'L-peptide linking' y ARGININE        ? 'C6 H15 N4 O2 1' 175.209 
ASN 'L-peptide linking' y ASPARAGINE      ? 'C4 H8 N2 O3'    132.118 
ASP 'L-peptide linking' y 'ASPARTIC ACID' ? 'C4 H7 N O4'     133.103 
CYS 'L-peptide linking' y CYSTEINE        ? 'C3 H7 N O2 S'   121.158 
GLN 'L-peptide linking' y GLUTAMINE       ? 'C5 H10 N2 O3'   146.144 
GLU 'L-peptide linking' y 'GLUTAMIC ACID' ? 'C5 H9 N O4'     147.129 
GLY 'peptide linking'   y GLYCINE         ? 'C2 H5 N O2'     75.067  
HIS 'L-peptide linking' y HISTIDINE       ? 'C6 H10 N3 O2 1' 156.162 
ILE 'L-peptide linking' y ISOLEUCINE      ? 'C6 H13 N O2'    131.173 
LEU 'L-peptide linking' y LEUCINE         ? 'C6 H13 N O2'    131.173 
LYS 'L-peptide linking' y LYSINE          ? 'C6 H15 N2 O2 1' 147.195 
MET 'L-peptide linking' y METHIONINE      ? 'C5 H11 N O2 S'  149.211 
PHE 'L-peptide linking' y PHENYLALANINE   ? 'C9 H11 N O2'    165.189 
PRO 'L-peptide linking' y PROLINE         ? 'C5 H9 N O2'     115.130 
SER 'L-peptide linking' y SERINE          ? 'C3 H7 N O3'     105.093 
THR 'L-peptide linking' y THREONINE       ? 'C4 H9 N O3'     119.119 
TYR 'L-peptide linking' y TYROSINE        ? 'C9 H11 N O3'    181.189 
VAL 'L-peptide linking' y VALINE          ? 'C5 H11 N O2'    117.146 
# 
loop_
_pdbx_poly_seq_scheme.asym_id 
_pdbx_poly_seq_scheme.entity_id 
_pdbx_poly_seq_scheme.seq_id 
_pdbx_poly_seq_scheme.mon_id 
_pdbx_poly_seq_scheme.ndb_seq_num 
_pdbx_poly_seq_scheme.pdb_seq_num 
_pdbx_poly_seq_scheme.auth_seq_num 
_pdbx_poly_seq_scheme.pdb_mon_id 
_pdbx_poly_seq_scheme.auth_mon_id 
_pdbx_poly_seq_scheme.pdb_strand_id 
_pdbx_poly_seq_scheme.pdb_ins_code 
_pdbx_poly_seq_scheme.hetero 
A 1 1   LEU 1   23  23  LEU LEU A . n 
A 1 2   MET 2   24  24  MET MET A . n 
A 1 3   ASN 3   25  25  ASN ASN A . n 
A 1 4   GLN 4   26  26  GLN GLN A . n 
A 1 5   ILE 5   27  27  ILE ILE A . n 
A 1 6   ARG 6   28  28  ARG ARG A . n 
A 1 7   SER 7   29  29  SER SER A . n 
A 1 8   GLN 8   30  30  GLN GLN A . n 
A 1 9   LEU 9   31  31  LEU LEU A . n 
A 1 10  ALA 10  32  32  ALA ALA A . n 
A 1 11  GLN 11  33  33  GLN GLN A . n 
A 1 12  LEU 12  34  34  LEU LEU A . n 
A 1 13  ASN 13  35  35  ASN ASN A . n 
A 1 14  GLY 14  36  36  GLY GLY A . n 
A 1 15  SER 15  37  37  SER SER A . n 
A 1 16  ALA 16  38  38  ALA ALA A . n 
A 1 17  ASN 17  39  39  ASN ASN A . n 
A 1 18  ALA 18  40  40  ALA ALA A . n 
A 1 19  LEU 19  41  41  LEU LEU A . n 
A 1 20  PHE 20  42  42  PHE PHE A . n 
A 1 21  ILE 21  43  43  ILE ILE A . n 
A 1 22  LEU 22  44  44  LEU LEU A . n 
A 1 23  TYR 23  45  45  TYR TYR A . n 
A 1 24  TYR 24  46  46  TYR TYR A . n 
A 1 25  THR 25  47  47  THR THR A . n 
A 1 26  ALA 26  48  48  ALA ALA A . n 
A 1 27  GLN 27  49  49  GLN GLN A . n 
A 1 28  GLY 28  50  50  GLY GLY A . n 
A 1 29  GLU 29  51  51  GLU GLU A . n 
A 1 30  PRO 30  52  52  PRO PRO A . n 
A 1 31  PHE 31  53  53  PHE PHE A . n 
A 1 32  PRO 32  54  54  PRO PRO A . n 
A 1 33  ASN 33  55  55  ASN ASN A . n 
A 1 34  ASN 34  56  56  ASN ASN A . n 
A 1 35  LEU 35  57  57  LEU LEU A . n 
A 1 36  GLU 36  58  58  GLU GLU A . n 
A 1 37  LYS 37  59  59  LYS LYS A . n 
A 1 38  LEU 38  60  60  LEU LEU A . n 
A 1 39  CYS 39  61  61  CYS CYS A . n 
A 1 40  GLY 40  62  62  GLY GLY A . n 
A 1 41  PRO 41  63  63  PRO PRO A . n 
A 1 42  ASN 42  64  64  ASN ASN A . n 
A 1 43  VAL 43  65  65  VAL VAL A . n 
A 1 44  THR 44  66  66  THR THR A . n 
A 1 45  ASP 45  67  67  ASP ASP A . n 
A 1 46  PHE 46  68  68  PHE PHE A . n 
A 1 47  PRO 47  69  69  PRO PRO A . n 
A 1 48  PRO 48  70  70  PRO PRO A . n 
A 1 49  PHE 49  71  71  PHE PHE A . n 
A 1 50  HIS 50  72  72  HIS HIS A . n 
A 1 51  ALA 51  73  73  ALA ALA A . n 
A 1 52  ASN 52  74  74  ASN ASN A . n 
A 1 53  GLY 53  75  75  GLY GLY A . n 
A 1 54  THR 54  76  76  THR THR A . n 
A 1 55  GLU 55  77  77  GLU GLU A . n 
A 1 56  LYS 56  78  78  LYS LYS A . n 
A 1 57  ALA 57  79  79  ALA ALA A . n 
A 1 58  LYS 58  80  80  LYS LYS A . n 
A 1 59  LEU 59  81  81  LEU LEU A . n 
A 1 60  VAL 60  82  82  VAL VAL A . n 
A 1 61  GLU 61  83  83  GLU GLU A . n 
A 1 62  LEU 62  84  84  LEU LEU A . n 
A 1 63  TYR 63  85  85  TYR TYR A . n 
A 1 64  ARG 64  86  86  ARG ARG A . n 
A 1 65  ILE 65  87  87  ILE ILE A . n 
A 1 66  VAL 66  88  88  VAL VAL A . n 
A 1 67  VAL 67  89  89  VAL VAL A . n 
A 1 68  TYR 68  90  90  TYR TYR A . n 
A 1 69  LEU 69  91  91  LEU LEU A . n 
A 1 70  GLY 70  92  92  GLY GLY A . n 
A 1 71  THR 71  93  93  THR THR A . n 
A 1 72  SER 72  94  94  SER SER A . n 
A 1 73  LEU 73  95  95  LEU LEU A . n 
A 1 74  GLY 74  96  96  GLY GLY A . n 
A 1 75  ASN 75  97  97  ASN ASN A . n 
A 1 76  ILE 76  98  98  ILE ILE A . n 
A 1 77  THR 77  99  99  THR THR A . n 
A 1 78  ARG 78  100 100 ARG ARG A . n 
A 1 79  ASP 79  101 101 ASP ASP A . n 
A 1 80  GLN 80  102 102 GLN GLN A . n 
A 1 81  LYS 81  103 103 LYS LYS A . n 
A 1 82  ILE 82  104 104 ILE ILE A . n 
A 1 83  LEU 83  105 105 LEU LEU A . n 
A 1 84  ASN 84  106 106 ASN ASN A . n 
A 1 85  PRO 85  107 107 PRO PRO A . n 
A 1 86  SER 86  108 108 SER SER A . n 
A 1 87  ALA 87  109 109 ALA ALA A . n 
A 1 88  LEU 88  110 110 LEU LEU A . n 
A 1 89  SER 89  111 111 SER SER A . n 
A 1 90  LEU 90  112 112 LEU LEU A . n 
A 1 91  HIS 91  113 113 HIS HIS A . n 
A 1 92  SER 92  114 114 SER SER A . n 
A 1 93  LYS 93  115 115 LYS LYS A . n 
A 1 94  LEU 94  116 116 LEU LEU A . n 
A 1 95  ASN 95  117 117 ASN ASN A . n 
A 1 96  ALA 96  118 118 ALA ALA A . n 
A 1 97  THR 97  119 119 THR THR A . n 
A 1 98  ALA 98  120 120 ALA ALA A . n 
A 1 99  ASP 99  121 121 ASP ASP A . n 
A 1 100 ILE 100 122 122 ILE ILE A . n 
A 1 101 LEU 101 123 123 LEU LEU A . n 
A 1 102 ARG 102 124 124 ARG ARG A . n 
A 1 103 GLY 103 125 125 GLY GLY A . n 
A 1 104 LEU 104 126 126 LEU LEU A . n 
A 1 105 LEU 105 127 127 LEU LEU A . n 
A 1 106 SER 106 128 128 SER SER A . n 
A 1 107 ASN 107 129 129 ASN ASN A . n 
A 1 108 VAL 108 130 130 VAL VAL A . n 
A 1 109 LEU 109 131 131 LEU LEU A . n 
A 1 110 CYS 110 132 132 CYS CYS A . n 
A 1 111 ARG 111 133 133 ARG ARG A . n 
A 1 112 LEU 112 134 134 LEU LEU A . n 
A 1 113 CYS 113 135 135 CYS CYS A . n 
A 1 114 SER 114 136 136 SER SER A . n 
A 1 115 LYS 115 137 137 LYS LYS A . n 
A 1 116 TYR 116 138 138 TYR TYR A . n 
A 1 117 HIS 117 139 139 HIS HIS A . n 
A 1 118 VAL 118 140 140 VAL VAL A . n 
A 1 119 GLY 119 141 141 GLY GLY A . n 
A 1 120 HIS 120 142 142 HIS HIS A . n 
A 1 121 VAL 121 143 143 VAL VAL A . n 
A 1 122 ASP 122 144 144 ASP ASP A . n 
A 1 123 VAL 123 145 145 VAL VAL A . n 
A 1 124 THR 124 146 146 THR THR A . n 
A 1 125 TYR 125 147 147 TYR TYR A . n 
A 1 126 GLY 126 148 148 GLY GLY A . n 
A 1 127 PRO 127 149 149 PRO PRO A . n 
A 1 128 ASP 128 150 150 ASP ASP A . n 
A 1 129 THR 129 151 151 THR THR A . n 
A 1 130 SER 130 152 152 SER SER A . n 
A 1 131 GLY 131 153 153 GLY GLY A . n 
A 1 132 LYS 132 154 154 LYS LYS A . n 
A 1 133 ASP 133 155 155 ASP ASP A . n 
A 1 134 VAL 134 156 156 VAL VAL A . n 
A 1 135 PHE 135 157 157 PHE PHE A . n 
A 1 136 GLN 136 158 158 GLN GLN A . n 
A 1 137 LYS 137 159 159 LYS LYS A . n 
A 1 138 LYS 138 160 160 LYS LYS A . n 
A 1 139 LYS 139 161 161 LYS LYS A . n 
A 1 140 LEU 140 162 162 LEU LEU A . n 
A 1 141 GLY 141 163 163 GLY GLY A . n 
A 1 142 CYS 142 164 164 CYS CYS A . n 
A 1 143 GLN 143 165 165 GLN GLN A . n 
A 1 144 LEU 144 166 166 LEU LEU A . n 
A 1 145 LEU 145 167 167 LEU LEU A . n 
A 1 146 GLY 146 168 168 GLY GLY A . n 
A 1 147 LYS 147 169 169 LYS LYS A . n 
A 1 148 TYR 148 170 170 TYR TYR A . n 
A 1 149 LYS 149 171 171 LYS LYS A . n 
A 1 150 GLN 150 172 172 GLN GLN A . n 
A 1 151 VAL 151 173 173 VAL VAL A . n 
A 1 152 ILE 152 174 174 ILE ILE A . n 
A 1 153 SER 153 175 175 SER SER A . n 
A 1 154 VAL 154 176 176 VAL VAL A . n 
A 1 155 LEU 155 177 177 LEU LEU A . n 
A 1 156 ALA 156 178 178 ALA ALA A . n 
A 1 157 GLN 157 179 179 GLN GLN A . n 
A 1 158 ALA 158 180 180 ALA ALA A . n 
A 1 159 PHE 159 181 181 PHE PHE A . n 
# 
loop_
_software.name 
_software.classification 
_software.version 
_software.citation_id 
_software.pdbx_ordinal 
DENZO     'data reduction' . ? 1 
SCALEPACK 'data scaling'   . ? 2 
X-PLOR    'model building' . ? 3 
X-PLOR    refinement       . ? 4 
X-PLOR    phasing          . ? 5 
# 
_cell.entry_id           1EMR 
_cell.length_a           61.5 
_cell.length_b           45.3 
_cell.length_c           77.7 
_cell.angle_alpha        90.0 
_cell.angle_beta         112.3 
_cell.angle_gamma        90.0 
_cell.Z_PDB              4 
_cell.pdbx_unique_axis   ? 
# 
_symmetry.entry_id                         1EMR 
_symmetry.space_group_name_H-M             'C 1 2 1' 
_symmetry.pdbx_full_space_group_name_H-M   ? 
_symmetry.cell_setting                     ? 
_symmetry.Int_Tables_number                5 
# 
_exptl.entry_id          1EMR 
_exptl.method            'X-RAY DIFFRACTION' 
_exptl.crystals_number   1 
# 
_exptl_crystal.id                    1 
_exptl_crystal.density_meas          ? 
_exptl_crystal.density_percent_sol   56.95 
_exptl_crystal.density_Matthews      2.86 
_exptl_crystal.description           ? 
# 
_exptl_crystal_grow.crystal_id      1 
_exptl_crystal_grow.method          'VAPOR DIFFUSION, SITTING DROP' 
_exptl_crystal_grow.pH              6.0 
_exptl_crystal_grow.temp            289 
_exptl_crystal_grow.temp_details    ? 
_exptl_crystal_grow.pdbx_details    
'200 mM sodium acetate, 100 mM cacodylate buffer, 30% w/v PEG 8000, pH 6.0, VAPOR DIFFUSION, SITTING DROP, temperature 289K' 
_exptl_crystal_grow.pdbx_pH_range   ? 
# 
_diffrn.id                     1 
_diffrn.ambient_temp           293 
_diffrn.ambient_temp_details   ? 
_diffrn.crystal_id             1 
# 
_diffrn_detector.diffrn_id              1 
_diffrn_detector.detector               'AREA DETECTOR' 
_diffrn_detector.type                   MARRESEARCH 
_diffrn_detector.pdbx_collection_date   1993-01-15 
_diffrn_detector.details                ? 
# 
_diffrn_radiation.diffrn_id                        1 
_diffrn_radiation.wavelength_id                    1 
_diffrn_radiation.monochromator                    ? 
_diffrn_radiation.pdbx_monochromatic_or_laue_m_l   M 
_diffrn_radiation.pdbx_diffrn_protocol             'SINGLE WAVELENGTH' 
_diffrn_radiation.pdbx_scattering_type             x-ray 
# 
_diffrn_radiation_wavelength.id           1 
_diffrn_radiation_wavelength.wavelength   0.9 
_diffrn_radiation_wavelength.wt           1.0 
# 
_diffrn_source.diffrn_id                   1 
_diffrn_source.source                      SYNCHROTRON 
_diffrn_source.type                        'LURE BEAMLINE DW32' 
_diffrn_source.pdbx_wavelength             0.9 
_diffrn_source.pdbx_synchrotron_site       LURE 
_diffrn_source.pdbx_synchrotron_beamline   DW32 
_diffrn_source.pdbx_wavelength_list        ? 
# 
_reflns.entry_id                     1EMR 
_reflns.observed_criterion_sigma_I   ? 
_reflns.observed_criterion_sigma_F   ? 
_reflns.d_resolution_low             ? 
_reflns.d_resolution_high            3.5 
_reflns.number_obs                   2728 
_reflns.number_all                   ? 
_reflns.percent_possible_obs         99.4 
_reflns.pdbx_Rmerge_I_obs            0.035 
_reflns.pdbx_Rsym_value              ? 
_reflns.pdbx_netI_over_sigmaI        ? 
_reflns.B_iso_Wilson_estimate        ? 
_reflns.pdbx_redundancy              ? 
_reflns.R_free_details               ? 
_reflns.limit_h_max                  ? 
_reflns.limit_h_min                  ? 
_reflns.limit_k_max                  ? 
_reflns.limit_k_min                  ? 
_reflns.limit_l_max                  ? 
_reflns.limit_l_min                  ? 
_reflns.observed_criterion_F_max     ? 
_reflns.observed_criterion_F_min     ? 
_reflns.pdbx_diffrn_id               1 
_reflns.pdbx_ordinal                 1 
# 
_refine.entry_id                                 1EMR 
_refine.ls_number_reflns_obs                     2728 
_refine.ls_number_reflns_all                     2728 
_refine.pdbx_ls_sigma_I                          0 
_refine.pdbx_ls_sigma_F                          0 
_refine.pdbx_data_cutoff_high_absF               ? 
_refine.pdbx_data_cutoff_low_absF                ? 
_refine.ls_d_res_low                             20.0 
_refine.ls_d_res_high                            3.5 
_refine.ls_percent_reflns_obs                    ? 
_refine.ls_R_factor_obs                          ? 
_refine.ls_R_factor_all                          ? 
_refine.ls_R_factor_R_work                       0.191 
_refine.ls_R_factor_R_free                       0.293 
_refine.ls_R_factor_R_free_error                 ? 
_refine.ls_R_factor_R_free_error_details         ? 
_refine.ls_percent_reflns_R_free                 ? 
_refine.ls_number_reflns_R_free                  ? 
_refine.ls_number_parameters                     ? 
_refine.ls_number_restraints                     ? 
_refine.occupancy_min                            ? 
_refine.occupancy_max                            ? 
_refine.B_iso_mean                               ? 
_refine.aniso_B[1][1]                            ? 
_refine.aniso_B[2][2]                            ? 
_refine.aniso_B[3][3]                            ? 
_refine.aniso_B[1][2]                            ? 
_refine.aniso_B[1][3]                            ? 
_refine.aniso_B[2][3]                            ? 
_refine.solvent_model_details                    ? 
_refine.solvent_model_param_ksol                 ? 
_refine.solvent_model_param_bsol                 ? 
_refine.pdbx_ls_cross_valid_method               ? 
_refine.details                                  ? 
_refine.pdbx_starting_model                      ? 
_refine.pdbx_method_to_determine_struct          ? 
_refine.pdbx_isotropic_thermal_model             ? 
_refine.pdbx_stereochemistry_target_values       ? 
_refine.pdbx_stereochem_target_val_spec_case     ? 
_refine.pdbx_R_Free_selection_details            ? 
_refine.pdbx_overall_ESU_R_Free                  ? 
_refine.overall_SU_B                             ? 
_refine.ls_redundancy_reflns_obs                 ? 
_refine.B_iso_min                                ? 
_refine.B_iso_max                                ? 
_refine.overall_SU_ML                            ? 
_refine.pdbx_overall_ESU_R                       ? 
_refine.pdbx_data_cutoff_high_rms_absF           ? 
_refine.correlation_coeff_Fo_to_Fc               ? 
_refine.correlation_coeff_Fo_to_Fc_free          ? 
_refine.overall_SU_R_Cruickshank_DPI             ? 
_refine.overall_SU_R_free                        ? 
_refine.pdbx_refine_id                           'X-RAY DIFFRACTION' 
_refine.pdbx_diffrn_id                           1 
_refine.pdbx_TLS_residual_ADP_flag               ? 
_refine.pdbx_solvent_vdw_probe_radii             ? 
_refine.pdbx_solvent_ion_probe_radii             ? 
_refine.pdbx_solvent_shrinkage_radii             ? 
_refine.pdbx_overall_phase_error                 ? 
_refine.pdbx_overall_SU_R_free_Cruickshank_DPI   ? 
_refine.pdbx_overall_SU_R_Blow_DPI               ? 
_refine.pdbx_overall_SU_R_free_Blow_DPI          ? 
# 
_refine_hist.pdbx_refine_id                   'X-RAY DIFFRACTION' 
_refine_hist.cycle_id                         LAST 
_refine_hist.pdbx_number_atoms_protein        1520 
_refine_hist.pdbx_number_atoms_nucleic_acid   0 
_refine_hist.pdbx_number_atoms_ligand         0 
_refine_hist.number_atoms_solvent             0 
_refine_hist.number_atoms_total               1520 
_refine_hist.d_res_high                       3.5 
_refine_hist.d_res_low                        20.0 
# 
loop_
_refine_ls_restr.type 
_refine_ls_restr.dev_ideal 
_refine_ls_restr.dev_ideal_target 
_refine_ls_restr.weight 
_refine_ls_restr.number 
_refine_ls_restr.pdbx_refine_id 
_refine_ls_restr.pdbx_restraint_function 
x_bond_d    0.004 ? ? ? 'X-RAY DIFFRACTION' ? 
x_angle_deg 1.25  ? ? ? 'X-RAY DIFFRACTION' ? 
# 
_struct.entry_id                  1EMR 
_struct.title                     'CRYSTAL STRUCTURE OF HUMAN LEUKEMIA INHIBITORY FACTOR (LIF)' 
_struct.pdbx_model_details        ? 
_struct.pdbx_CASP_flag            ? 
_struct.pdbx_model_type_details   ? 
# 
_struct_keywords.entry_id        1EMR 
_struct_keywords.pdbx_keywords   'GENE REGULATION' 
_struct_keywords.text            '4-helix bundle, GENE REGULATION' 
# 
_struct_asym.id                            A 
_struct_asym.pdbx_blank_PDB_chainid_flag   N 
_struct_asym.pdbx_modified                 N 
_struct_asym.entity_id                     1 
_struct_asym.details                       ? 
# 
_struct_ref.id                         1 
_struct_ref.db_code                    LIF_HUMAN 
_struct_ref.db_name                    UNP 
_struct_ref.entity_id                  1 
_struct_ref.pdbx_db_accession          P15018 
_struct_ref.pdbx_align_begin           ? 
_struct_ref.pdbx_seq_one_letter_code   ? 
_struct_ref.pdbx_db_isoform            ? 
# 
_struct_ref_seq.align_id                      1 
_struct_ref_seq.ref_id                        1 
_struct_ref_seq.pdbx_PDB_id_code              1EMR 
_struct_ref_seq.pdbx_strand_id                A 
_struct_ref_seq.seq_align_beg                 1 
_struct_ref_seq.pdbx_seq_align_beg_ins_code   ? 
_struct_ref_seq.seq_align_end                 159 
_struct_ref_seq.pdbx_seq_align_end_ins_code   ? 
_struct_ref_seq.pdbx_db_accession             P15018 
_struct_ref_seq.db_align_beg                  44 
_struct_ref_seq.pdbx_db_align_beg_ins_code    ? 
_struct_ref_seq.db_align_end                  202 
_struct_ref_seq.pdbx_db_align_end_ins_code    ? 
_struct_ref_seq.pdbx_auth_seq_align_beg       23 
_struct_ref_seq.pdbx_auth_seq_align_end       181 
# 
loop_
_struct_ref_seq_dif.align_id 
_struct_ref_seq_dif.pdbx_pdb_id_code 
_struct_ref_seq_dif.mon_id 
_struct_ref_seq_dif.pdbx_pdb_strand_id 
_struct_ref_seq_dif.seq_num 
_struct_ref_seq_dif.pdbx_pdb_ins_code 
_struct_ref_seq_dif.pdbx_seq_db_name 
_struct_ref_seq_dif.pdbx_seq_db_accession_code 
_struct_ref_seq_dif.db_mon_id 
_struct_ref_seq_dif.pdbx_seq_db_seq_num 
_struct_ref_seq_dif.details 
_struct_ref_seq_dif.pdbx_auth_seq_num 
_struct_ref_seq_dif.pdbx_ordinal 
1 1EMR GLU A 36  ? UNP P15018 ASP 79  conflict 58  1 
1 1EMR VAL A 151 ? UNP P15018 ILE 194 conflict 173 2 
1 1EMR SER A 153 ? UNP P15018 ALA 196 conflict 175 3 
# 
_pdbx_struct_assembly.id                   1 
_pdbx_struct_assembly.details              author_defined_assembly 
_pdbx_struct_assembly.method_details       ? 
_pdbx_struct_assembly.oligomeric_details   monomeric 
_pdbx_struct_assembly.oligomeric_count     1 
# 
_pdbx_struct_assembly_gen.assembly_id       1 
_pdbx_struct_assembly_gen.oper_expression   1 
_pdbx_struct_assembly_gen.asym_id_list      A 
# 
_pdbx_struct_oper_list.id                   1 
_pdbx_struct_oper_list.type                 'identity operation' 
_pdbx_struct_oper_list.name                 1_555 
_pdbx_struct_oper_list.symmetry_operation   x,y,z 
_pdbx_struct_oper_list.matrix[1][1]         1.0000000000 
_pdbx_struct_oper_list.matrix[1][2]         0.0000000000 
_pdbx_struct_oper_list.matrix[1][3]         0.0000000000 
_pdbx_struct_oper_list.vector[1]            0.0000000000 
_pdbx_struct_oper_list.matrix[2][1]         0.0000000000 
_pdbx_struct_oper_list.matrix[2][2]         1.0000000000 
_pdbx_struct_oper_list.matrix[2][3]         0.0000000000 
_pdbx_struct_oper_list.vector[2]            0.0000000000 
_pdbx_struct_oper_list.matrix[3][1]         0.0000000000 
_pdbx_struct_oper_list.matrix[3][2]         0.0000000000 
_pdbx_struct_oper_list.matrix[3][3]         1.0000000000 
_pdbx_struct_oper_list.vector[3]            0.0000000000 
# 
_struct_biol.id                    1 
_struct_biol.pdbx_parent_biol_id   ? 
_struct_biol.details               ? 
# 
loop_
_struct_conf.conf_type_id 
_struct_conf.id 
_struct_conf.pdbx_PDB_helix_id 
_struct_conf.beg_label_comp_id 
_struct_conf.beg_label_asym_id 
_struct_conf.beg_label_seq_id 
_struct_conf.pdbx_beg_PDB_ins_code 
_struct_conf.end_label_comp_id 
_struct_conf.end_label_asym_id 
_struct_conf.end_label_seq_id 
_struct_conf.pdbx_end_PDB_ins_code 
_struct_conf.beg_auth_comp_id 
_struct_conf.beg_auth_asym_id 
_struct_conf.beg_auth_seq_id 
_struct_conf.end_auth_comp_id 
_struct_conf.end_auth_asym_id 
_struct_conf.end_auth_seq_id 
_struct_conf.pdbx_PDB_helix_class 
_struct_conf.details 
_struct_conf.pdbx_PDB_helix_length 
HELX_P HELX_P1 1 ASN A 3   ? GLY A 28  ? ASN A 25  GLY A 50  1 ? 26 
HELX_P HELX_P2 2 ASN A 34  ? CYS A 39  ? ASN A 56  CYS A 61  1 ? 6  
HELX_P HELX_P3 3 THR A 54  ? ASN A 84  ? THR A 76  ASN A 106 1 ? 31 
HELX_P HELX_P4 4 ALA A 87  ? SER A 114 ? ALA A 109 SER A 136 1 ? 28 
HELX_P HELX_P5 5 ASP A 133 ? ALA A 156 ? ASP A 155 ALA A 178 1 ? 24 
HELX_P HELX_P6 6 GLN A 157 ? PHE A 159 ? GLN A 179 PHE A 181 5 ? 3  
# 
_struct_conf_type.id          HELX_P 
_struct_conf_type.criteria    ? 
_struct_conf_type.reference   ? 
# 
_struct_conn.id                            disulf1 
_struct_conn.conn_type_id                  disulf 
_struct_conn.pdbx_leaving_atom_flag        ? 
_struct_conn.pdbx_PDB_id                   ? 
_struct_conn.ptnr1_label_asym_id           A 
_struct_conn.ptnr1_label_comp_id           CYS 
_struct_conn.ptnr1_label_seq_id            39 
_struct_conn.ptnr1_label_atom_id           SG 
_struct_conn.pdbx_ptnr1_label_alt_id       ? 
_struct_conn.pdbx_ptnr1_PDB_ins_code       ? 
_struct_conn.pdbx_ptnr1_standard_comp_id   ? 
_struct_conn.ptnr1_symmetry                1_555 
_struct_conn.ptnr2_label_asym_id           A 
_struct_conn.ptnr2_label_comp_id           CYS 
_struct_conn.ptnr2_label_seq_id            142 
_struct_conn.ptnr2_label_atom_id           SG 
_struct_conn.pdbx_ptnr2_label_alt_id       ? 
_struct_conn.pdbx_ptnr2_PDB_ins_code       ? 
_struct_conn.ptnr1_auth_asym_id            A 
_struct_conn.ptnr1_auth_comp_id            CYS 
_struct_conn.ptnr1_auth_seq_id             61 
_struct_conn.ptnr2_auth_asym_id            A 
_struct_conn.ptnr2_auth_comp_id            CYS 
_struct_conn.ptnr2_auth_seq_id             164 
_struct_conn.ptnr2_symmetry                1_555 
_struct_conn.pdbx_ptnr3_label_atom_id      ? 
_struct_conn.pdbx_ptnr3_label_seq_id       ? 
_struct_conn.pdbx_ptnr3_label_comp_id      ? 
_struct_conn.pdbx_ptnr3_label_asym_id      ? 
_struct_conn.pdbx_ptnr3_label_alt_id       ? 
_struct_conn.pdbx_ptnr3_PDB_ins_code       ? 
_struct_conn.details                       ? 
_struct_conn.pdbx_dist_value               2.030 
_struct_conn.pdbx_value_order              ? 
_struct_conn.pdbx_role                     ? 
# 
_struct_conn_type.id          disulf 
_struct_conn_type.criteria    ? 
_struct_conn_type.reference   ? 
# 
_pdbx_modification_feature.ordinal                            1 
_pdbx_modification_feature.label_comp_id                      CYS 
_pdbx_modification_feature.label_asym_id                      A 
_pdbx_modification_feature.label_seq_id                       39 
_pdbx_modification_feature.label_alt_id                       ? 
_pdbx_modification_feature.modified_residue_label_comp_id     CYS 
_pdbx_modification_feature.modified_residue_label_asym_id     A 
_pdbx_modification_feature.modified_residue_label_seq_id      142 
_pdbx_modification_feature.modified_residue_label_alt_id      ? 
_pdbx_modification_feature.auth_comp_id                       CYS 
_pdbx_modification_feature.auth_asym_id                       A 
_pdbx_modification_feature.auth_seq_id                        61 
_pdbx_modification_feature.PDB_ins_code                       ? 
_pdbx_modification_feature.symmetry                           1_555 
_pdbx_modification_feature.modified_residue_auth_comp_id      CYS 
_pdbx_modification_feature.modified_residue_auth_asym_id      A 
_pdbx_modification_feature.modified_residue_auth_seq_id       164 
_pdbx_modification_feature.modified_residue_PDB_ins_code      ? 
_pdbx_modification_feature.modified_residue_symmetry          1_555 
_pdbx_modification_feature.comp_id_linking_atom               SG 
_pdbx_modification_feature.modified_residue_id_linking_atom   SG 
_pdbx_modification_feature.modified_residue_id                . 
_pdbx_modification_feature.ref_pcm_id                         . 
_pdbx_modification_feature.ref_comp_id                        . 
_pdbx_modification_feature.type                               None 
_pdbx_modification_feature.category                           'Disulfide bridge' 
# 
_struct_mon_prot_cis.pdbx_id                1 
_struct_mon_prot_cis.label_comp_id          GLU 
_struct_mon_prot_cis.label_seq_id           29 
_struct_mon_prot_cis.label_asym_id          A 
_struct_mon_prot_cis.label_alt_id           . 
_struct_mon_prot_cis.pdbx_PDB_ins_code      ? 
_struct_mon_prot_cis.auth_comp_id           GLU 
_struct_mon_prot_cis.auth_seq_id            51 
_struct_mon_prot_cis.auth_asym_id           A 
_struct_mon_prot_cis.pdbx_label_comp_id_2   PRO 
_struct_mon_prot_cis.pdbx_label_seq_id_2    30 
_struct_mon_prot_cis.pdbx_label_asym_id_2   A 
_struct_mon_prot_cis.pdbx_PDB_ins_code_2    ? 
_struct_mon_prot_cis.pdbx_auth_comp_id_2    PRO 
_struct_mon_prot_cis.pdbx_auth_seq_id_2     52 
_struct_mon_prot_cis.pdbx_auth_asym_id_2    A 
_struct_mon_prot_cis.pdbx_PDB_model_num     1 
_struct_mon_prot_cis.pdbx_omega_angle       2.61 
# 
_pdbx_entry_details.entry_id                   1EMR 
_pdbx_entry_details.compound_details           ? 
_pdbx_entry_details.source_details             ? 
_pdbx_entry_details.nonpolymer_details         ? 
_pdbx_entry_details.sequence_details           ? 
_pdbx_entry_details.has_ligand_of_interest     ? 
_pdbx_entry_details.has_protein_modification   Y 
# 
_pdbx_validate_symm_contact.id                1 
_pdbx_validate_symm_contact.PDB_model_num     1 
_pdbx_validate_symm_contact.auth_atom_id_1    CE1 
_pdbx_validate_symm_contact.auth_asym_id_1    A 
_pdbx_validate_symm_contact.auth_comp_id_1    HIS 
_pdbx_validate_symm_contact.auth_seq_id_1     142 
_pdbx_validate_symm_contact.PDB_ins_code_1    ? 
_pdbx_validate_symm_contact.label_alt_id_1    ? 
_pdbx_validate_symm_contact.site_symmetry_1   1_555 
_pdbx_validate_symm_contact.auth_atom_id_2    CE1 
_pdbx_validate_symm_contact.auth_asym_id_2    A 
_pdbx_validate_symm_contact.auth_comp_id_2    HIS 
_pdbx_validate_symm_contact.auth_seq_id_2     142 
_pdbx_validate_symm_contact.PDB_ins_code_2    ? 
_pdbx_validate_symm_contact.label_alt_id_2    ? 
_pdbx_validate_symm_contact.site_symmetry_2   2_655 
_pdbx_validate_symm_contact.dist              1.84 
# 
loop_
_pdbx_validate_rmsd_bond.id 
_pdbx_validate_rmsd_bond.PDB_model_num 
_pdbx_validate_rmsd_bond.auth_atom_id_1 
_pdbx_validate_rmsd_bond.auth_asym_id_1 
_pdbx_validate_rmsd_bond.auth_comp_id_1 
_pdbx_validate_rmsd_bond.auth_seq_id_1 
_pdbx_validate_rmsd_bond.PDB_ins_code_1 
_pdbx_validate_rmsd_bond.label_alt_id_1 
_pdbx_validate_rmsd_bond.auth_atom_id_2 
_pdbx_validate_rmsd_bond.auth_asym_id_2 
_pdbx_validate_rmsd_bond.auth_comp_id_2 
_pdbx_validate_rmsd_bond.auth_seq_id_2 
_pdbx_validate_rmsd_bond.PDB_ins_code_2 
_pdbx_validate_rmsd_bond.label_alt_id_2 
_pdbx_validate_rmsd_bond.bond_value 
_pdbx_validate_rmsd_bond.bond_target_value 
_pdbx_validate_rmsd_bond.bond_deviation 
_pdbx_validate_rmsd_bond.bond_standard_deviation 
_pdbx_validate_rmsd_bond.linker_flag 
1 1 NE2 A HIS 113 ? ? CD2 A HIS 113 ? ? 1.302 1.373 -0.071 0.011 N 
2 1 NE2 A HIS 139 ? ? CD2 A HIS 139 ? ? 1.305 1.373 -0.068 0.011 N 
3 1 NE2 A HIS 142 ? ? CD2 A HIS 142 ? ? 1.301 1.373 -0.072 0.011 N 
# 
loop_
_pdbx_validate_torsion.id 
_pdbx_validate_torsion.PDB_model_num 
_pdbx_validate_torsion.auth_comp_id 
_pdbx_validate_torsion.auth_asym_id 
_pdbx_validate_torsion.auth_seq_id 
_pdbx_validate_torsion.PDB_ins_code 
_pdbx_validate_torsion.label_alt_id 
_pdbx_validate_torsion.phi 
_pdbx_validate_torsion.psi 
1  1 ALA A 32  ? ? -59.49  -72.38  
2  1 PRO A 63  ? ? -49.42  103.92  
3  1 VAL A 65  ? ? -43.03  105.02  
4  1 THR A 66  ? ? -44.31  -91.43  
5  1 PRO A 69  ? ? -33.66  123.57  
6  1 GLU A 77  ? ? -35.83  -39.93  
7  1 ALA A 109 ? ? -50.75  93.24   
8  1 LEU A 134 ? ? -84.35  -71.26  
9  1 SER A 136 ? ? -86.44  -156.87 
10 1 LYS A 137 ? ? -35.67  99.87   
11 1 TYR A 138 ? ? 155.35  -39.49  
12 1 HIS A 139 ? ? 73.06   86.36   
13 1 VAL A 145 ? ? -137.66 -36.72  
14 1 THR A 146 ? ? 61.58   86.55   
15 1 TYR A 147 ? ? -43.27  155.00  
16 1 ASP A 150 ? ? -105.63 53.81   
17 1 THR A 151 ? ? -48.86  104.87  
18 1 SER A 152 ? ? -152.74 -32.60  
# 
_pdbx_validate_planes.id              1 
_pdbx_validate_planes.PDB_model_num   1 
_pdbx_validate_planes.auth_comp_id    TYR 
_pdbx_validate_planes.auth_asym_id    A 
_pdbx_validate_planes.auth_seq_id     46 
_pdbx_validate_planes.PDB_ins_code    ? 
_pdbx_validate_planes.label_alt_id    ? 
_pdbx_validate_planes.rmsd            0.093 
_pdbx_validate_planes.type            'SIDE CHAIN' 
# 
loop_
_pdbx_validate_main_chain_plane.id 
_pdbx_validate_main_chain_plane.PDB_model_num 
_pdbx_validate_main_chain_plane.auth_comp_id 
_pdbx_validate_main_chain_plane.auth_asym_id 
_pdbx_validate_main_chain_plane.auth_seq_id 
_pdbx_validate_main_chain_plane.PDB_ins_code 
_pdbx_validate_main_chain_plane.label_alt_id 
_pdbx_validate_main_chain_plane.improper_torsion_angle 
1  1 MET A 24  ? ? 13.94  
2  1 ILE A 27  ? ? 10.37  
3  1 ARG A 28  ? ? -12.24 
4  1 LEU A 31  ? ? -10.54 
5  1 GLN A 33  ? ? 11.17  
6  1 LEU A 34  ? ? 11.30  
7  1 GLY A 36  ? ? -12.58 
8  1 TYR A 46  ? ? -10.11 
9  1 GLN A 49  ? ? -11.51 
10 1 ASN A 56  ? ? -14.30 
11 1 LEU A 57  ? ? 11.07  
12 1 ASP A 67  ? ? 12.50  
13 1 PHE A 71  ? ? -13.18 
14 1 LEU A 81  ? ? 12.71  
15 1 VAL A 82  ? ? -13.62 
16 1 LEU A 84  ? ? 10.43  
17 1 TYR A 85  ? ? -11.90 
18 1 ILE A 87  ? ? -14.15 
19 1 VAL A 89  ? ? -10.77 
20 1 LEU A 91  ? ? -13.43 
21 1 SER A 94  ? ? -12.03 
22 1 LEU A 95  ? ? 11.63  
23 1 ARG A 100 ? ? -14.38 
24 1 ASP A 101 ? ? -11.11 
25 1 ILE A 104 ? ? -11.83 
26 1 SER A 111 ? ? -14.44 
27 1 HIS A 113 ? ? -10.84 
28 1 ASN A 117 ? ? 14.30  
29 1 THR A 119 ? ? 10.68  
30 1 ALA A 120 ? ? -10.33 
31 1 ASP A 121 ? ? 14.73  
32 1 ILE A 122 ? ? -10.55 
33 1 LEU A 123 ? ? -10.06 
34 1 LEU A 126 ? ? 11.25  
35 1 LEU A 127 ? ? -10.40 
36 1 LYS A 137 ? ? -10.34 
37 1 TYR A 138 ? ? 12.26  
38 1 HIS A 142 ? ? 10.16  
39 1 ASP A 144 ? ? -10.94 
40 1 ASP A 150 ? ? -12.24 
41 1 ASP A 155 ? ? 11.14  
42 1 LEU A 162 ? ? 13.53  
43 1 CYS A 164 ? ? -12.60 
44 1 TYR A 170 ? ? -12.88 
45 1 LYS A 171 ? ? -12.98 
46 1 SER A 175 ? ? 12.28  
47 1 VAL A 176 ? ? -11.93 
# 
loop_
_chem_comp_atom.comp_id 
_chem_comp_atom.atom_id 
_chem_comp_atom.type_symbol 
_chem_comp_atom.pdbx_aromatic_flag 
_chem_comp_atom.pdbx_stereo_config 
_chem_comp_atom.pdbx_ordinal 
ALA N    N N N 1   
ALA CA   C N S 2   
ALA C    C N N 3   
ALA O    O N N 4   
ALA CB   C N N 5   
ALA OXT  O N N 6   
ALA H    H N N 7   
ALA H2   H N N 8   
ALA HA   H N N 9   
ALA HB1  H N N 10  
ALA HB2  H N N 11  
ALA HB3  H N N 12  
ALA HXT  H N N 13  
ARG N    N N N 14  
ARG CA   C N S 15  
ARG C    C N N 16  
ARG O    O N N 17  
ARG CB   C N N 18  
ARG CG   C N N 19  
ARG CD   C N N 20  
ARG NE   N N N 21  
ARG CZ   C N N 22  
ARG NH1  N N N 23  
ARG NH2  N N N 24  
ARG OXT  O N N 25  
ARG H    H N N 26  
ARG H2   H N N 27  
ARG HA   H N N 28  
ARG HB2  H N N 29  
ARG HB3  H N N 30  
ARG HG2  H N N 31  
ARG HG3  H N N 32  
ARG HD2  H N N 33  
ARG HD3  H N N 34  
ARG HE   H N N 35  
ARG HH11 H N N 36  
ARG HH12 H N N 37  
ARG HH21 H N N 38  
ARG HH22 H N N 39  
ARG HXT  H N N 40  
ASN N    N N N 41  
ASN CA   C N S 42  
ASN C    C N N 43  
ASN O    O N N 44  
ASN CB   C N N 45  
ASN CG   C N N 46  
ASN OD1  O N N 47  
ASN ND2  N N N 48  
ASN OXT  O N N 49  
ASN H    H N N 50  
ASN H2   H N N 51  
ASN HA   H N N 52  
ASN HB2  H N N 53  
ASN HB3  H N N 54  
ASN HD21 H N N 55  
ASN HD22 H N N 56  
ASN HXT  H N N 57  
ASP N    N N N 58  
ASP CA   C N S 59  
ASP C    C N N 60  
ASP O    O N N 61  
ASP CB   C N N 62  
ASP CG   C N N 63  
ASP OD1  O N N 64  
ASP OD2  O N N 65  
ASP OXT  O N N 66  
ASP H    H N N 67  
ASP H2   H N N 68  
ASP HA   H N N 69  
ASP HB2  H N N 70  
ASP HB3  H N N 71  
ASP HD2  H N N 72  
ASP HXT  H N N 73  
CYS N    N N N 74  
CYS CA   C N R 75  
CYS C    C N N 76  
CYS O    O N N 77  
CYS CB   C N N 78  
CYS SG   S N N 79  
CYS OXT  O N N 80  
CYS H    H N N 81  
CYS H2   H N N 82  
CYS HA   H N N 83  
CYS HB2  H N N 84  
CYS HB3  H N N 85  
CYS HG   H N N 86  
CYS HXT  H N N 87  
GLN N    N N N 88  
GLN CA   C N S 89  
GLN C    C N N 90  
GLN O    O N N 91  
GLN CB   C N N 92  
GLN CG   C N N 93  
GLN CD   C N N 94  
GLN OE1  O N N 95  
GLN NE2  N N N 96  
GLN OXT  O N N 97  
GLN H    H N N 98  
GLN H2   H N N 99  
GLN HA   H N N 100 
GLN HB2  H N N 101 
GLN HB3  H N N 102 
GLN HG2  H N N 103 
GLN HG3  H N N 104 
GLN HE21 H N N 105 
GLN HE22 H N N 106 
GLN HXT  H N N 107 
GLU N    N N N 108 
GLU CA   C N S 109 
GLU C    C N N 110 
GLU O    O N N 111 
GLU CB   C N N 112 
GLU CG   C N N 113 
GLU CD   C N N 114 
GLU OE1  O N N 115 
GLU OE2  O N N 116 
GLU OXT  O N N 117 
GLU H    H N N 118 
GLU H2   H N N 119 
GLU HA   H N N 120 
GLU HB2  H N N 121 
GLU HB3  H N N 122 
GLU HG2  H N N 123 
GLU HG3  H N N 124 
GLU HE2  H N N 125 
GLU HXT  H N N 126 
GLY N    N N N 127 
GLY CA   C N N 128 
GLY C    C N N 129 
GLY O    O N N 130 
GLY OXT  O N N 131 
GLY H    H N N 132 
GLY H2   H N N 133 
GLY HA2  H N N 134 
GLY HA3  H N N 135 
GLY HXT  H N N 136 
HIS N    N N N 137 
HIS CA   C N S 138 
HIS C    C N N 139 
HIS O    O N N 140 
HIS CB   C N N 141 
HIS CG   C Y N 142 
HIS ND1  N Y N 143 
HIS CD2  C Y N 144 
HIS CE1  C Y N 145 
HIS NE2  N Y N 146 
HIS OXT  O N N 147 
HIS H    H N N 148 
HIS H2   H N N 149 
HIS HA   H N N 150 
HIS HB2  H N N 151 
HIS HB3  H N N 152 
HIS HD1  H N N 153 
HIS HD2  H N N 154 
HIS HE1  H N N 155 
HIS HE2  H N N 156 
HIS HXT  H N N 157 
ILE N    N N N 158 
ILE CA   C N S 159 
ILE C    C N N 160 
ILE O    O N N 161 
ILE CB   C N S 162 
ILE CG1  C N N 163 
ILE CG2  C N N 164 
ILE CD1  C N N 165 
ILE OXT  O N N 166 
ILE H    H N N 167 
ILE H2   H N N 168 
ILE HA   H N N 169 
ILE HB   H N N 170 
ILE HG12 H N N 171 
ILE HG13 H N N 172 
ILE HG21 H N N 173 
ILE HG22 H N N 174 
ILE HG23 H N N 175 
ILE HD11 H N N 176 
ILE HD12 H N N 177 
ILE HD13 H N N 178 
ILE HXT  H N N 179 
LEU N    N N N 180 
LEU CA   C N S 181 
LEU C    C N N 182 
LEU O    O N N 183 
LEU CB   C N N 184 
LEU CG   C N N 185 
LEU CD1  C N N 186 
LEU CD2  C N N 187 
LEU OXT  O N N 188 
LEU H    H N N 189 
LEU H2   H N N 190 
LEU HA   H N N 191 
LEU HB2  H N N 192 
LEU HB3  H N N 193 
LEU HG   H N N 194 
LEU HD11 H N N 195 
LEU HD12 H N N 196 
LEU HD13 H N N 197 
LEU HD21 H N N 198 
LEU HD22 H N N 199 
LEU HD23 H N N 200 
LEU HXT  H N N 201 
LYS N    N N N 202 
LYS CA   C N S 203 
LYS C    C N N 204 
LYS O    O N N 205 
LYS CB   C N N 206 
LYS CG   C N N 207 
LYS CD   C N N 208 
LYS CE   C N N 209 
LYS NZ   N N N 210 
LYS OXT  O N N 211 
LYS H    H N N 212 
LYS H2   H N N 213 
LYS HA   H N N 214 
LYS HB2  H N N 215 
LYS HB3  H N N 216 
LYS HG2  H N N 217 
LYS HG3  H N N 218 
LYS HD2  H N N 219 
LYS HD3  H N N 220 
LYS HE2  H N N 221 
LYS HE3  H N N 222 
LYS HZ1  H N N 223 
LYS HZ2  H N N 224 
LYS HZ3  H N N 225 
LYS HXT  H N N 226 
MET N    N N N 227 
MET CA   C N S 228 
MET C    C N N 229 
MET O    O N N 230 
MET CB   C N N 231 
MET CG   C N N 232 
MET SD   S N N 233 
MET CE   C N N 234 
MET OXT  O N N 235 
MET H    H N N 236 
MET H2   H N N 237 
MET HA   H N N 238 
MET HB2  H N N 239 
MET HB3  H N N 240 
MET HG2  H N N 241 
MET HG3  H N N 242 
MET HE1  H N N 243 
MET HE2  H N N 244 
MET HE3  H N N 245 
MET HXT  H N N 246 
PHE N    N N N 247 
PHE CA   C N S 248 
PHE C    C N N 249 
PHE O    O N N 250 
PHE CB   C N N 251 
PHE CG   C Y N 252 
PHE CD1  C Y N 253 
PHE CD2  C Y N 254 
PHE CE1  C Y N 255 
PHE CE2  C Y N 256 
PHE CZ   C Y N 257 
PHE OXT  O N N 258 
PHE H    H N N 259 
PHE H2   H N N 260 
PHE HA   H N N 261 
PHE HB2  H N N 262 
PHE HB3  H N N 263 
PHE HD1  H N N 264 
PHE HD2  H N N 265 
PHE HE1  H N N 266 
PHE HE2  H N N 267 
PHE HZ   H N N 268 
PHE HXT  H N N 269 
PRO N    N N N 270 
PRO CA   C N S 271 
PRO C    C N N 272 
PRO O    O N N 273 
PRO CB   C N N 274 
PRO CG   C N N 275 
PRO CD   C N N 276 
PRO OXT  O N N 277 
PRO H    H N N 278 
PRO HA   H N N 279 
PRO HB2  H N N 280 
PRO HB3  H N N 281 
PRO HG2  H N N 282 
PRO HG3  H N N 283 
PRO HD2  H N N 284 
PRO HD3  H N N 285 
PRO HXT  H N N 286 
SER N    N N N 287 
SER CA   C N S 288 
SER C    C N N 289 
SER O    O N N 290 
SER CB   C N N 291 
SER OG   O N N 292 
SER OXT  O N N 293 
SER H    H N N 294 
SER H2   H N N 295 
SER HA   H N N 296 
SER HB2  H N N 297 
SER HB3  H N N 298 
SER HG   H N N 299 
SER HXT  H N N 300 
THR N    N N N 301 
THR CA   C N S 302 
THR C    C N N 303 
THR O    O N N 304 
THR CB   C N R 305 
THR OG1  O N N 306 
THR CG2  C N N 307 
THR OXT  O N N 308 
THR H    H N N 309 
THR H2   H N N 310 
THR HA   H N N 311 
THR HB   H N N 312 
THR HG1  H N N 313 
THR HG21 H N N 314 
THR HG22 H N N 315 
THR HG23 H N N 316 
THR HXT  H N N 317 
TYR N    N N N 318 
TYR CA   C N S 319 
TYR C    C N N 320 
TYR O    O N N 321 
TYR CB   C N N 322 
TYR CG   C Y N 323 
TYR CD1  C Y N 324 
TYR CD2  C Y N 325 
TYR CE1  C Y N 326 
TYR CE2  C Y N 327 
TYR CZ   C Y N 328 
TYR OH   O N N 329 
TYR OXT  O N N 330 
TYR H    H N N 331 
TYR H2   H N N 332 
TYR HA   H N N 333 
TYR HB2  H N N 334 
TYR HB3  H N N 335 
TYR HD1  H N N 336 
TYR HD2  H N N 337 
TYR HE1  H N N 338 
TYR HE2  H N N 339 
TYR HH   H N N 340 
TYR HXT  H N N 341 
VAL N    N N N 342 
VAL CA   C N S 343 
VAL C    C N N 344 
VAL O    O N N 345 
VAL CB   C N N 346 
VAL CG1  C N N 347 
VAL CG2  C N N 348 
VAL OXT  O N N 349 
VAL H    H N N 350 
VAL H2   H N N 351 
VAL HA   H N N 352 
VAL HB   H N N 353 
VAL HG11 H N N 354 
VAL HG12 H N N 355 
VAL HG13 H N N 356 
VAL HG21 H N N 357 
VAL HG22 H N N 358 
VAL HG23 H N N 359 
VAL HXT  H N N 360 
# 
loop_
_chem_comp_bond.comp_id 
_chem_comp_bond.atom_id_1 
_chem_comp_bond.atom_id_2 
_chem_comp_bond.value_order 
_chem_comp_bond.pdbx_aromatic_flag 
_chem_comp_bond.pdbx_stereo_config 
_chem_comp_bond.pdbx_ordinal 
ALA N   CA   sing N N 1   
ALA N   H    sing N N 2   
ALA N   H2   sing N N 3   
ALA CA  C    sing N N 4   
ALA CA  CB   sing N N 5   
ALA CA  HA   sing N N 6   
ALA C   O    doub N N 7   
ALA C   OXT  sing N N 8   
ALA CB  HB1  sing N N 9   
ALA CB  HB2  sing N N 10  
ALA CB  HB3  sing N N 11  
ALA OXT HXT  sing N N 12  
ARG N   CA   sing N N 13  
ARG N   H    sing N N 14  
ARG N   H2   sing N N 15  
ARG CA  C    sing N N 16  
ARG CA  CB   sing N N 17  
ARG CA  HA   sing N N 18  
ARG C   O    doub N N 19  
ARG C   OXT  sing N N 20  
ARG CB  CG   sing N N 21  
ARG CB  HB2  sing N N 22  
ARG CB  HB3  sing N N 23  
ARG CG  CD   sing N N 24  
ARG CG  HG2  sing N N 25  
ARG CG  HG3  sing N N 26  
ARG CD  NE   sing N N 27  
ARG CD  HD2  sing N N 28  
ARG CD  HD3  sing N N 29  
ARG NE  CZ   sing N N 30  
ARG NE  HE   sing N N 31  
ARG CZ  NH1  sing N N 32  
ARG CZ  NH2  doub N N 33  
ARG NH1 HH11 sing N N 34  
ARG NH1 HH12 sing N N 35  
ARG NH2 HH21 sing N N 36  
ARG NH2 HH22 sing N N 37  
ARG OXT HXT  sing N N 38  
ASN N   CA   sing N N 39  
ASN N   H    sing N N 40  
ASN N   H2   sing N N 41  
ASN CA  C    sing N N 42  
ASN CA  CB   sing N N 43  
ASN CA  HA   sing N N 44  
ASN C   O    doub N N 45  
ASN C   OXT  sing N N 46  
ASN CB  CG   sing N N 47  
ASN CB  HB2  sing N N 48  
ASN CB  HB3  sing N N 49  
ASN CG  OD1  doub N N 50  
ASN CG  ND2  sing N N 51  
ASN ND2 HD21 sing N N 52  
ASN ND2 HD22 sing N N 53  
ASN OXT HXT  sing N N 54  
ASP N   CA   sing N N 55  
ASP N   H    sing N N 56  
ASP N   H2   sing N N 57  
ASP CA  C    sing N N 58  
ASP CA  CB   sing N N 59  
ASP CA  HA   sing N N 60  
ASP C   O    doub N N 61  
ASP C   OXT  sing N N 62  
ASP CB  CG   sing N N 63  
ASP CB  HB2  sing N N 64  
ASP CB  HB3  sing N N 65  
ASP CG  OD1  doub N N 66  
ASP CG  OD2  sing N N 67  
ASP OD2 HD2  sing N N 68  
ASP OXT HXT  sing N N 69  
CYS N   CA   sing N N 70  
CYS N   H    sing N N 71  
CYS N   H2   sing N N 72  
CYS CA  C    sing N N 73  
CYS CA  CB   sing N N 74  
CYS CA  HA   sing N N 75  
CYS C   O    doub N N 76  
CYS C   OXT  sing N N 77  
CYS CB  SG   sing N N 78  
CYS CB  HB2  sing N N 79  
CYS CB  HB3  sing N N 80  
CYS SG  HG   sing N N 81  
CYS OXT HXT  sing N N 82  
GLN N   CA   sing N N 83  
GLN N   H    sing N N 84  
GLN N   H2   sing N N 85  
GLN CA  C    sing N N 86  
GLN CA  CB   sing N N 87  
GLN CA  HA   sing N N 88  
GLN C   O    doub N N 89  
GLN C   OXT  sing N N 90  
GLN CB  CG   sing N N 91  
GLN CB  HB2  sing N N 92  
GLN CB  HB3  sing N N 93  
GLN CG  CD   sing N N 94  
GLN CG  HG2  sing N N 95  
GLN CG  HG3  sing N N 96  
GLN CD  OE1  doub N N 97  
GLN CD  NE2  sing N N 98  
GLN NE2 HE21 sing N N 99  
GLN NE2 HE22 sing N N 100 
GLN OXT HXT  sing N N 101 
GLU N   CA   sing N N 102 
GLU N   H    sing N N 103 
GLU N   H2   sing N N 104 
GLU CA  C    sing N N 105 
GLU CA  CB   sing N N 106 
GLU CA  HA   sing N N 107 
GLU C   O    doub N N 108 
GLU C   OXT  sing N N 109 
GLU CB  CG   sing N N 110 
GLU CB  HB2  sing N N 111 
GLU CB  HB3  sing N N 112 
GLU CG  CD   sing N N 113 
GLU CG  HG2  sing N N 114 
GLU CG  HG3  sing N N 115 
GLU CD  OE1  doub N N 116 
GLU CD  OE2  sing N N 117 
GLU OE2 HE2  sing N N 118 
GLU OXT HXT  sing N N 119 
GLY N   CA   sing N N 120 
GLY N   H    sing N N 121 
GLY N   H2   sing N N 122 
GLY CA  C    sing N N 123 
GLY CA  HA2  sing N N 124 
GLY CA  HA3  sing N N 125 
GLY C   O    doub N N 126 
GLY C   OXT  sing N N 127 
GLY OXT HXT  sing N N 128 
HIS N   CA   sing N N 129 
HIS N   H    sing N N 130 
HIS N   H2   sing N N 131 
HIS CA  C    sing N N 132 
HIS CA  CB   sing N N 133 
HIS CA  HA   sing N N 134 
HIS C   O    doub N N 135 
HIS C   OXT  sing N N 136 
HIS CB  CG   sing N N 137 
HIS CB  HB2  sing N N 138 
HIS CB  HB3  sing N N 139 
HIS CG  ND1  sing Y N 140 
HIS CG  CD2  doub Y N 141 
HIS ND1 CE1  doub Y N 142 
HIS ND1 HD1  sing N N 143 
HIS CD2 NE2  sing Y N 144 
HIS CD2 HD2  sing N N 145 
HIS CE1 NE2  sing Y N 146 
HIS CE1 HE1  sing N N 147 
HIS NE2 HE2  sing N N 148 
HIS OXT HXT  sing N N 149 
ILE N   CA   sing N N 150 
ILE N   H    sing N N 151 
ILE N   H2   sing N N 152 
ILE CA  C    sing N N 153 
ILE CA  CB   sing N N 154 
ILE CA  HA   sing N N 155 
ILE C   O    doub N N 156 
ILE C   OXT  sing N N 157 
ILE CB  CG1  sing N N 158 
ILE CB  CG2  sing N N 159 
ILE CB  HB   sing N N 160 
ILE CG1 CD1  sing N N 161 
ILE CG1 HG12 sing N N 162 
ILE CG1 HG13 sing N N 163 
ILE CG2 HG21 sing N N 164 
ILE CG2 HG22 sing N N 165 
ILE CG2 HG23 sing N N 166 
ILE CD1 HD11 sing N N 167 
ILE CD1 HD12 sing N N 168 
ILE CD1 HD13 sing N N 169 
ILE OXT HXT  sing N N 170 
LEU N   CA   sing N N 171 
LEU N   H    sing N N 172 
LEU N   H2   sing N N 173 
LEU CA  C    sing N N 174 
LEU CA  CB   sing N N 175 
LEU CA  HA   sing N N 176 
LEU C   O    doub N N 177 
LEU C   OXT  sing N N 178 
LEU CB  CG   sing N N 179 
LEU CB  HB2  sing N N 180 
LEU CB  HB3  sing N N 181 
LEU CG  CD1  sing N N 182 
LEU CG  CD2  sing N N 183 
LEU CG  HG   sing N N 184 
LEU CD1 HD11 sing N N 185 
LEU CD1 HD12 sing N N 186 
LEU CD1 HD13 sing N N 187 
LEU CD2 HD21 sing N N 188 
LEU CD2 HD22 sing N N 189 
LEU CD2 HD23 sing N N 190 
LEU OXT HXT  sing N N 191 
LYS N   CA   sing N N 192 
LYS N   H    sing N N 193 
LYS N   H2   sing N N 194 
LYS CA  C    sing N N 195 
LYS CA  CB   sing N N 196 
LYS CA  HA   sing N N 197 
LYS C   O    doub N N 198 
LYS C   OXT  sing N N 199 
LYS CB  CG   sing N N 200 
LYS CB  HB2  sing N N 201 
LYS CB  HB3  sing N N 202 
LYS CG  CD   sing N N 203 
LYS CG  HG2  sing N N 204 
LYS CG  HG3  sing N N 205 
LYS CD  CE   sing N N 206 
LYS CD  HD2  sing N N 207 
LYS CD  HD3  sing N N 208 
LYS CE  NZ   sing N N 209 
LYS CE  HE2  sing N N 210 
LYS CE  HE3  sing N N 211 
LYS NZ  HZ1  sing N N 212 
LYS NZ  HZ2  sing N N 213 
LYS NZ  HZ3  sing N N 214 
LYS OXT HXT  sing N N 215 
MET N   CA   sing N N 216 
MET N   H    sing N N 217 
MET N   H2   sing N N 218 
MET CA  C    sing N N 219 
MET CA  CB   sing N N 220 
MET CA  HA   sing N N 221 
MET C   O    doub N N 222 
MET C   OXT  sing N N 223 
MET CB  CG   sing N N 224 
MET CB  HB2  sing N N 225 
MET CB  HB3  sing N N 226 
MET CG  SD   sing N N 227 
MET CG  HG2  sing N N 228 
MET CG  HG3  sing N N 229 
MET SD  CE   sing N N 230 
MET CE  HE1  sing N N 231 
MET CE  HE2  sing N N 232 
MET CE  HE3  sing N N 233 
MET OXT HXT  sing N N 234 
PHE N   CA   sing N N 235 
PHE N   H    sing N N 236 
PHE N   H2   sing N N 237 
PHE CA  C    sing N N 238 
PHE CA  CB   sing N N 239 
PHE CA  HA   sing N N 240 
PHE C   O    doub N N 241 
PHE C   OXT  sing N N 242 
PHE CB  CG   sing N N 243 
PHE CB  HB2  sing N N 244 
PHE CB  HB3  sing N N 245 
PHE CG  CD1  doub Y N 246 
PHE CG  CD2  sing Y N 247 
PHE CD1 CE1  sing Y N 248 
PHE CD1 HD1  sing N N 249 
PHE CD2 CE2  doub Y N 250 
PHE CD2 HD2  sing N N 251 
PHE CE1 CZ   doub Y N 252 
PHE CE1 HE1  sing N N 253 
PHE CE2 CZ   sing Y N 254 
PHE CE2 HE2  sing N N 255 
PHE CZ  HZ   sing N N 256 
PHE OXT HXT  sing N N 257 
PRO N   CA   sing N N 258 
PRO N   CD   sing N N 259 
PRO N   H    sing N N 260 
PRO CA  C    sing N N 261 
PRO CA  CB   sing N N 262 
PRO CA  HA   sing N N 263 
PRO C   O    doub N N 264 
PRO C   OXT  sing N N 265 
PRO CB  CG   sing N N 266 
PRO CB  HB2  sing N N 267 
PRO CB  HB3  sing N N 268 
PRO CG  CD   sing N N 269 
PRO CG  HG2  sing N N 270 
PRO CG  HG3  sing N N 271 
PRO CD  HD2  sing N N 272 
PRO CD  HD3  sing N N 273 
PRO OXT HXT  sing N N 274 
SER N   CA   sing N N 275 
SER N   H    sing N N 276 
SER N   H2   sing N N 277 
SER CA  C    sing N N 278 
SER CA  CB   sing N N 279 
SER CA  HA   sing N N 280 
SER C   O    doub N N 281 
SER C   OXT  sing N N 282 
SER CB  OG   sing N N 283 
SER CB  HB2  sing N N 284 
SER CB  HB3  sing N N 285 
SER OG  HG   sing N N 286 
SER OXT HXT  sing N N 287 
THR N   CA   sing N N 288 
THR N   H    sing N N 289 
THR N   H2   sing N N 290 
THR CA  C    sing N N 291 
THR CA  CB   sing N N 292 
THR CA  HA   sing N N 293 
THR C   O    doub N N 294 
THR C   OXT  sing N N 295 
THR CB  OG1  sing N N 296 
THR CB  CG2  sing N N 297 
THR CB  HB   sing N N 298 
THR OG1 HG1  sing N N 299 
THR CG2 HG21 sing N N 300 
THR CG2 HG22 sing N N 301 
THR CG2 HG23 sing N N 302 
THR OXT HXT  sing N N 303 
TYR N   CA   sing N N 304 
TYR N   H    sing N N 305 
TYR N   H2   sing N N 306 
TYR CA  C    sing N N 307 
TYR CA  CB   sing N N 308 
TYR CA  HA   sing N N 309 
TYR C   O    doub N N 310 
TYR C   OXT  sing N N 311 
TYR CB  CG   sing N N 312 
TYR CB  HB2  sing N N 313 
TYR CB  HB3  sing N N 314 
TYR CG  CD1  doub Y N 315 
TYR CG  CD2  sing Y N 316 
TYR CD1 CE1  sing Y N 317 
TYR CD1 HD1  sing N N 318 
TYR CD2 CE2  doub Y N 319 
TYR CD2 HD2  sing N N 320 
TYR CE1 CZ   doub Y N 321 
TYR CE1 HE1  sing N N 322 
TYR CE2 CZ   sing Y N 323 
TYR CE2 HE2  sing N N 324 
TYR CZ  OH   sing N N 325 
TYR OH  HH   sing N N 326 
TYR OXT HXT  sing N N 327 
VAL N   CA   sing N N 328 
VAL N   H    sing N N 329 
VAL N   H2   sing N N 330 
VAL CA  C    sing N N 331 
VAL CA  CB   sing N N 332 
VAL CA  HA   sing N N 333 
VAL C   O    doub N N 334 
VAL C   OXT  sing N N 335 
VAL CB  CG1  sing N N 336 
VAL CB  CG2  sing N N 337 
VAL CB  HB   sing N N 338 
VAL CG1 HG11 sing N N 339 
VAL CG1 HG12 sing N N 340 
VAL CG1 HG13 sing N N 341 
VAL CG2 HG21 sing N N 342 
VAL CG2 HG22 sing N N 343 
VAL CG2 HG23 sing N N 344 
VAL OXT HXT  sing N N 345 
# 
_atom_sites.entry_id                    1EMR 
_atom_sites.fract_transf_matrix[1][1]   0.01457206 
_atom_sites.fract_transf_matrix[1][2]   0.00826515 
_atom_sites.fract_transf_matrix[1][3]   0.00531088 
_atom_sites.fract_transf_matrix[2][1]   0.00805133 
_atom_sites.fract_transf_matrix[2][2]   -0.00100335 
_atom_sites.fract_transf_matrix[2][3]   -0.02052986 
_atom_sites.fract_transf_matrix[3][1]   -0.00107540 
_atom_sites.fract_transf_matrix[3][2]   0.01382488 
_atom_sites.fract_transf_matrix[3][3]   -0.00109741 
_atom_sites.fract_transf_vector[1]      0.619072 
_atom_sites.fract_transf_vector[2]      0.013736 
_atom_sites.fract_transf_vector[3]      0.304980 
# 
loop_
_atom_type.symbol 
C 
N 
O 
S 
# 
loop_
_atom_site.group_PDB 
_atom_site.id 
_atom_site.type_symbol 
_atom_site.label_atom_id 
_atom_site.label_alt_id 
_atom_site.label_comp_id 
_atom_site.label_asym_id 
_atom_site.label_entity_id 
_atom_site.label_seq_id 
_atom_site.pdbx_PDB_ins_code 
_atom_site.Cartn_x 
_atom_site.Cartn_y 
_atom_site.Cartn_z 
_atom_site.occupancy 
_atom_site.B_iso_or_equiv 
_atom_site.pdbx_formal_charge 
_atom_site.auth_seq_id 
_atom_site.auth_comp_id 
_atom_site.auth_asym_id 
_atom_site.auth_atom_id 
_atom_site.pdbx_PDB_model_num 
ATOM 1    N N   . LEU A 1 1   ? -19.358 -10.922 -2.897  1.00 64.87  ? 23  LEU A N   1 
ATOM 2    C CA  . LEU A 1 1   ? -18.147 -10.540 -2.190  1.00 64.87  ? 23  LEU A CA  1 
ATOM 3    C C   . LEU A 1 1   ? -16.986 -10.311 -3.148  1.00 64.87  ? 23  LEU A C   1 
ATOM 4    O O   . LEU A 1 1   ? -16.166 -9.416  -2.949  1.00 64.87  ? 23  LEU A O   1 
ATOM 5    C CB  . LEU A 1 1   ? -17.763 -11.614 -1.174  1.00 2.00   ? 23  LEU A CB  1 
ATOM 6    C CG  . LEU A 1 1   ? -16.863 -11.188 -0.012  1.00 2.00   ? 23  LEU A CG  1 
ATOM 7    C CD1 . LEU A 1 1   ? -17.546 -10.115 0.824   1.00 2.00   ? 23  LEU A CD1 1 
ATOM 8    C CD2 . LEU A 1 1   ? -16.502 -12.387 0.857   1.00 2.00   ? 23  LEU A CD2 1 
ATOM 9    N N   . MET A 1 2   ? -16.740 -11.263 -4.043  1.00 41.62  ? 24  MET A N   1 
ATOM 10   C CA  . MET A 1 2   ? -15.661 -11.110 -5.003  1.00 41.62  ? 24  MET A CA  1 
ATOM 11   C C   . MET A 1 2   ? -15.879 -9.895  -5.896  1.00 41.62  ? 24  MET A C   1 
ATOM 12   O O   . MET A 1 2   ? -15.286 -9.812  -6.975  1.00 41.62  ? 24  MET A O   1 
ATOM 13   C CB  . MET A 1 2   ? -15.561 -12.354 -5.870  1.00 37.63  ? 24  MET A CB  1 
ATOM 14   C CG  . MET A 1 2   ? -14.885 -13.506 -5.149  1.00 37.63  ? 24  MET A CG  1 
ATOM 15   S SD  . MET A 1 2   ? -13.165 -13.130 -4.738  1.00 37.63  ? 24  MET A SD  1 
ATOM 16   C CE  . MET A 1 2   ? -12.590 -12.622 -6.334  1.00 37.63  ? 24  MET A CE  1 
ATOM 17   N N   . ASN A 1 3   ? -17.048 -9.271  -5.749  1.00 43.31  ? 25  ASN A N   1 
ATOM 18   C CA  . ASN A 1 3   ? -17.315 -8.087  -6.533  1.00 43.31  ? 25  ASN A CA  1 
ATOM 19   C C   . ASN A 1 3   ? -17.022 -6.849  -5.702  1.00 43.31  ? 25  ASN A C   1 
ATOM 20   O O   . ASN A 1 3   ? -16.480 -5.868  -6.208  1.00 43.31  ? 25  ASN A O   1 
ATOM 21   C CB  . ASN A 1 3   ? -18.762 -8.086  -6.993  1.00 211.64 ? 25  ASN A CB  1 
ATOM 22   C CG  . ASN A 1 3   ? -18.923 -8.750  -8.350  1.00 211.64 ? 25  ASN A CG  1 
ATOM 23   O OD1 . ASN A 1 3   ? -18.641 -9.935  -8.528  1.00 211.64 ? 25  ASN A OD1 1 
ATOM 24   N ND2 . ASN A 1 3   ? -19.369 -7.997  -9.351  1.00 211.64 ? 25  ASN A ND2 1 
ATOM 25   N N   . GLN A 1 4   ? -17.094 -6.985  -4.372  1.00 63.83  ? 26  GLN A N   1 
ATOM 26   C CA  . GLN A 1 4   ? -16.798 -5.857  -3.501  1.00 63.83  ? 26  GLN A CA  1 
ATOM 27   C C   . GLN A 1 4   ? -15.306 -5.554  -3.520  1.00 63.83  ? 26  GLN A C   1 
ATOM 28   O O   . GLN A 1 4   ? -14.886 -4.415  -3.330  1.00 63.83  ? 26  GLN A O   1 
ATOM 29   C CB  . GLN A 1 4   ? -17.226 -6.159  -2.069  1.00 110.75 ? 26  GLN A CB  1 
ATOM 30   C CG  . GLN A 1 4   ? -16.615 -5.191  -1.065  1.00 110.75 ? 26  GLN A CG  1 
ATOM 31   C CD  . GLN A 1 4   ? -17.254 -5.243  0.315   1.00 110.75 ? 26  GLN A CD  1 
ATOM 32   O OE1 . GLN A 1 4   ? -16.691 -4.774  1.305   1.00 110.75 ? 26  GLN A OE1 1 
ATOM 33   N NE2 . GLN A 1 4   ? -18.453 -5.809  0.418   1.00 110.75 ? 26  GLN A NE2 1 
ATOM 34   N N   . ILE A 1 5   ? -14.482 -6.599  -3.473  1.00 2.00   ? 27  ILE A N   1 
ATOM 35   C CA  . ILE A 1 5   ? -13.054 -6.351  -3.513  1.00 2.00   ? 27  ILE A CA  1 
ATOM 36   C C   . ILE A 1 5   ? -12.700 -5.823  -4.893  1.00 2.00   ? 27  ILE A C   1 
ATOM 37   O O   . ILE A 1 5   ? -11.657 -5.194  -5.081  1.00 2.00   ? 27  ILE A O   1 
ATOM 38   C CB  . ILE A 1 5   ? -12.256 -7.631  -3.203  1.00 2.00   ? 27  ILE A CB  1 
ATOM 39   C CG1 . ILE A 1 5   ? -11.480 -8.118  -4.417  1.00 2.00   ? 27  ILE A CG1 1 
ATOM 40   C CG2 . ILE A 1 5   ? -13.175 -8.711  -2.656  1.00 2.00   ? 27  ILE A CG2 1 
ATOM 41   C CD1 . ILE A 1 5   ? -10.001 -7.681  -4.394  1.00 2.00   ? 27  ILE A CD1 1 
ATOM 42   N N   . ARG A 1 6   ? -13.328 -6.401  -5.917  1.00 2.00   ? 28  ARG A N   1 
ATOM 43   C CA  . ARG A 1 6   ? -13.089 -5.922  -7.260  1.00 2.00   ? 28  ARG A CA  1 
ATOM 44   C C   . ARG A 1 6   ? -13.354 -4.428  -7.251  1.00 2.00   ? 28  ARG A C   1 
ATOM 45   O O   . ARG A 1 6   ? -12.525 -3.652  -7.713  1.00 2.00   ? 28  ARG A O   1 
ATOM 46   C CB  . ARG A 1 6   ? -14.052 -6.593  -8.227  1.00 254.85 ? 28  ARG A CB  1 
ATOM 47   C CG  . ARG A 1 6   ? -13.634 -6.470  -9.684  1.00 254.85 ? 28  ARG A CG  1 
ATOM 48   C CD  . ARG A 1 6   ? -13.763 -5.031  -10.162 1.00 254.85 ? 28  ARG A CD  1 
ATOM 49   N NE  . ARG A 1 6   ? -15.075 -4.766  -10.724 1.00 254.85 ? 28  ARG A NE  1 
ATOM 50   C CZ  . ARG A 1 6   ? -15.316 -3.600  -11.323 1.00 254.85 ? 28  ARG A CZ  1 
ATOM 51   N NH1 . ARG A 1 6   ? -16.518 -3.351  -11.841 1.00 254.85 ? 28  ARG A NH1 1 
ATOM 52   N NH2 . ARG A 1 6   ? -14.366 -2.670  -11.381 1.00 254.85 ? 28  ARG A NH2 1 
ATOM 53   N N   . SER A 1 7   ? -14.229 -4.011  -6.337  1.00 95.04  ? 29  SER A N   1 
ATOM 54   C CA  . SER A 1 7   ? -14.578 -2.612  -6.222  1.00 95.04  ? 29  SER A CA  1 
ATOM 55   C C   . SER A 1 7   ? -13.604 -1.854  -5.337  1.00 95.04  ? 29  SER A C   1 
ATOM 56   O O   . SER A 1 7   ? -13.413 -0.654  -5.511  1.00 95.04  ? 29  SER A O   1 
ATOM 57   C CB  . SER A 1 7   ? -15.977 -2.484  -5.646  1.00 105.63 ? 29  SER A CB  1 
ATOM 58   O OG  . SER A 1 7   ? -16.421 -1.137  -5.691  1.00 105.63 ? 29  SER A OG  1 
ATOM 59   N N   . GLN A 1 8   ? -13.239 -2.421  -4.192  1.00 2.00   ? 30  GLN A N   1 
ATOM 60   C CA  . GLN A 1 8   ? -12.302 -1.691  -3.367  1.00 2.00   ? 30  GLN A CA  1 
ATOM 61   C C   . GLN A 1 8   ? -11.019 -1.557  -4.161  1.00 2.00   ? 30  GLN A C   1 
ATOM 62   O O   . GLN A 1 8   ? -10.330 -0.535  -4.116  1.00 2.00   ? 30  GLN A O   1 
ATOM 63   C CB  . GLN A 1 8   ? -12.076 -2.454  -2.080  1.00 2.00   ? 30  GLN A CB  1 
ATOM 64   C CG  . GLN A 1 8   ? -13.396 -2.744  -1.390  1.00 2.00   ? 30  GLN A CG  1 
ATOM 65   C CD  . GLN A 1 8   ? -13.244 -3.330  0.005   1.00 2.00   ? 30  GLN A CD  1 
ATOM 66   O OE1 . GLN A 1 8   ? -12.760 -4.455  0.175   1.00 2.00   ? 30  GLN A OE1 1 
ATOM 67   N NE2 . GLN A 1 8   ? -13.662 -2.585  1.033   1.00 2.00   ? 30  GLN A NE2 1 
ATOM 68   N N   . LEU A 1 9   ? -10.578 -2.673  -4.737  1.00 2.00   ? 31  LEU A N   1 
ATOM 69   C CA  . LEU A 1 9   ? -9.395  -2.619  -5.568  1.00 2.00   ? 31  LEU A CA  1 
ATOM 70   C C   . LEU A 1 9   ? -9.542  -1.477  -6.557  1.00 2.00   ? 31  LEU A C   1 
ATOM 71   O O   . LEU A 1 9   ? -8.713  -0.569  -6.603  1.00 2.00   ? 31  LEU A O   1 
ATOM 72   C CB  . LEU A 1 9   ? -9.259  -3.915  -6.351  1.00 26.25  ? 31  LEU A CB  1 
ATOM 73   C CG  . LEU A 1 9   ? -8.471  -5.055  -5.725  1.00 26.25  ? 31  LEU A CG  1 
ATOM 74   C CD1 . LEU A 1 9   ? -7.273  -5.401  -6.597  1.00 26.25  ? 31  LEU A CD1 1 
ATOM 75   C CD2 . LEU A 1 9   ? -8.028  -4.691  -4.318  1.00 26.25  ? 31  LEU A CD2 1 
ATOM 76   N N   . ALA A 1 10  ? -10.773 -1.310  -7.035  1.00 2.00   ? 32  ALA A N   1 
ATOM 77   C CA  . ALA A 1 10  ? -11.067 -0.261  -7.987  1.00 2.00   ? 32  ALA A CA  1 
ATOM 78   C C   . ALA A 1 10  ? -10.745 1.107   -7.416  1.00 2.00   ? 32  ALA A C   1 
ATOM 79   O O   . ALA A 1 10  ? -9.632  1.597   -7.609  1.00 2.00   ? 32  ALA A O   1 
ATOM 80   C CB  . ALA A 1 10  ? -12.546 -0.280  -8.329  1.00 31.53  ? 32  ALA A CB  1 
ATOM 81   N N   . GLN A 1 11  ? -11.566 1.576   -6.467  1.00 35.05  ? 33  GLN A N   1 
ATOM 82   C CA  . GLN A 1 11  ? -11.351 2.875   -5.850  1.00 35.05  ? 33  GLN A CA  1 
ATOM 83   C C   . GLN A 1 11  ? -9.883  3.110   -5.571  1.00 35.05  ? 33  GLN A C   1 
ATOM 84   O O   . GLN A 1 11  ? -9.389  4.215   -5.773  1.00 35.05  ? 33  GLN A O   1 
ATOM 85   C CB  . GLN A 1 11  ? -12.112 2.953   -4.539  1.00 81.63  ? 33  GLN A CB  1 
ATOM 86   C CG  . GLN A 1 11  ? -13.405 3.735   -4.670  1.00 81.63  ? 33  GLN A CG  1 
ATOM 87   C CD  . GLN A 1 11  ? -13.682 4.600   -3.457  1.00 81.63  ? 33  GLN A CD  1 
ATOM 88   O OE1 . GLN A 1 11  ? -13.329 5.777   -3.416  1.00 81.63  ? 33  GLN A OE1 1 
ATOM 89   N NE2 . GLN A 1 11  ? -14.318 4.029   -2.438  1.00 81.63  ? 33  GLN A NE2 1 
ATOM 90   N N   . LEU A 1 12  ? -9.315  2.246   -4.727  1.00 2.00   ? 34  LEU A N   1 
ATOM 91   C CA  . LEU A 1 12  ? -7.906  2.348   -4.400  1.00 2.00   ? 34  LEU A CA  1 
ATOM 92   C C   . LEU A 1 12  ? -7.136  2.915   -5.581  1.00 2.00   ? 34  LEU A C   1 
ATOM 93   O O   . LEU A 1 12  ? -6.221  3.721   -5.406  1.00 2.00   ? 34  LEU A O   1 
ATOM 94   C CB  . LEU A 1 12  ? -7.378  0.956   -4.081  1.00 2.00   ? 34  LEU A CB  1 
ATOM 95   C CG  . LEU A 1 12  ? -6.855  0.674   -2.678  1.00 2.00   ? 34  LEU A CG  1 
ATOM 96   C CD1 . LEU A 1 12  ? -7.019  1.888   -1.773  1.00 2.00   ? 34  LEU A CD1 1 
ATOM 97   C CD2 . LEU A 1 12  ? -7.571  -0.536  -2.101  1.00 2.00   ? 34  LEU A CD2 1 
ATOM 98   N N   . ASN A 1 13  ? -7.206  2.175   -6.684  1.00 2.00   ? 35  ASN A N   1 
ATOM 99   C CA  . ASN A 1 13  ? -6.554  2.580   -7.901  1.00 2.00   ? 35  ASN A CA  1 
ATOM 100  C C   . ASN A 1 13  ? -6.990  3.979   -8.282  1.00 2.00   ? 35  ASN A C   1 
ATOM 101  O O   . ASN A 1 13  ? -6.190  4.844   -8.630  1.00 2.00   ? 35  ASN A O   1 
ATOM 102  C CB  . ASN A 1 13  ? -6.952  1.612   -8.998  1.00 62.19  ? 35  ASN A CB  1 
ATOM 103  C CG  . ASN A 1 13  ? -6.119  1.773   -10.252 1.00 62.19  ? 35  ASN A CG  1 
ATOM 104  O OD1 . ASN A 1 13  ? -6.568  2.329   -11.252 1.00 62.19  ? 35  ASN A OD1 1 
ATOM 105  N ND2 . ASN A 1 13  ? -4.885  1.279   -10.230 1.00 62.19  ? 35  ASN A ND2 1 
ATOM 106  N N   . GLY A 1 14  ? -8.269  4.275   -8.117  1.00 22.58  ? 36  GLY A N   1 
ATOM 107  C CA  . GLY A 1 14  ? -8.727  5.598   -8.475  1.00 22.58  ? 36  GLY A CA  1 
ATOM 108  C C   . GLY A 1 14  ? -7.987  6.684   -7.721  1.00 22.58  ? 36  GLY A C   1 
ATOM 109  O O   . GLY A 1 14  ? -7.449  7.592   -8.350  1.00 22.58  ? 36  GLY A O   1 
ATOM 110  N N   . SER A 1 15  ? -7.548  6.375   -6.499  1.00 2.00   ? 37  SER A N   1 
ATOM 111  C CA  . SER A 1 15  ? -6.863  7.385   -5.707  1.00 2.00   ? 37  SER A CA  1 
ATOM 112  C C   . SER A 1 15  ? -5.401  7.073   -5.432  1.00 2.00   ? 37  SER A C   1 
ATOM 113  O O   . SER A 1 15  ? -4.682  7.880   -4.849  1.00 2.00   ? 37  SER A O   1 
ATOM 114  C CB  . SER A 1 15  ? -7.584  7.561   -4.378  1.00 73.82  ? 37  SER A CB  1 
ATOM 115  O OG  . SER A 1 15  ? -7.349  6.455   -3.517  1.00 73.82  ? 37  SER A OG  1 
ATOM 116  N N   . ALA A 1 16  ? -4.893  5.946   -5.911  1.00 2.00   ? 38  ALA A N   1 
ATOM 117  C CA  . ALA A 1 16  ? -3.504  5.642   -5.637  1.00 2.00   ? 38  ALA A CA  1 
ATOM 118  C C   . ALA A 1 16  ? -2.561  6.705   -6.177  1.00 2.00   ? 38  ALA A C   1 
ATOM 119  O O   . ALA A 1 16  ? -1.790  7.311   -5.433  1.00 2.00   ? 38  ALA A O   1 
ATOM 120  C CB  . ALA A 1 16  ? -3.138  4.316   -6.289  1.00 2.00   ? 38  ALA A CB  1 
ATOM 121  N N   . ASN A 1 17  ? -2.500  6.853   -7.498  1.00 26.95  ? 39  ASN A N   1 
ATOM 122  C CA  . ASN A 1 17  ? -1.612  7.845   -8.065  1.00 26.95  ? 39  ASN A CA  1 
ATOM 123  C C   . ASN A 1 17  ? -1.799  9.186   -7.389  1.00 26.95  ? 39  ASN A C   1 
ATOM 124  O O   . ASN A 1 17  ? -0.851  9.950   -7.218  1.00 26.95  ? 39  ASN A O   1 
ATOM 125  C CB  . ASN A 1 17  ? -1.878  8.008   -9.551  1.00 89.58  ? 39  ASN A CB  1 
ATOM 126  C CG  . ASN A 1 17  ? -1.585  9.421   -10.031 1.00 89.58  ? 39  ASN A CG  1 
ATOM 127  O OD1 . ASN A 1 17  ? -2.490  10.207  -10.309 1.00 89.58  ? 39  ASN A OD1 1 
ATOM 128  N ND2 . ASN A 1 17  ? -0.309  9.782   -10.128 1.00 89.58  ? 39  ASN A ND2 1 
ATOM 129  N N   . ALA A 1 18  ? -3.053  9.605   -7.243  1.00 2.00   ? 40  ALA A N   1 
ATOM 130  C CA  . ALA A 1 18  ? -3.321  10.882  -6.608  1.00 2.00   ? 40  ALA A CA  1 
ATOM 131  C C   . ALA A 1 18  ? -2.636  11.012  -5.251  1.00 2.00   ? 40  ALA A C   1 
ATOM 132  O O   . ALA A 1 18  ? -1.813  11.898  -5.047  1.00 2.00   ? 40  ALA A O   1 
ATOM 133  C CB  . ALA A 1 18  ? -4.814  11.036  -6.384  1.00 208.31 ? 40  ALA A CB  1 
ATOM 134  N N   . LEU A 1 19  ? -2.732  9.978   -4.421  1.00 2.00   ? 41  LEU A N   1 
ATOM 135  C CA  . LEU A 1 19  ? -2.113  10.048  -3.116  1.00 2.00   ? 41  LEU A CA  1 
ATOM 136  C C   . LEU A 1 19  ? -0.604  10.159  -3.237  1.00 2.00   ? 41  LEU A C   1 
ATOM 137  O O   . LEU A 1 19  ? 0.015   11.072  -2.680  1.00 2.00   ? 41  LEU A O   1 
ATOM 138  C CB  . LEU A 1 19  ? -2.474  8.807   -2.317  1.00 2.00   ? 41  LEU A CB  1 
ATOM 139  C CG  . LEU A 1 19  ? -1.435  8.305   -1.326  1.00 2.00   ? 41  LEU A CG  1 
ATOM 140  C CD1 . LEU A 1 19  ? -2.078  8.038   0.021   1.00 2.00   ? 41  LEU A CD1 1 
ATOM 141  C CD2 . LEU A 1 19  ? -0.756  7.054   -1.858  1.00 2.00   ? 41  LEU A CD2 1 
ATOM 142  N N   . PHE A 1 20  ? -0.041  9.440   -4.205  1.00 2.00   ? 42  PHE A N   1 
ATOM 143  C CA  . PHE A 1 20  ? 1.396   9.476   -4.395  1.00 2.00   ? 42  PHE A CA  1 
ATOM 144  C C   . PHE A 1 20  ? 1.895   10.899  -4.612  1.00 2.00   ? 42  PHE A C   1 
ATOM 145  O O   . PHE A 1 20  ? 2.742   11.394  -3.876  1.00 2.00   ? 42  PHE A O   1 
ATOM 146  C CB  . PHE A 1 20  ? 1.737   8.601   -5.586  1.00 2.00   ? 42  PHE A CB  1 
ATOM 147  C CG  . PHE A 1 20  ? 3.168   8.760   -6.062  1.00 2.00   ? 42  PHE A CG  1 
ATOM 148  C CD1 . PHE A 1 20  ? 4.150   7.934   -5.552  1.00 2.00   ? 42  PHE A CD1 1 
ATOM 149  C CD2 . PHE A 1 20  ? 3.468   9.679   -7.049  1.00 2.00   ? 42  PHE A CD2 1 
ATOM 150  C CE1 . PHE A 1 20  ? 5.433   8.023   -6.039  1.00 2.00   ? 42  PHE A CE1 1 
ATOM 151  C CE2 . PHE A 1 20  ? 4.756   9.762   -7.531  1.00 2.00   ? 42  PHE A CE2 1 
ATOM 152  C CZ  . PHE A 1 20  ? 5.735   8.934   -7.028  1.00 2.00   ? 42  PHE A CZ  1 
ATOM 153  N N   . ILE A 1 21  ? 1.193   11.677  -5.424  1.00 2.00   ? 43  ILE A N   1 
ATOM 154  C CA  . ILE A 1 21  ? 1.622   13.038  -5.655  1.00 2.00   ? 43  ILE A CA  1 
ATOM 155  C C   . ILE A 1 21  ? 1.534   13.845  -4.375  1.00 2.00   ? 43  ILE A C   1 
ATOM 156  O O   . ILE A 1 21  ? 2.203   14.862  -4.208  1.00 2.00   ? 43  ILE A O   1 
ATOM 157  C CB  . ILE A 1 21  ? 0.738   13.676  -6.723  1.00 2.00   ? 43  ILE A CB  1 
ATOM 158  C CG1 . ILE A 1 21  ? 1.103   13.166  -8.104  1.00 2.00   ? 43  ILE A CG1 1 
ATOM 159  C CG2 . ILE A 1 21  ? 0.857   15.189  -6.649  1.00 2.00   ? 43  ILE A CG2 1 
ATOM 160  C CD1 . ILE A 1 21  ? 0.495   14.011  -9.238  1.00 2.00   ? 43  ILE A CD1 1 
ATOM 161  N N   . LEU A 1 22  ? 0.459   13.626  -3.635  1.00 2.00   ? 44  LEU A N   1 
ATOM 162  C CA  . LEU A 1 22  ? 0.281   14.344  -2.394  1.00 2.00   ? 44  LEU A CA  1 
ATOM 163  C C   . LEU A 1 22  ? 1.474   14.120  -1.491  1.00 2.00   ? 44  LEU A C   1 
ATOM 164  O O   . LEU A 1 22  ? 1.824   14.978  -0.689  1.00 2.00   ? 44  LEU A O   1 
ATOM 165  C CB  . LEU A 1 22  ? -0.977  13.868  -1.681  1.00 2.00   ? 44  LEU A CB  1 
ATOM 166  C CG  . LEU A 1 22  ? -2.335  14.408  -2.130  1.00 2.00   ? 44  LEU A CG  1 
ATOM 167  C CD1 . LEU A 1 22  ? -2.704  15.643  -1.329  1.00 2.00   ? 44  LEU A CD1 1 
ATOM 168  C CD2 . LEU A 1 22  ? -2.351  14.715  -3.620  1.00 2.00   ? 44  LEU A CD2 1 
ATOM 169  N N   . TYR A 1 23  ? 1.987   12.896  -1.436  1.00 8.89   ? 45  TYR A N   1 
ATOM 170  C CA  . TYR A 1 23  ? 3.128   12.678  -0.579  1.00 8.89   ? 45  TYR A CA  1 
ATOM 171  C C   . TYR A 1 23  ? 4.351   13.427  -1.078  1.00 8.89   ? 45  TYR A C   1 
ATOM 172  O O   . TYR A 1 23  ? 4.679   14.481  -0.540  1.00 8.89   ? 45  TYR A O   1 
ATOM 173  C CB  . TYR A 1 23  ? 3.459   11.199  -0.494  1.00 2.00   ? 45  TYR A CB  1 
ATOM 174  C CG  . TYR A 1 23  ? 4.629   10.886  0.437   1.00 2.00   ? 45  TYR A CG  1 
ATOM 175  C CD1 . TYR A 1 23  ? 5.937   10.939  -0.028  1.00 2.00   ? 45  TYR A CD1 1 
ATOM 176  C CD2 . TYR A 1 23  ? 4.376   10.485  1.736   1.00 2.00   ? 45  TYR A CD2 1 
ATOM 177  C CE1 . TYR A 1 23  ? 6.987   10.583  0.802   1.00 2.00   ? 45  TYR A CE1 1 
ATOM 178  C CE2 . TYR A 1 23  ? 5.421   10.126  2.568   1.00 2.00   ? 45  TYR A CE2 1 
ATOM 179  C CZ  . TYR A 1 23  ? 6.715   10.174  2.093   1.00 2.00   ? 45  TYR A CZ  1 
ATOM 180  O OH  . TYR A 1 23  ? 7.742   9.762   2.914   1.00 2.00   ? 45  TYR A OH  1 
ATOM 181  N N   . TYR A 1 24  ? 4.816   13.118  -2.292  1.00 2.00   ? 46  TYR A N   1 
ATOM 182  C CA  . TYR A 1 24  ? 6.000   13.790  -2.794  1.00 2.00   ? 46  TYR A CA  1 
ATOM 183  C C   . TYR A 1 24  ? 5.844   15.291  -2.852  1.00 2.00   ? 46  TYR A C   1 
ATOM 184  O O   . TYR A 1 24  ? 6.792   16.032  -2.601  1.00 2.00   ? 46  TYR A O   1 
ATOM 185  C CB  . TYR A 1 24  ? 6.390   13.227  -4.153  1.00 2.00   ? 46  TYR A CB  1 
ATOM 186  C CG  . TYR A 1 24  ? 5.630   13.752  -5.363  1.00 2.00   ? 46  TYR A CG  1 
ATOM 187  C CD1 . TYR A 1 24  ? 5.842   15.039  -5.818  1.00 2.00   ? 46  TYR A CD1 1 
ATOM 188  C CD2 . TYR A 1 24  ? 4.929   12.854  -6.149  1.00 2.00   ? 46  TYR A CD2 1 
ATOM 189  C CE1 . TYR A 1 24  ? 5.391   15.415  -7.066  1.00 2.00   ? 46  TYR A CE1 1 
ATOM 190  C CE2 . TYR A 1 24  ? 4.479   13.222  -7.400  1.00 2.00   ? 46  TYR A CE2 1 
ATOM 191  C CZ  . TYR A 1 24  ? 4.722   14.500  -7.850  1.00 2.00   ? 46  TYR A CZ  1 
ATOM 192  O OH  . TYR A 1 24  ? 4.315   14.864  -9.119  1.00 2.00   ? 46  TYR A OH  1 
ATOM 193  N N   . THR A 1 25  ? 4.611   15.764  -2.796  1.00 2.00   ? 47  THR A N   1 
ATOM 194  C CA  . THR A 1 25  ? 4.410   17.192  -2.826  1.00 2.00   ? 47  THR A CA  1 
ATOM 195  C C   . THR A 1 25  ? 4.682   17.792  -1.452  1.00 2.00   ? 47  THR A C   1 
ATOM 196  O O   . THR A 1 25  ? 5.557   18.642  -1.307  1.00 2.00   ? 47  THR A O   1 
ATOM 197  C CB  . THR A 1 25  ? 2.983   17.493  -3.272  1.00 2.00   ? 47  THR A CB  1 
ATOM 198  O OG1 . THR A 1 25  ? 3.061   17.712  -4.676  1.00 2.00   ? 47  THR A OG1 1 
ATOM 199  C CG2 . THR A 1 25  ? 2.413   18.709  -2.563  1.00 2.00   ? 47  THR A CG2 1 
ATOM 200  N N   . ALA A 1 26  ? 4.175   17.132  -0.406  1.00 2.00   ? 48  ALA A N   1 
ATOM 201  C CA  . ALA A 1 26  ? 4.375   17.605  0.954   1.00 2.00   ? 48  ALA A CA  1 
ATOM 202  C C   . ALA A 1 26  ? 5.826   17.516  1.378   1.00 2.00   ? 48  ALA A C   1 
ATOM 203  O O   . ALA A 1 26  ? 6.207   18.046  2.419   1.00 2.00   ? 48  ALA A O   1 
ATOM 204  C CB  . ALA A 1 26  ? 3.590   16.737  1.919   1.00 2.00   ? 48  ALA A CB  1 
ATOM 205  N N   . GLN A 1 27  ? 6.564   16.579  0.791   1.00 2.00   ? 49  GLN A N   1 
ATOM 206  C CA  . GLN A 1 27  ? 7.960   16.451  1.156   1.00 2.00   ? 49  GLN A CA  1 
ATOM 207  C C   . GLN A 1 27  ? 8.720   17.712  0.797   1.00 2.00   ? 49  GLN A C   1 
ATOM 208  O O   . GLN A 1 27  ? 9.328   18.327  1.669   1.00 2.00   ? 49  GLN A O   1 
ATOM 209  C CB  . GLN A 1 27  ? 8.581   15.267  0.435   1.00 14.48  ? 49  GLN A CB  1 
ATOM 210  C CG  . GLN A 1 27  ? 7.729   14.015  0.556   1.00 14.48  ? 49  GLN A CG  1 
ATOM 211  C CD  . GLN A 1 27  ? 7.159   13.837  1.952   1.00 14.48  ? 49  GLN A CD  1 
ATOM 212  O OE1 . GLN A 1 27  ? 7.871   13.930  2.946   1.00 14.48  ? 49  GLN A OE1 1 
ATOM 213  N NE2 . GLN A 1 27  ? 5.854   13.601  2.066   1.00 14.48  ? 49  GLN A NE2 1 
ATOM 214  N N   . GLY A 1 28  ? 8.346   18.334  -0.323  1.00 2.00   ? 50  GLY A N   1 
ATOM 215  C CA  . GLY A 1 28  ? 9.034   19.545  -0.732  1.00 2.00   ? 50  GLY A CA  1 
ATOM 216  C C   . GLY A 1 28  ? 10.432  19.206  -1.217  1.00 2.00   ? 50  GLY A C   1 
ATOM 217  O O   . GLY A 1 28  ? 10.713  18.055  -1.551  1.00 2.00   ? 50  GLY A O   1 
ATOM 218  N N   . GLU A 1 29  ? 11.363  20.160  -1.180  1.00 2.00   ? 51  GLU A N   1 
ATOM 219  C CA  . GLU A 1 29  ? 12.712  19.857  -1.627  1.00 2.00   ? 51  GLU A CA  1 
ATOM 220  C C   . GLU A 1 29  ? 13.237  18.611  -0.931  1.00 2.00   ? 51  GLU A C   1 
ATOM 221  O O   . GLU A 1 29  ? 12.989  18.409  0.259   1.00 2.00   ? 51  GLU A O   1 
ATOM 222  C CB  . GLU A 1 29  ? 13.628  21.028  -1.325  1.00 79.55  ? 51  GLU A CB  1 
ATOM 223  C CG  . GLU A 1 29  ? 14.022  21.781  -2.582  1.00 79.55  ? 51  GLU A CG  1 
ATOM 224  C CD  . GLU A 1 29  ? 15.526  21.850  -2.774  1.00 79.55  ? 51  GLU A CD  1 
ATOM 225  O OE1 . GLU A 1 29  ? 16.162  22.650  -2.091  1.00 79.55  ? 51  GLU A OE1 1 
ATOM 226  O OE2 . GLU A 1 29  ? 16.070  20.961  -3.427  1.00 79.55  ? 51  GLU A OE2 1 
ATOM 227  N N   . PRO A 1 30  ? 13.882  17.689  -1.653  1.00 2.00   ? 52  PRO A N   1 
ATOM 228  C CA  . PRO A 1 30  ? 14.164  17.832  -3.081  1.00 2.00   ? 52  PRO A CA  1 
ATOM 229  C C   . PRO A 1 30  ? 13.405  16.791  -3.901  1.00 2.00   ? 52  PRO A C   1 
ATOM 230  O O   . PRO A 1 30  ? 13.908  16.260  -4.894  1.00 2.00   ? 52  PRO A O   1 
ATOM 231  C CB  . PRO A 1 30  ? 15.647  17.575  -3.147  1.00 2.00   ? 52  PRO A CB  1 
ATOM 232  C CG  . PRO A 1 30  ? 16.005  16.711  -1.956  1.00 2.00   ? 52  PRO A CG  1 
ATOM 233  C CD  . PRO A 1 30  ? 14.802  16.746  -1.027  1.00 2.00   ? 52  PRO A CD  1 
ATOM 234  N N   . PHE A 1 31  ? 12.351  16.247  -3.310  1.00 2.00   ? 53  PHE A N   1 
ATOM 235  C CA  . PHE A 1 31  ? 11.573  15.233  -3.975  1.00 2.00   ? 53  PHE A CA  1 
ATOM 236  C C   . PHE A 1 31  ? 10.976  15.675  -5.305  1.00 2.00   ? 53  PHE A C   1 
ATOM 237  O O   . PHE A 1 31  ? 11.166  15.003  -6.312  1.00 2.00   ? 53  PHE A O   1 
ATOM 238  C CB  . PHE A 1 31  ? 10.470  14.775  -3.042  1.00 2.00   ? 53  PHE A CB  1 
ATOM 239  C CG  . PHE A 1 31  ? 11.003  13.894  -1.931  1.00 2.00   ? 53  PHE A CG  1 
ATOM 240  C CD1 . PHE A 1 31  ? 10.695  12.546  -1.915  1.00 2.00   ? 53  PHE A CD1 1 
ATOM 241  C CD2 . PHE A 1 31  ? 11.817  14.432  -0.952  1.00 2.00   ? 53  PHE A CD2 1 
ATOM 242  C CE1 . PHE A 1 31  ? 11.208  11.732  -0.922  1.00 2.00   ? 53  PHE A CE1 1 
ATOM 243  C CE2 . PHE A 1 31  ? 12.324  13.612  0.040   1.00 2.00   ? 53  PHE A CE2 1 
ATOM 244  C CZ  . PHE A 1 31  ? 12.022  12.265  0.056   1.00 2.00   ? 53  PHE A CZ  1 
ATOM 245  N N   . PRO A 1 32  ? 10.468  16.898  -5.434  1.00 2.00   ? 54  PRO A N   1 
ATOM 246  C CA  . PRO A 1 32  ? 9.800   17.231  -6.687  1.00 2.00   ? 54  PRO A CA  1 
ATOM 247  C C   . PRO A 1 32  ? 10.754  17.309  -7.870  1.00 2.00   ? 54  PRO A C   1 
ATOM 248  O O   . PRO A 1 32  ? 10.458  16.843  -8.975  1.00 2.00   ? 54  PRO A O   1 
ATOM 249  C CB  . PRO A 1 32  ? 9.124   18.556  -6.411  1.00 45.57  ? 54  PRO A CB  1 
ATOM 250  C CG  . PRO A 1 32  ? 9.088   18.753  -4.916  1.00 45.57  ? 54  PRO A CG  1 
ATOM 251  C CD  . PRO A 1 32  ? 9.861   17.596  -4.306  1.00 45.57  ? 54  PRO A CD  1 
ATOM 252  N N   . ASN A 1 33  ? 12.002  17.680  -7.617  1.00 2.00   ? 55  ASN A N   1 
ATOM 253  C CA  . ASN A 1 33  ? 12.938  17.772  -8.714  1.00 2.00   ? 55  ASN A CA  1 
ATOM 254  C C   . ASN A 1 33  ? 13.763  16.506  -8.837  1.00 2.00   ? 55  ASN A C   1 
ATOM 255  O O   . ASN A 1 33  ? 14.723  16.450  -9.600  1.00 2.00   ? 55  ASN A O   1 
ATOM 256  C CB  . ASN A 1 33  ? 13.832  18.982  -8.509  1.00 2.00   ? 55  ASN A CB  1 
ATOM 257  C CG  . ASN A 1 33  ? 13.013  20.206  -8.120  1.00 2.00   ? 55  ASN A CG  1 
ATOM 258  O OD1 . ASN A 1 33  ? 12.326  20.805  -8.952  1.00 2.00   ? 55  ASN A OD1 1 
ATOM 259  N ND2 . ASN A 1 33  ? 13.036  20.581  -6.836  1.00 2.00   ? 55  ASN A ND2 1 
ATOM 260  N N   . ASN A 1 34  ? 13.591  15.576  -7.902  1.00 2.00   ? 56  ASN A N   1 
ATOM 261  C CA  . ASN A 1 34  ? 14.334  14.340  -8.000  1.00 2.00   ? 56  ASN A CA  1 
ATOM 262  C C   . ASN A 1 34  ? 13.453  13.141  -7.694  1.00 2.00   ? 56  ASN A C   1 
ATOM 263  O O   . ASN A 1 34  ? 13.988  12.068  -7.425  1.00 2.00   ? 56  ASN A O   1 
ATOM 264  C CB  . ASN A 1 34  ? 15.506  14.377  -7.049  1.00 17.82  ? 56  ASN A CB  1 
ATOM 265  C CG  . ASN A 1 34  ? 16.771  14.700  -7.817  1.00 17.82  ? 56  ASN A CG  1 
ATOM 266  O OD1 . ASN A 1 34  ? 16.990  14.184  -8.914  1.00 17.82  ? 56  ASN A OD1 1 
ATOM 267  N ND2 . ASN A 1 34  ? 17.616  15.576  -7.278  1.00 17.82  ? 56  ASN A ND2 1 
ATOM 268  N N   . LEU A 1 35  ? 12.237  13.169  -8.256  1.00 2.00   ? 57  LEU A N   1 
ATOM 269  C CA  . LEU A 1 35  ? 11.254  12.114  -8.039  1.00 2.00   ? 57  LEU A CA  1 
ATOM 270  C C   . LEU A 1 35  ? 11.663  10.742  -8.533  1.00 2.00   ? 57  LEU A C   1 
ATOM 271  O O   . LEU A 1 35  ? 11.424  9.756   -7.846  1.00 2.00   ? 57  LEU A O   1 
ATOM 272  C CB  . LEU A 1 35  ? 9.934   12.481  -8.694  1.00 2.00   ? 57  LEU A CB  1 
ATOM 273  C CG  . LEU A 1 35  ? 8.871   13.076  -7.787  1.00 2.00   ? 57  LEU A CG  1 
ATOM 274  C CD1 . LEU A 1 35  ? 8.546   14.491  -8.227  1.00 2.00   ? 57  LEU A CD1 1 
ATOM 275  C CD2 . LEU A 1 35  ? 7.618   12.221  -7.802  1.00 2.00   ? 57  LEU A CD2 1 
ATOM 276  N N   . GLU A 1 36  ? 11.884  10.591  -9.833  1.00 2.00   ? 58  GLU A N   1 
ATOM 277  C CA  . GLU A 1 36  ? 12.266  9.281   -10.330 1.00 2.00   ? 58  GLU A CA  1 
ATOM 278  C C   . GLU A 1 36  ? 13.476  8.692   -9.605  1.00 2.00   ? 58  GLU A C   1 
ATOM 279  O O   . GLU A 1 36  ? 13.726  7.488   -9.682  1.00 2.00   ? 58  GLU A O   1 
ATOM 280  C CB  . GLU A 1 36  ? 12.540  9.349   -11.827 1.00 42.38  ? 58  GLU A CB  1 
ATOM 281  C CG  . GLU A 1 36  ? 14.014  9.453   -12.163 1.00 42.38  ? 58  GLU A CG  1 
ATOM 282  C CD  . GLU A 1 36  ? 14.473  10.895  -12.260 1.00 42.38  ? 58  GLU A CD  1 
ATOM 283  O OE1 . GLU A 1 36  ? 14.019  11.571  -13.179 1.00 42.38  ? 58  GLU A OE1 1 
ATOM 284  O OE2 . GLU A 1 36  ? 14.998  11.404  -11.270 1.00 42.38  ? 58  GLU A OE2 1 
ATOM 285  N N   . LYS A 1 37  ? 14.174  9.490   -8.792  1.00 26.87  ? 59  LYS A N   1 
ATOM 286  C CA  . LYS A 1 37  ? 15.331  8.967   -8.090  1.00 26.87  ? 59  LYS A CA  1 
ATOM 287  C C   . LYS A 1 37  ? 15.055  8.597   -6.634  1.00 26.87  ? 59  LYS A C   1 
ATOM 288  O O   . LYS A 1 37  ? 15.737  7.746   -6.064  1.00 26.87  ? 59  LYS A O   1 
ATOM 289  C CB  . LYS A 1 37  ? 16.462  9.983   -8.157  1.00 143.20 ? 59  LYS A CB  1 
ATOM 290  C CG  . LYS A 1 37  ? 17.804  9.346   -8.493  1.00 143.20 ? 59  LYS A CG  1 
ATOM 291  C CD  . LYS A 1 37  ? 17.741  8.627   -9.832  1.00 143.20 ? 59  LYS A CD  1 
ATOM 292  C CE  . LYS A 1 37  ? 19.136  8.186   -10.253 1.00 143.20 ? 59  LYS A CE  1 
ATOM 293  N NZ  . LYS A 1 37  ? 19.254  6.741   -10.208 1.00 143.20 ? 59  LYS A NZ  1 
ATOM 294  N N   . LEU A 1 38  ? 14.072  9.216   -5.970  1.00 51.75  ? 60  LEU A N   1 
ATOM 295  C CA  . LEU A 1 38  ? 13.802  8.861   -4.580  1.00 51.75  ? 60  LEU A CA  1 
ATOM 296  C C   . LEU A 1 38  ? 12.401  8.302   -4.361  1.00 51.75  ? 60  LEU A C   1 
ATOM 297  O O   . LEU A 1 38  ? 11.952  8.164   -3.224  1.00 51.75  ? 60  LEU A O   1 
ATOM 298  C CB  . LEU A 1 38  ? 13.980  10.056  -3.659  1.00 2.00   ? 60  LEU A CB  1 
ATOM 299  C CG  . LEU A 1 38  ? 14.733  11.254  -4.200  1.00 2.00   ? 60  LEU A CG  1 
ATOM 300  C CD1 . LEU A 1 38  ? 13.798  12.439  -4.378  1.00 2.00   ? 60  LEU A CD1 1 
ATOM 301  C CD2 . LEU A 1 38  ? 15.863  11.617  -3.258  1.00 2.00   ? 60  LEU A CD2 1 
ATOM 302  N N   . CYS A 1 39  ? 11.569  8.312   -5.395  1.00 2.00   ? 61  CYS A N   1 
ATOM 303  C CA  . CYS A 1 39  ? 10.230  7.778   -5.231  1.00 2.00   ? 61  CYS A CA  1 
ATOM 304  C C   . CYS A 1 39  ? 10.000  6.636   -6.225  1.00 2.00   ? 61  CYS A C   1 
ATOM 305  O O   . CYS A 1 39  ? 8.887   6.361   -6.677  1.00 2.00   ? 61  CYS A O   1 
ATOM 306  C CB  . CYS A 1 39  ? 9.186   8.879   -5.455  1.00 2.00   ? 61  CYS A CB  1 
ATOM 307  S SG  . CYS A 1 39  ? 9.234   10.239  -4.256  1.00 2.00   ? 61  CYS A SG  1 
ATOM 308  N N   . GLY A 1 40  ? 11.074  6.034   -6.720  1.00 42.73  ? 62  GLY A N   1 
ATOM 309  C CA  . GLY A 1 40  ? 10.892  4.952   -7.670  1.00 42.73  ? 62  GLY A CA  1 
ATOM 310  C C   . GLY A 1 40  ? 10.420  3.680   -6.984  1.00 42.73  ? 62  GLY A C   1 
ATOM 311  O O   . GLY A 1 40  ? 10.663  3.484   -5.793  1.00 42.73  ? 62  GLY A O   1 
ATOM 312  N N   . PRO A 1 41  ? 9.450   2.990   -7.582  1.00 23.33  ? 63  PRO A N   1 
ATOM 313  C CA  . PRO A 1 41  ? 9.009   1.733   -6.988  1.00 23.33  ? 63  PRO A CA  1 
ATOM 314  C C   . PRO A 1 41  ? 10.215  0.865   -6.679  1.00 23.33  ? 63  PRO A C   1 
ATOM 315  O O   . PRO A 1 41  ? 10.998  0.540   -7.568  1.00 23.33  ? 63  PRO A O   1 
ATOM 316  C CB  . PRO A 1 41  ? 8.128   1.107   -8.047  1.00 2.00   ? 63  PRO A CB  1 
ATOM 317  C CG  . PRO A 1 41  ? 8.292   1.901   -9.321  1.00 2.00   ? 63  PRO A CG  1 
ATOM 318  C CD  . PRO A 1 41  ? 9.344   2.959   -9.036  1.00 2.00   ? 63  PRO A CD  1 
ATOM 319  N N   . ASN A 1 42  ? 10.596  0.784   -5.414  1.00 41.28  ? 64  ASN A N   1 
ATOM 320  C CA  . ASN A 1 42  ? 11.760  -0.016  -5.101  1.00 41.28  ? 64  ASN A CA  1 
ATOM 321  C C   . ASN A 1 42  ? 11.624  -0.835  -3.827  1.00 41.28  ? 64  ASN A C   1 
ATOM 322  O O   . ASN A 1 42  ? 12.484  -1.666  -3.545  1.00 41.28  ? 64  ASN A O   1 
ATOM 323  C CB  . ASN A 1 42  ? 12.978  0.891   -4.990  1.00 288.38 ? 64  ASN A CB  1 
ATOM 324  C CG  . ASN A 1 42  ? 14.261  0.125   -4.720  1.00 288.38 ? 64  ASN A CG  1 
ATOM 325  O OD1 . ASN A 1 42  ? 14.604  -0.826  -5.422  1.00 288.38 ? 64  ASN A OD1 1 
ATOM 326  N ND2 . ASN A 1 42  ? 15.004  0.518   -3.689  1.00 288.38 ? 64  ASN A ND2 1 
ATOM 327  N N   . VAL A 1 43  ? 10.445  -0.840  -3.203  1.00 71.00  ? 65  VAL A N   1 
ATOM 328  C CA  . VAL A 1 43  ? 10.284  -1.613  -1.982  1.00 71.00  ? 65  VAL A CA  1 
ATOM 329  C C   . VAL A 1 43  ? 10.940  -2.983  -2.112  1.00 71.00  ? 65  VAL A C   1 
ATOM 330  O O   . VAL A 1 43  ? 10.548  -3.807  -2.939  1.00 71.00  ? 65  VAL A O   1 
ATOM 331  C CB  . VAL A 1 43  ? 8.795   -1.764  -1.669  1.00 231.17 ? 65  VAL A CB  1 
ATOM 332  C CG1 . VAL A 1 43  ? 8.618   -2.522  -0.366  1.00 231.17 ? 65  VAL A CG1 1 
ATOM 333  C CG2 . VAL A 1 43  ? 8.138   -0.395  -1.582  1.00 231.17 ? 65  VAL A CG2 1 
ATOM 334  N N   . THR A 1 44  ? 12.095  -3.155  -1.470  1.00 52.40  ? 66  THR A N   1 
ATOM 335  C CA  . THR A 1 44  ? 12.821  -4.412  -1.560  1.00 52.40  ? 66  THR A CA  1 
ATOM 336  C C   . THR A 1 44  ? 11.948  -5.653  -1.421  1.00 52.40  ? 66  THR A C   1 
ATOM 337  O O   . THR A 1 44  ? 11.608  -6.303  -2.414  1.00 52.40  ? 66  THR A O   1 
ATOM 338  C CB  . THR A 1 44  ? 13.933  -4.436  -0.507  1.00 69.96  ? 66  THR A CB  1 
ATOM 339  O OG1 . THR A 1 44  ? 14.550  -3.158  -0.566  1.00 69.96  ? 66  THR A OG1 1 
ATOM 340  C CG2 . THR A 1 44  ? 14.944  -5.542  -0.770  1.00 69.96  ? 66  THR A CG2 1 
ATOM 341  N N   . ASP A 1 45  ? 11.793  -6.152  -0.191  1.00 2.00   ? 67  ASP A N   1 
ATOM 342  C CA  . ASP A 1 45  ? 10.988  -7.340  0.013   1.00 2.00   ? 67  ASP A CA  1 
ATOM 343  C C   . ASP A 1 45  ? 9.502   -7.021  0.042   1.00 2.00   ? 67  ASP A C   1 
ATOM 344  O O   . ASP A 1 45  ? 8.938   -6.830  1.122   1.00 2.00   ? 67  ASP A O   1 
ATOM 345  C CB  . ASP A 1 45  ? 11.386  -8.005  1.323   1.00 69.75  ? 67  ASP A CB  1 
ATOM 346  C CG  . ASP A 1 45  ? 12.713  -8.741  1.227   1.00 69.75  ? 67  ASP A CG  1 
ATOM 347  O OD1 . ASP A 1 45  ? 13.397  -8.840  2.246   1.00 69.75  ? 67  ASP A OD1 1 
ATOM 348  O OD2 . ASP A 1 45  ? 12.956  -9.385  0.206   1.00 69.75  ? 67  ASP A OD2 1 
ATOM 349  N N   . PHE A 1 46  ? 8.979   -6.502  -1.069  1.00 2.00   ? 68  PHE A N   1 
ATOM 350  C CA  . PHE A 1 46  ? 7.563   -6.204  -1.120  1.00 2.00   ? 68  PHE A CA  1 
ATOM 351  C C   . PHE A 1 46  ? 6.809   -7.445  -1.570  1.00 2.00   ? 68  PHE A C   1 
ATOM 352  O O   . PHE A 1 46  ? 7.290   -8.172  -2.436  1.00 2.00   ? 68  PHE A O   1 
ATOM 353  C CB  . PHE A 1 46  ? 7.323   -5.071  -2.093  1.00 2.00   ? 68  PHE A CB  1 
ATOM 354  C CG  . PHE A 1 46  ? 5.852   -4.766  -2.276  1.00 2.00   ? 68  PHE A CG  1 
ATOM 355  C CD1 . PHE A 1 46  ? 5.282   -3.699  -1.600  1.00 2.00   ? 68  PHE A CD1 1 
ATOM 356  C CD2 . PHE A 1 46  ? 5.101   -5.512  -3.166  1.00 2.00   ? 68  PHE A CD2 1 
ATOM 357  C CE1 . PHE A 1 46  ? 3.957   -3.372  -1.824  1.00 2.00   ? 68  PHE A CE1 1 
ATOM 358  C CE2 . PHE A 1 46  ? 3.776   -5.181  -3.383  1.00 2.00   ? 68  PHE A CE2 1 
ATOM 359  C CZ  . PHE A 1 46  ? 3.205   -4.113  -2.716  1.00 2.00   ? 68  PHE A CZ  1 
ATOM 360  N N   . PRO A 1 47  ? 5.760   -7.839  -0.839  1.00 2.00   ? 69  PRO A N   1 
ATOM 361  C CA  . PRO A 1 47  ? 5.028   -9.082  -1.127  1.00 2.00   ? 69  PRO A CA  1 
ATOM 362  C C   . PRO A 1 47  ? 4.946   -9.448  -2.607  1.00 2.00   ? 69  PRO A C   1 
ATOM 363  O O   . PRO A 1 47  ? 4.246   -8.789  -3.377  1.00 2.00   ? 69  PRO A O   1 
ATOM 364  C CB  . PRO A 1 47  ? 3.645   -8.877  -0.545  1.00 119.70 ? 69  PRO A CB  1 
ATOM 365  C CG  . PRO A 1 47  ? 3.573   -7.493  0.054   1.00 119.70 ? 69  PRO A CG  1 
ATOM 366  C CD  . PRO A 1 47  ? 4.935   -6.852  -0.143  1.00 119.70 ? 69  PRO A CD  1 
ATOM 367  N N   . PRO A 1 48  ? 5.411   -10.649 -2.970  1.00 2.00   ? 70  PRO A N   1 
ATOM 368  C CA  . PRO A 1 48  ? 5.449   -11.071 -4.369  1.00 2.00   ? 70  PRO A CA  1 
ATOM 369  C C   . PRO A 1 48  ? 4.053   -11.230 -4.946  1.00 2.00   ? 70  PRO A C   1 
ATOM 370  O O   . PRO A 1 48  ? 3.066   -11.140 -4.212  1.00 2.00   ? 70  PRO A O   1 
ATOM 371  C CB  . PRO A 1 48  ? 6.143   -12.411 -4.295  1.00 61.20  ? 70  PRO A CB  1 
ATOM 372  C CG  . PRO A 1 48  ? 5.923   -12.946 -2.895  1.00 61.20  ? 70  PRO A CG  1 
ATOM 373  C CD  . PRO A 1 48  ? 5.273   -11.818 -2.103  1.00 61.20  ? 70  PRO A CD  1 
ATOM 374  N N   . PHE A 1 49  ? 3.914   -11.175 -6.269  1.00 48.88  ? 71  PHE A N   1 
ATOM 375  C CA  . PHE A 1 49  ? 2.588   -11.365 -6.822  1.00 48.88  ? 71  PHE A CA  1 
ATOM 376  C C   . PHE A 1 49  ? 2.590   -11.870 -8.249  1.00 48.88  ? 71  PHE A C   1 
ATOM 377  O O   . PHE A 1 49  ? 2.778   -11.091 -9.184  1.00 48.88  ? 71  PHE A O   1 
ATOM 378  C CB  . PHE A 1 49  ? 1.764   -10.096 -6.776  1.00 2.00   ? 71  PHE A CB  1 
ATOM 379  C CG  . PHE A 1 49  ? 0.306   -10.400 -7.092  1.00 2.00   ? 71  PHE A CG  1 
ATOM 380  C CD1 . PHE A 1 49  ? -0.405  -11.268 -6.276  1.00 2.00   ? 71  PHE A CD1 1 
ATOM 381  C CD2 . PHE A 1 49  ? -0.321  -9.803  -8.180  1.00 2.00   ? 71  PHE A CD2 1 
ATOM 382  C CE1 . PHE A 1 49  ? -1.740  -11.530 -6.545  1.00 2.00   ? 71  PHE A CE1 1 
ATOM 383  C CE2 . PHE A 1 49  ? -1.656  -10.071 -8.442  1.00 2.00   ? 71  PHE A CE2 1 
ATOM 384  C CZ  . PHE A 1 49  ? -2.368  -10.933 -7.626  1.00 2.00   ? 71  PHE A CZ  1 
ATOM 385  N N   . HIS A 1 50  ? 1.898   -12.988 -8.438  1.00 108.40 ? 72  HIS A N   1 
ATOM 386  C CA  . HIS A 1 50  ? 1.812   -13.581 -9.752  1.00 108.40 ? 72  HIS A CA  1 
ATOM 387  C C   . HIS A 1 50  ? 0.400   -13.413 -10.284 1.00 108.40 ? 72  HIS A C   1 
ATOM 388  O O   . HIS A 1 50  ? -0.576  -13.491 -9.539  1.00 108.40 ? 72  HIS A O   1 
ATOM 389  C CB  . HIS A 1 50  ? 2.168   -15.055 -9.659  1.00 71.92  ? 72  HIS A CB  1 
ATOM 390  C CG  . HIS A 1 50  ? 3.400   -15.306 -8.796  1.00 71.92  ? 72  HIS A CG  1 
ATOM 391  N ND1 . HIS A 1 50  ? 4.634   -15.078 -9.216  1.00 71.92  ? 72  HIS A ND1 1 
ATOM 392  C CD2 . HIS A 1 50  ? 3.432   -15.826 -7.532  1.00 71.92  ? 72  HIS A CD2 1 
ATOM 393  C CE1 . HIS A 1 50  ? 5.423   -15.457 -8.237  1.00 71.92  ? 72  HIS A CE1 1 
ATOM 394  N NE2 . HIS A 1 50  ? 4.701   -15.902 -7.227  1.00 71.92  ? 72  HIS A NE2 1 
ATOM 395  N N   . ALA A 1 51  ? 0.249   -13.137 -11.572 1.00 104.45 ? 73  ALA A N   1 
ATOM 396  C CA  . ALA A 1 51  ? -1.089  -12.948 -12.096 1.00 104.45 ? 73  ALA A CA  1 
ATOM 397  C C   . ALA A 1 51  ? -1.792  -14.237 -12.504 1.00 104.45 ? 73  ALA A C   1 
ATOM 398  O O   . ALA A 1 51  ? -2.961  -14.445 -12.176 1.00 104.45 ? 73  ALA A O   1 
ATOM 399  C CB  . ALA A 1 51  ? -1.020  -12.049 -13.316 1.00 2.00   ? 73  ALA A CB  1 
ATOM 400  N N   . ASN A 1 52  ? -1.078  -15.181 -13.122 1.00 38.92  ? 74  ASN A N   1 
ATOM 401  C CA  . ASN A 1 52  ? -1.717  -16.414 -13.547 1.00 38.92  ? 74  ASN A CA  1 
ATOM 402  C C   . ASN A 1 52  ? -1.719  -17.492 -12.477 1.00 38.92  ? 74  ASN A C   1 
ATOM 403  O O   . ASN A 1 52  ? -1.192  -18.587 -12.677 1.00 38.92  ? 74  ASN A O   1 
ATOM 404  C CB  . ASN A 1 52  ? -1.026  -16.945 -14.790 1.00 201.79 ? 74  ASN A CB  1 
ATOM 405  C CG  . ASN A 1 52  ? -1.582  -16.330 -16.062 1.00 201.79 ? 74  ASN A CG  1 
ATOM 406  O OD1 . ASN A 1 52  ? -1.397  -15.146 -16.336 1.00 201.79 ? 74  ASN A OD1 1 
ATOM 407  N ND2 . ASN A 1 52  ? -2.282  -17.121 -16.870 1.00 201.79 ? 74  ASN A ND2 1 
ATOM 408  N N   . GLY A 1 53  ? -2.542  -17.321 -11.450 1.00 66.76  ? 75  GLY A N   1 
ATOM 409  C CA  . GLY A 1 53  ? -2.592  -18.321 -10.404 1.00 66.76  ? 75  GLY A CA  1 
ATOM 410  C C   . GLY A 1 53  ? -4.030  -18.645 -10.051 1.00 66.76  ? 75  GLY A C   1 
ATOM 411  O O   . GLY A 1 53  ? -4.950  -17.973 -10.512 1.00 66.76  ? 75  GLY A O   1 
ATOM 412  N N   . THR A 1 54  ? -4.273  -19.848 -9.544  1.00 95.05  ? 76  THR A N   1 
ATOM 413  C CA  . THR A 1 54  ? -5.632  -20.194 -9.183  1.00 95.05  ? 76  THR A CA  1 
ATOM 414  C C   . THR A 1 54  ? -6.224  -19.096 -8.322  1.00 95.05  ? 76  THR A C   1 
ATOM 415  O O   . THR A 1 54  ? -5.496  -18.431 -7.589  1.00 95.05  ? 76  THR A O   1 
ATOM 416  C CB  . THR A 1 54  ? -5.645  -21.510 -8.408  1.00 40.31  ? 76  THR A CB  1 
ATOM 417  O OG1 . THR A 1 54  ? -4.845  -21.275 -7.257  1.00 40.31  ? 76  THR A OG1 1 
ATOM 418  C CG2 . THR A 1 54  ? -5.095  -22.665 -9.232  1.00 40.31  ? 76  THR A CG2 1 
ATOM 419  N N   . GLU A 1 55  ? -7.451  -18.676 -8.618  1.00 29.22  ? 77  GLU A N   1 
ATOM 420  C CA  . GLU A 1 55  ? -8.066  -17.623 -7.826  1.00 29.22  ? 77  GLU A CA  1 
ATOM 421  C C   . GLU A 1 55  ? -7.690  -17.707 -6.349  1.00 29.22  ? 77  GLU A C   1 
ATOM 422  O O   . GLU A 1 55  ? -7.151  -16.752 -5.792  1.00 29.22  ? 77  GLU A O   1 
ATOM 423  C CB  . GLU A 1 55  ? -9.579  -17.679 -7.963  1.00 156.81 ? 77  GLU A CB  1 
ATOM 424  C CG  . GLU A 1 55  ? -10.257 -16.452 -7.374  1.00 156.81 ? 77  GLU A CG  1 
ATOM 425  C CD  . GLU A 1 55  ? -11.668 -16.723 -6.879  1.00 156.81 ? 77  GLU A CD  1 
ATOM 426  O OE1 . GLU A 1 55  ? -12.610 -16.424 -7.610  1.00 156.81 ? 77  GLU A OE1 1 
ATOM 427  O OE2 . GLU A 1 55  ? -11.826 -17.008 -5.692  1.00 156.81 ? 77  GLU A OE2 1 
ATOM 428  N N   . LYS A 1 56  ? -7.632  -18.917 -5.794  1.00 53.23  ? 78  LYS A N   1 
ATOM 429  C CA  . LYS A 1 56  ? -7.288  -19.046 -4.388  1.00 53.23  ? 78  LYS A CA  1 
ATOM 430  C C   . LYS A 1 56  ? -5.921  -18.464 -4.057  1.00 53.23  ? 78  LYS A C   1 
ATOM 431  O O   . LYS A 1 56  ? -5.738  -17.825 -3.024  1.00 53.23  ? 78  LYS A O   1 
ATOM 432  C CB  . LYS A 1 56  ? -7.318  -20.511 -3.975  1.00 2.00   ? 78  LYS A CB  1 
ATOM 433  C CG  . LYS A 1 56  ? -6.566  -20.767 -2.671  1.00 2.00   ? 78  LYS A CG  1 
ATOM 434  C CD  . LYS A 1 56  ? -7.516  -21.327 -1.621  1.00 2.00   ? 78  LYS A CD  1 
ATOM 435  C CE  . LYS A 1 56  ? -6.739  -21.708 -0.371  1.00 2.00   ? 78  LYS A CE  1 
ATOM 436  N NZ  . LYS A 1 56  ? -6.190  -23.048 -0.505  1.00 2.00   ? 78  LYS A NZ  1 
ATOM 437  N N   . ALA A 1 57  ? -4.891  -18.851 -4.803  1.00 25.78  ? 79  ALA A N   1 
ATOM 438  C CA  . ALA A 1 57  ? -3.564  -18.337 -4.521  1.00 25.78  ? 79  ALA A CA  1 
ATOM 439  C C   . ALA A 1 57  ? -3.483  -16.823 -4.653  1.00 25.78  ? 79  ALA A C   1 
ATOM 440  O O   . ALA A 1 57  ? -2.999  -16.132 -3.753  1.00 25.78  ? 79  ALA A O   1 
ATOM 441  C CB  . ALA A 1 57  ? -2.563  -18.940 -5.493  1.00 75.92  ? 79  ALA A CB  1 
ATOM 442  N N   . LYS A 1 58  ? -4.131  -16.262 -5.676  1.00 2.00   ? 80  LYS A N   1 
ATOM 443  C CA  . LYS A 1 58  ? -4.077  -14.824 -5.864  1.00 2.00   ? 80  LYS A CA  1 
ATOM 444  C C   . LYS A 1 58  ? -4.641  -14.071 -4.669  1.00 2.00   ? 80  LYS A C   1 
ATOM 445  O O   . LYS A 1 58  ? -4.283  -12.918 -4.421  1.00 2.00   ? 80  LYS A O   1 
ATOM 446  C CB  . LYS A 1 58  ? -4.819  -14.440 -7.133  1.00 36.27  ? 80  LYS A CB  1 
ATOM 447  C CG  . LYS A 1 58  ? -4.094  -14.933 -8.374  1.00 36.27  ? 80  LYS A CG  1 
ATOM 448  C CD  . LYS A 1 58  ? -4.911  -14.625 -9.617  1.00 36.27  ? 80  LYS A CD  1 
ATOM 449  C CE  . LYS A 1 58  ? -6.318  -15.189 -9.476  1.00 36.27  ? 80  LYS A CE  1 
ATOM 450  N NZ  . LYS A 1 58  ? -6.833  -15.610 -10.766 1.00 36.27  ? 80  LYS A NZ  1 
ATOM 451  N N   . LEU A 1 59  ? -5.395  -14.764 -3.811  1.00 2.00   ? 81  LEU A N   1 
ATOM 452  C CA  . LEU A 1 59  ? -5.943  -14.109 -2.634  1.00 2.00   ? 81  LEU A CA  1 
ATOM 453  C C   . LEU A 1 59  ? -4.948  -14.170 -1.487  1.00 2.00   ? 81  LEU A C   1 
ATOM 454  O O   . LEU A 1 59  ? -5.168  -13.543 -0.448  1.00 2.00   ? 81  LEU A O   1 
ATOM 455  C CB  . LEU A 1 59  ? -7.240  -14.781 -2.208  1.00 2.00   ? 81  LEU A CB  1 
ATOM 456  C CG  . LEU A 1 59  ? -8.488  -14.421 -3.003  1.00 2.00   ? 81  LEU A CG  1 
ATOM 457  C CD1 . LEU A 1 59  ? -9.494  -13.713 -2.108  1.00 2.00   ? 81  LEU A CD1 1 
ATOM 458  C CD2 . LEU A 1 59  ? -8.126  -13.561 -4.212  1.00 2.00   ? 81  LEU A CD2 1 
ATOM 459  N N   . VAL A 1 60  ? -4.169  -15.254 -1.473  1.00 2.00   ? 82  VAL A N   1 
ATOM 460  C CA  . VAL A 1 60  ? -3.162  -15.387 -0.444  1.00 2.00   ? 82  VAL A CA  1 
ATOM 461  C C   . VAL A 1 60  ? -2.165  -14.253 -0.589  1.00 2.00   ? 82  VAL A C   1 
ATOM 462  O O   . VAL A 1 60  ? -2.133  -13.363 0.260   1.00 2.00   ? 82  VAL A O   1 
ATOM 463  C CB  . VAL A 1 60  ? -2.453  -16.746 -0.580  1.00 20.91  ? 82  VAL A CB  1 
ATOM 464  C CG1 . VAL A 1 60  ? -0.950  -16.602 -0.385  1.00 20.91  ? 82  VAL A CG1 1 
ATOM 465  C CG2 . VAL A 1 60  ? -3.019  -17.728 0.432   1.00 20.91  ? 82  VAL A CG2 1 
ATOM 466  N N   . GLU A 1 61  ? -1.772  -14.007 -1.840  1.00 46.01  ? 83  GLU A N   1 
ATOM 467  C CA  . GLU A 1 61  ? -0.813  -12.954 -2.108  1.00 46.01  ? 83  GLU A CA  1 
ATOM 468  C C   . GLU A 1 61  ? -1.429  -11.595 -1.858  1.00 46.01  ? 83  GLU A C   1 
ATOM 469  O O   . GLU A 1 61  ? -0.802  -10.709 -1.277  1.00 46.01  ? 83  GLU A O   1 
ATOM 470  C CB  . GLU A 1 61  ? -0.343  -13.030 -3.550  1.00 86.31  ? 83  GLU A CB  1 
ATOM 471  C CG  . GLU A 1 61  ? -0.152  -14.457 -4.039  1.00 86.31  ? 83  GLU A CG  1 
ATOM 472  C CD  . GLU A 1 61  ? 0.950   -14.595 -5.077  1.00 86.31  ? 83  GLU A CD  1 
ATOM 473  O OE1 . GLU A 1 61  ? 0.621   -14.809 -6.244  1.00 86.31  ? 83  GLU A OE1 1 
ATOM 474  O OE2 . GLU A 1 61  ? 2.106   -14.754 -4.683  1.00 86.31  ? 83  GLU A OE2 1 
ATOM 475  N N   . LEU A 1 62  ? -2.597  -11.355 -2.455  1.00 2.00   ? 84  LEU A N   1 
ATOM 476  C CA  . LEU A 1 62  ? -3.255  -10.083 -2.254  1.00 2.00   ? 84  LEU A CA  1 
ATOM 477  C C   . LEU A 1 62  ? -3.308  -9.758  -0.779  1.00 2.00   ? 84  LEU A C   1 
ATOM 478  O O   . LEU A 1 62  ? -3.380  -8.596  -0.395  1.00 2.00   ? 84  LEU A O   1 
ATOM 479  C CB  . LEU A 1 62  ? -4.678  -10.123 -2.785  1.00 2.00   ? 84  LEU A CB  1 
ATOM 480  C CG  . LEU A 1 62  ? -5.535  -8.902  -2.471  1.00 2.00   ? 84  LEU A CG  1 
ATOM 481  C CD1 . LEU A 1 62  ? -4.814  -7.632  -2.912  1.00 2.00   ? 84  LEU A CD1 1 
ATOM 482  C CD2 . LEU A 1 62  ? -6.903  -9.015  -3.125  1.00 2.00   ? 84  LEU A CD2 1 
ATOM 483  N N   . TYR A 1 63  ? -3.677  -10.756 0.011   1.00 2.00   ? 85  TYR A N   1 
ATOM 484  C CA  . TYR A 1 63  ? -3.767  -10.560 1.441   1.00 2.00   ? 85  TYR A CA  1 
ATOM 485  C C   . TYR A 1 63  ? -2.432  -10.151 2.036   1.00 2.00   ? 85  TYR A C   1 
ATOM 486  O O   . TYR A 1 63  ? -2.219  -8.984  2.362   1.00 2.00   ? 85  TYR A O   1 
ATOM 487  C CB  . TYR A 1 63  ? -4.224  -11.848 2.100   1.00 46.78  ? 85  TYR A CB  1 
ATOM 488  C CG  . TYR A 1 63  ? -4.324  -11.702 3.604   1.00 46.78  ? 85  TYR A CG  1 
ATOM 489  C CD1 . TYR A 1 63  ? -3.247  -12.044 4.404   1.00 46.78  ? 85  TYR A CD1 1 
ATOM 490  C CD2 . TYR A 1 63  ? -5.493  -11.221 4.165   1.00 46.78  ? 85  TYR A CD2 1 
ATOM 491  C CE1 . TYR A 1 63  ? -3.340  -11.905 5.773   1.00 46.78  ? 85  TYR A CE1 1 
ATOM 492  C CE2 . TYR A 1 63  ? -5.590  -11.082 5.534   1.00 46.78  ? 85  TYR A CE2 1 
ATOM 493  C CZ  . TYR A 1 63  ? -4.513  -11.424 6.325   1.00 46.78  ? 85  TYR A CZ  1 
ATOM 494  O OH  . TYR A 1 63  ? -4.612  -11.289 7.695   1.00 46.78  ? 85  TYR A OH  1 
ATOM 495  N N   . ARG A 1 64  ? -1.417  -10.952 1.757   1.00 2.00   ? 86  ARG A N   1 
ATOM 496  C CA  . ARG A 1 64  ? -0.120  -10.632 2.304   1.00 2.00   ? 86  ARG A CA  1 
ATOM 497  C C   . ARG A 1 64  ? 0.407   -9.320  1.760   1.00 2.00   ? 86  ARG A C   1 
ATOM 498  O O   . ARG A 1 64  ? 1.419   -8.802  2.223   1.00 2.00   ? 86  ARG A O   1 
ATOM 499  C CB  . ARG A 1 64  ? 0.873   -11.753 2.024   1.00 2.00   ? 86  ARG A CB  1 
ATOM 500  C CG  . ARG A 1 64  ? 0.529   -12.594 0.797   1.00 2.00   ? 86  ARG A CG  1 
ATOM 501  C CD  . ARG A 1 64  ? 0.410   -14.076 1.151   1.00 2.00   ? 86  ARG A CD  1 
ATOM 502  N NE  . ARG A 1 64  ? 1.719   -14.702 1.220   1.00 2.00   ? 86  ARG A NE  1 
ATOM 503  C CZ  . ARG A 1 64  ? 1.950   -15.692 2.083   1.00 2.00   ? 86  ARG A CZ  1 
ATOM 504  N NH1 . ARG A 1 64  ? 3.160   -16.254 2.146   1.00 2.00   ? 86  ARG A NH1 1 
ATOM 505  N NH2 . ARG A 1 64  ? 0.909   -16.278 2.685   1.00 2.00   ? 86  ARG A NH2 1 
ATOM 506  N N   . ILE A 1 65  ? -0.124  -8.858  0.636   1.00 2.00   ? 87  ILE A N   1 
ATOM 507  C CA  . ILE A 1 65  ? 0.356   -7.594  0.127   1.00 2.00   ? 87  ILE A CA  1 
ATOM 508  C C   . ILE A 1 65  ? -0.353  -6.478  0.863   1.00 2.00   ? 87  ILE A C   1 
ATOM 509  O O   . ILE A 1 65  ? 0.225   -5.853  1.746   1.00 2.00   ? 87  ILE A O   1 
ATOM 510  C CB  . ILE A 1 65  ? 0.070   -7.483  -1.374  1.00 2.00   ? 87  ILE A CB  1 
ATOM 511  C CG1 . ILE A 1 65  ? 0.986   -8.395  -2.168  1.00 2.00   ? 87  ILE A CG1 1 
ATOM 512  C CG2 . ILE A 1 65  ? 0.220   -6.038  -1.822  1.00 2.00   ? 87  ILE A CG2 1 
ATOM 513  C CD1 . ILE A 1 65  ? 0.315   -8.999  -3.413  1.00 2.00   ? 87  ILE A CD1 1 
ATOM 514  N N   . VAL A 1 66  ? -1.671  -6.611  0.904   1.00 2.00   ? 88  VAL A N   1 
ATOM 515  C CA  . VAL A 1 66  ? -2.491  -5.626  1.561   1.00 2.00   ? 88  VAL A CA  1 
ATOM 516  C C   . VAL A 1 66  ? -2.091  -5.482  3.013   1.00 2.00   ? 88  VAL A C   1 
ATOM 517  O O   . VAL A 1 66  ? -2.122  -4.388  3.557   1.00 2.00   ? 88  VAL A O   1 
ATOM 518  C CB  . VAL A 1 66  ? -3.966  -6.025  1.420   1.00 2.00   ? 88  VAL A CB  1 
ATOM 519  C CG1 . VAL A 1 66  ? -4.621  -6.230  2.776   1.00 2.00   ? 88  VAL A CG1 1 
ATOM 520  C CG2 . VAL A 1 66  ? -4.695  -4.963  0.617   1.00 2.00   ? 88  VAL A CG2 1 
ATOM 521  N N   . VAL A 1 67  ? -1.524  -6.525  3.614   1.00 11.95  ? 89  VAL A N   1 
ATOM 522  C CA  . VAL A 1 67  ? -1.128  -6.377  5.000   1.00 11.95  ? 89  VAL A CA  1 
ATOM 523  C C   . VAL A 1 67  ? 0.228   -5.694  5.061   1.00 11.95  ? 89  VAL A C   1 
ATOM 524  O O   . VAL A 1 67  ? 0.378   -4.627  5.651   1.00 11.95  ? 89  VAL A O   1 
ATOM 525  C CB  . VAL A 1 67  ? -1.105  -7.743  5.711   1.00 10.82  ? 89  VAL A CB  1 
ATOM 526  C CG1 . VAL A 1 67  ? -0.574  -8.833  4.799   1.00 10.82  ? 89  VAL A CG1 1 
ATOM 527  C CG2 . VAL A 1 67  ? -0.274  -7.659  6.978   1.00 10.82  ? 89  VAL A CG2 1 
ATOM 528  N N   . TYR A 1 68  ? 1.101   -6.063  4.129   1.00 2.00   ? 90  TYR A N   1 
ATOM 529  C CA  . TYR A 1 68  ? 2.404   -5.432  4.084   1.00 2.00   ? 90  TYR A CA  1 
ATOM 530  C C   . TYR A 1 68  ? 2.249   -3.994  3.627   1.00 2.00   ? 90  TYR A C   1 
ATOM 531  O O   . TYR A 1 68  ? 2.973   -3.112  4.085   1.00 2.00   ? 90  TYR A O   1 
ATOM 532  C CB  . TYR A 1 68  ? 3.303   -6.162  3.101   1.00 2.00   ? 90  TYR A CB  1 
ATOM 533  C CG  . TYR A 1 68  ? 4.608   -5.419  2.862   1.00 2.00   ? 90  TYR A CG  1 
ATOM 534  C CD1 . TYR A 1 68  ? 4.638   -4.345  1.986   1.00 2.00   ? 90  TYR A CD1 1 
ATOM 535  C CD2 . TYR A 1 68  ? 5.760   -5.822  3.526   1.00 2.00   ? 90  TYR A CD2 1 
ATOM 536  C CE1 . TYR A 1 68  ? 5.827   -3.668  1.774   1.00 2.00   ? 90  TYR A CE1 1 
ATOM 537  C CE2 . TYR A 1 68  ? 6.950   -5.149  3.313   1.00 2.00   ? 90  TYR A CE2 1 
ATOM 538  C CZ  . TYR A 1 68  ? 6.974   -4.077  2.439   1.00 2.00   ? 90  TYR A CZ  1 
ATOM 539  O OH  . TYR A 1 68  ? 8.163   -3.405  2.221   1.00 2.00   ? 90  TYR A OH  1 
ATOM 540  N N   . LEU A 1 69  ? 1.088   -3.705  3.039   1.00 2.00   ? 91  LEU A N   1 
ATOM 541  C CA  . LEU A 1 69  ? 0.812   -2.377  2.543   1.00 2.00   ? 91  LEU A CA  1 
ATOM 542  C C   . LEU A 1 69  ? 0.281   -1.496  3.648   1.00 2.00   ? 91  LEU A C   1 
ATOM 543  O O   . LEU A 1 69  ? 1.053   -0.751  4.241   1.00 2.00   ? 91  LEU A O   1 
ATOM 544  C CB  . LEU A 1 69  ? -0.230  -2.472  1.446   1.00 2.00   ? 91  LEU A CB  1 
ATOM 545  C CG  . LEU A 1 69  ? -0.108  -1.517  0.276   1.00 2.00   ? 91  LEU A CG  1 
ATOM 546  C CD1 . LEU A 1 69  ? 1.343   -1.115  0.072   1.00 2.00   ? 91  LEU A CD1 1 
ATOM 547  C CD2 . LEU A 1 69  ? -0.670  -2.170  -0.979  1.00 2.00   ? 91  LEU A CD2 1 
ATOM 548  N N   . GLY A 1 70  ? -0.824  -1.940  4.242   1.00 2.00   ? 92  GLY A N   1 
ATOM 549  C CA  . GLY A 1 70  ? -1.430  -1.175  5.308   1.00 2.00   ? 92  GLY A CA  1 
ATOM 550  C C   . GLY A 1 70  ? -0.421  -0.940  6.412   1.00 2.00   ? 92  GLY A C   1 
ATOM 551  O O   . GLY A 1 70  ? -0.302  0.154   6.960   1.00 2.00   ? 92  GLY A O   1 
ATOM 552  N N   . THR A 1 71  ? 0.333   -1.969  6.770   1.00 40.41  ? 93  THR A N   1 
ATOM 553  C CA  . THR A 1 71  ? 1.320   -1.778  7.808   1.00 40.41  ? 93  THR A CA  1 
ATOM 554  C C   . THR A 1 71  ? 2.325   -0.730  7.386   1.00 40.41  ? 93  THR A C   1 
ATOM 555  O O   . THR A 1 71  ? 2.408   0.339   7.983   1.00 40.41  ? 93  THR A O   1 
ATOM 556  C CB  . THR A 1 71  ? 2.022   -3.100  8.074   1.00 25.68  ? 93  THR A CB  1 
ATOM 557  O OG1 . THR A 1 71  ? 1.396   -3.609  9.238   1.00 25.68  ? 93  THR A OG1 1 
ATOM 558  C CG2 . THR A 1 71  ? 3.517   -2.931  8.287   1.00 25.68  ? 93  THR A CG2 1 
ATOM 559  N N   . SER A 1 72  ? 2.810   -0.863  6.161   1.00 2.00   ? 94  SER A N   1 
ATOM 560  C CA  . SER A 1 72  ? 3.770   0.091   5.650   1.00 2.00   ? 94  SER A CA  1 
ATOM 561  C C   . SER A 1 72  ? 3.188   1.493   5.626   1.00 2.00   ? 94  SER A C   1 
ATOM 562  O O   . SER A 1 72  ? 3.786   2.417   6.176   1.00 2.00   ? 94  SER A O   1 
ATOM 563  C CB  . SER A 1 72  ? 4.185   -0.312  4.245   1.00 2.00   ? 94  SER A CB  1 
ATOM 564  O OG  . SER A 1 72  ? 5.160   -1.348  4.273   1.00 2.00   ? 94  SER A OG  1 
ATOM 565  N N   . LEU A 1 73  ? 1.877   1.583   5.424   1.00 2.00   ? 95  LEU A N   1 
ATOM 566  C CA  . LEU A 1 73  ? 1.258   2.889   5.382   1.00 2.00   ? 95  LEU A CA  1 
ATOM 567  C C   . LEU A 1 73  ? 1.224   3.497   6.763   1.00 2.00   ? 95  LEU A C   1 
ATOM 568  O O   . LEU A 1 73  ? 1.289   4.716   6.900   1.00 2.00   ? 95  LEU A O   1 
ATOM 569  C CB  . LEU A 1 73  ? -0.157  2.777   4.851   1.00 17.20  ? 95  LEU A CB  1 
ATOM 570  C CG  . LEU A 1 73  ? -0.325  2.820   3.342   1.00 17.20  ? 95  LEU A CG  1 
ATOM 571  C CD1 . LEU A 1 73  ? 0.619   1.831   2.671   1.00 17.20  ? 95  LEU A CD1 1 
ATOM 572  C CD2 . LEU A 1 73  ? -1.766  2.521   2.967   1.00 17.20  ? 95  LEU A CD2 1 
ATOM 573  N N   . GLY A 1 74  ? 0.690   2.751   7.717   1.00 2.00   ? 96  GLY A N   1 
ATOM 574  C CA  . GLY A 1 74  ? 0.653   3.279   9.064   1.00 2.00   ? 96  GLY A CA  1 
ATOM 575  C C   . GLY A 1 74  ? 1.962   3.964   9.408   1.00 2.00   ? 96  GLY A C   1 
ATOM 576  O O   . GLY A 1 74  ? 1.987   5.147   9.728   1.00 2.00   ? 96  GLY A O   1 
ATOM 577  N N   . ASN A 1 75  ? 3.081   3.339   9.062   1.00 2.00   ? 97  ASN A N   1 
ATOM 578  C CA  . ASN A 1 75  ? 4.357   3.955   9.362   1.00 2.00   ? 97  ASN A CA  1 
ATOM 579  C C   . ASN A 1 75  ? 4.479   5.305   8.688   1.00 2.00   ? 97  ASN A C   1 
ATOM 580  O O   . ASN A 1 75  ? 4.700   6.324   9.336   1.00 2.00   ? 97  ASN A O   1 
ATOM 581  C CB  . ASN A 1 75  ? 5.485   3.061   8.888   1.00 72.49  ? 97  ASN A CB  1 
ATOM 582  C CG  . ASN A 1 75  ? 5.901   2.083   9.968   1.00 72.49  ? 97  ASN A CG  1 
ATOM 583  O OD1 . ASN A 1 75  ? 5.882   2.403   11.156  1.00 72.49  ? 97  ASN A OD1 1 
ATOM 584  N ND2 . ASN A 1 75  ? 6.269   0.865   9.582   1.00 72.49  ? 97  ASN A ND2 1 
ATOM 585  N N   . ILE A 1 76  ? 4.051   5.375   7.437   1.00 2.00   ? 98  ILE A N   1 
ATOM 586  C CA  . ILE A 1 76  ? 4.139   6.624   6.717   1.00 2.00   ? 98  ILE A CA  1 
ATOM 587  C C   . ILE A 1 76  ? 3.322   7.714   7.383   1.00 2.00   ? 98  ILE A C   1 
ATOM 588  O O   . ILE A 1 76  ? 3.824   8.807   7.644   1.00 2.00   ? 98  ILE A O   1 
ATOM 589  C CB  . ILE A 1 76  ? 3.656   6.414   5.284   1.00 2.00   ? 98  ILE A CB  1 
ATOM 590  C CG1 . ILE A 1 76  ? 4.327   5.197   4.663   1.00 2.00   ? 98  ILE A CG1 1 
ATOM 591  C CG2 . ILE A 1 76  ? 3.913   7.680   4.483   1.00 2.00   ? 98  ILE A CG2 1 
ATOM 592  C CD1 . ILE A 1 76  ? 4.523   5.296   3.136   1.00 2.00   ? 98  ILE A CD1 1 
ATOM 593  N N   . THR A 1 77  ? 2.166   7.341   7.922   1.00 2.00   ? 99  THR A N   1 
ATOM 594  C CA  . THR A 1 77  ? 1.311   8.310   8.575   1.00 2.00   ? 99  THR A CA  1 
ATOM 595  C C   . THR A 1 77  ? 1.868   8.764   9.918   1.00 2.00   ? 99  THR A C   1 
ATOM 596  O O   . THR A 1 77  ? 1.861   9.948   10.255  1.00 2.00   ? 99  THR A O   1 
ATOM 597  C CB  . THR A 1 77  ? -0.080  7.710   8.756   1.00 35.69  ? 99  THR A CB  1 
ATOM 598  O OG1 . THR A 1 77  ? -0.462  7.252   7.466   1.00 35.69  ? 99  THR A OG1 1 
ATOM 599  C CG2 . THR A 1 77  ? -1.075  8.727   9.289   1.00 35.69  ? 99  THR A CG2 1 
ATOM 600  N N   . ARG A 1 78  ? 2.402   7.852   10.720  1.00 2.00   ? 100 ARG A N   1 
ATOM 601  C CA  . ARG A 1 78  ? 2.931   8.304   11.989  1.00 2.00   ? 100 ARG A CA  1 
ATOM 602  C C   . ARG A 1 78  ? 4.111   9.227   11.750  1.00 2.00   ? 100 ARG A C   1 
ATOM 603  O O   . ARG A 1 78  ? 4.137   10.337  12.278  1.00 2.00   ? 100 ARG A O   1 
ATOM 604  C CB  . ARG A 1 78  ? 3.370   7.113   12.828  1.00 164.95 ? 100 ARG A CB  1 
ATOM 605  C CG  . ARG A 1 78  ? 2.344   5.988   12.841  1.00 164.95 ? 100 ARG A CG  1 
ATOM 606  C CD  . ARG A 1 78  ? 0.980   6.509   13.265  1.00 164.95 ? 100 ARG A CD  1 
ATOM 607  N NE  . ARG A 1 78  ? 0.613   6.016   14.581  1.00 164.95 ? 100 ARG A NE  1 
ATOM 608  C CZ  . ARG A 1 78  ? 0.181   4.765   14.729  1.00 164.95 ? 100 ARG A CZ  1 
ATOM 609  N NH1 . ARG A 1 78  ? -0.152  4.319   15.939  1.00 164.95 ? 100 ARG A NH1 1 
ATOM 610  N NH2 . ARG A 1 78  ? 0.074   3.964   13.673  1.00 164.95 ? 100 ARG A NH2 1 
ATOM 611  N N   . ASP A 1 79  ? 4.744   9.039   10.597  1.00 2.00   ? 101 ASP A N   1 
ATOM 612  C CA  . ASP A 1 79  ? 5.897   9.845   10.261  1.00 2.00   ? 101 ASP A CA  1 
ATOM 613  C C   . ASP A 1 79  ? 5.512   11.182  9.663   1.00 2.00   ? 101 ASP A C   1 
ATOM 614  O O   . ASP A 1 79  ? 5.915   12.211  10.185  1.00 2.00   ? 101 ASP A O   1 
ATOM 615  C CB  . ASP A 1 79  ? 6.782   9.082   9.287   1.00 2.00   ? 101 ASP A CB  1 
ATOM 616  C CG  . ASP A 1 79  ? 7.651   8.042   9.987   1.00 2.00   ? 101 ASP A CG  1 
ATOM 617  O OD1 . ASP A 1 79  ? 8.178   8.340   11.066  1.00 2.00   ? 101 ASP A OD1 1 
ATOM 618  O OD2 . ASP A 1 79  ? 7.876   6.978   9.401   1.00 2.00   ? 101 ASP A OD2 1 
ATOM 619  N N   . GLN A 1 80  ? 4.446   11.210  8.876   1.00 2.00   ? 102 GLN A N   1 
ATOM 620  C CA  . GLN A 1 80  ? 4.061   12.474  8.281   1.00 2.00   ? 102 GLN A CA  1 
ATOM 621  C C   . GLN A 1 80  ? 3.430   13.419  9.291   1.00 2.00   ? 102 GLN A C   1 
ATOM 622  O O   . GLN A 1 80  ? 3.348   14.625  9.062   1.00 2.00   ? 102 GLN A O   1 
ATOM 623  C CB  . GLN A 1 80  ? 3.083   12.250  7.137   1.00 2.00   ? 102 GLN A CB  1 
ATOM 624  C CG  . GLN A 1 80  ? 3.679   11.423  6.011   1.00 2.00   ? 102 GLN A CG  1 
ATOM 625  C CD  . GLN A 1 80  ? 4.977   11.993  5.463   1.00 2.00   ? 102 GLN A CD  1 
ATOM 626  O OE1 . GLN A 1 80  ? 5.039   13.137  5.000   1.00 2.00   ? 102 GLN A OE1 1 
ATOM 627  N NE2 . GLN A 1 80  ? 6.045   11.198  5.502   1.00 2.00   ? 102 GLN A NE2 1 
ATOM 628  N N   . LYS A 1 81  ? 2.765   12.890  10.313  1.00 2.00   ? 103 LYS A N   1 
ATOM 629  C CA  . LYS A 1 81  ? 2.172   13.794  11.276  1.00 2.00   ? 103 LYS A CA  1 
ATOM 630  C C   . LYS A 1 81  ? 3.233   14.686  11.916  1.00 2.00   ? 103 LYS A C   1 
ATOM 631  O O   . LYS A 1 81  ? 2.982   15.843  12.266  1.00 2.00   ? 103 LYS A O   1 
ATOM 632  C CB  . LYS A 1 81  ? 1.469   13.005  12.365  1.00 2.00   ? 103 LYS A CB  1 
ATOM 633  C CG  . LYS A 1 81  ? 0.543   11.937  11.823  1.00 2.00   ? 103 LYS A CG  1 
ATOM 634  C CD  . LYS A 1 81  ? 0.458   10.799  12.824  1.00 2.00   ? 103 LYS A CD  1 
ATOM 635  C CE  . LYS A 1 81  ? -0.614  11.089  13.864  1.00 2.00   ? 103 LYS A CE  1 
ATOM 636  N NZ  . LYS A 1 81  ? -1.887  10.518  13.457  1.00 2.00   ? 103 LYS A NZ  1 
ATOM 637  N N   . ILE A 1 82  ? 4.401   14.116  12.227  1.00 2.00   ? 104 ILE A N   1 
ATOM 638  C CA  . ILE A 1 82  ? 5.463   14.890  12.842  1.00 2.00   ? 104 ILE A CA  1 
ATOM 639  C C   . ILE A 1 82  ? 6.220   15.705  11.808  1.00 2.00   ? 104 ILE A C   1 
ATOM 640  O O   . ILE A 1 82  ? 6.196   16.938  11.858  1.00 2.00   ? 104 ILE A O   1 
ATOM 641  C CB  . ILE A 1 82  ? 6.444   13.947  13.546  1.00 34.46  ? 104 ILE A CB  1 
ATOM 642  C CG1 . ILE A 1 82  ? 5.737   13.059  14.554  1.00 34.46  ? 104 ILE A CG1 1 
ATOM 643  C CG2 . ILE A 1 82  ? 7.546   14.760  14.204  1.00 34.46  ? 104 ILE A CG2 1 
ATOM 644  C CD1 . ILE A 1 82  ? 5.209   13.830  15.780  1.00 34.46  ? 104 ILE A CD1 1 
ATOM 645  N N   . LEU A 1 83  ? 6.478   15.068  10.665  1.00 2.00   ? 105 LEU A N   1 
ATOM 646  C CA  . LEU A 1 83  ? 7.231   15.723  9.614   1.00 2.00   ? 105 LEU A CA  1 
ATOM 647  C C   . LEU A 1 83  ? 6.500   16.895  8.993   1.00 2.00   ? 105 LEU A C   1 
ATOM 648  O O   . LEU A 1 83  ? 7.055   17.986  8.873   1.00 2.00   ? 105 LEU A O   1 
ATOM 649  C CB  . LEU A 1 83  ? 7.581   14.711  8.536   1.00 2.00   ? 105 LEU A CB  1 
ATOM 650  C CG  . LEU A 1 83  ? 8.444   13.532  8.962   1.00 2.00   ? 105 LEU A CG  1 
ATOM 651  C CD1 . LEU A 1 83  ? 9.132   12.910  7.759   1.00 2.00   ? 105 LEU A CD1 1 
ATOM 652  C CD2 . LEU A 1 83  ? 9.473   13.978  9.987   1.00 2.00   ? 105 LEU A CD2 1 
ATOM 653  N N   . ASN A 1 84  ? 5.402   16.635  8.302   1.00 2.00   ? 106 ASN A N   1 
ATOM 654  C CA  . ASN A 1 84  ? 4.691   17.744  7.705   1.00 2.00   ? 106 ASN A CA  1 
ATOM 655  C C   . ASN A 1 84  ? 3.331   17.908  8.354   1.00 2.00   ? 106 ASN A C   1 
ATOM 656  O O   . ASN A 1 84  ? 2.308   17.741  7.696   1.00 2.00   ? 106 ASN A O   1 
ATOM 657  C CB  . ASN A 1 84  ? 4.531   17.507  6.212   1.00 22.29  ? 106 ASN A CB  1 
ATOM 658  C CG  . ASN A 1 84  ? 5.786   16.911  5.586   1.00 22.29  ? 106 ASN A CG  1 
ATOM 659  O OD1 . ASN A 1 84  ? 6.881   17.467  5.680   1.00 22.29  ? 106 ASN A OD1 1 
ATOM 660  N ND2 . ASN A 1 84  ? 5.656   15.760  4.927   1.00 22.29  ? 106 ASN A ND2 1 
ATOM 661  N N   . PRO A 1 85  ? 3.281   18.549  9.521   1.00 2.00   ? 107 PRO A N   1 
ATOM 662  C CA  . PRO A 1 85  ? 2.028   18.674  10.246  1.00 2.00   ? 107 PRO A CA  1 
ATOM 663  C C   . PRO A 1 85  ? 1.000   19.489  9.491   1.00 2.00   ? 107 PRO A C   1 
ATOM 664  O O   . PRO A 1 85  ? -0.195  19.277  9.658   1.00 2.00   ? 107 PRO A O   1 
ATOM 665  C CB  . PRO A 1 85  ? 2.413   19.330  11.553  1.00 94.76  ? 107 PRO A CB  1 
ATOM 666  C CG  . PRO A 1 85  ? 3.915   19.265  11.688  1.00 94.76  ? 107 PRO A CG  1 
ATOM 667  C CD  . PRO A 1 85  ? 4.438   18.634  10.408  1.00 94.76  ? 107 PRO A CD  1 
ATOM 668  N N   . SER A 1 86  ? 1.416   20.157  8.420   1.00 75.13  ? 108 SER A N   1 
ATOM 669  C CA  . SER A 1 86  ? 0.463   20.944  7.666   1.00 75.13  ? 108 SER A CA  1 
ATOM 670  C C   . SER A 1 86  ? -0.168  20.144  6.537   1.00 75.13  ? 108 SER A C   1 
ATOM 671  O O   . SER A 1 86  ? -1.274  20.454  6.100   1.00 75.13  ? 108 SER A O   1 
ATOM 672  C CB  . SER A 1 86  ? 1.149   22.164  7.086   1.00 47.38  ? 108 SER A CB  1 
ATOM 673  O OG  . SER A 1 86  ? 0.721   22.389  5.754   1.00 47.38  ? 108 SER A OG  1 
ATOM 674  N N   . ALA A 1 87  ? 0.620   19.309  5.857   1.00 42.32  ? 109 ALA A N   1 
ATOM 675  C CA  . ALA A 1 87  ? 0.079   18.511  4.764   1.00 42.32  ? 109 ALA A CA  1 
ATOM 676  C C   . ALA A 1 87  ? -1.173  17.764  5.180   1.00 42.32  ? 109 ALA A C   1 
ATOM 677  O O   . ALA A 1 87  ? -1.138  16.561  5.433   1.00 42.32  ? 109 ALA A O   1 
ATOM 678  C CB  . ALA A 1 87  ? 1.094   17.468  4.325   1.00 43.49  ? 109 ALA A CB  1 
ATOM 679  N N   . LEU A 1 88  ? -2.328  18.368  4.937   1.00 2.00   ? 110 LEU A N   1 
ATOM 680  C CA  . LEU A 1 88  ? -3.563  17.717  5.324   1.00 2.00   ? 110 LEU A CA  1 
ATOM 681  C C   . LEU A 1 88  ? -4.203  16.940  4.182   1.00 2.00   ? 110 LEU A C   1 
ATOM 682  O O   . LEU A 1 88  ? -4.935  15.984  4.427   1.00 2.00   ? 110 LEU A O   1 
ATOM 683  C CB  . LEU A 1 88  ? -4.542  18.751  5.858   1.00 2.00   ? 110 LEU A CB  1 
ATOM 684  C CG  . LEU A 1 88  ? -4.394  19.173  7.313   1.00 2.00   ? 110 LEU A CG  1 
ATOM 685  C CD1 . LEU A 1 88  ? -4.822  20.619  7.495   1.00 2.00   ? 110 LEU A CD1 1 
ATOM 686  C CD2 . LEU A 1 88  ? -5.231  18.275  8.203   1.00 2.00   ? 110 LEU A CD2 1 
ATOM 687  N N   . SER A 1 89  ? -4.208  17.486  2.963   1.00 2.00   ? 111 SER A N   1 
ATOM 688  C CA  . SER A 1 89  ? -4.797  16.719  1.890   1.00 2.00   ? 111 SER A CA  1 
ATOM 689  C C   . SER A 1 89  ? -4.110  15.365  1.866   1.00 2.00   ? 111 SER A C   1 
ATOM 690  O O   . SER A 1 89  ? -4.768  14.331  1.888   1.00 2.00   ? 111 SER A O   1 
ATOM 691  C CB  . SER A 1 89  ? -4.601  17.433  0.563   1.00 49.15  ? 111 SER A CB  1 
ATOM 692  O OG  . SER A 1 89  ? -5.230  18.707  0.578   1.00 49.15  ? 111 SER A OG  1 
ATOM 693  N N   . LEU A 1 90  ? -2.885  15.360  2.381   1.00 2.00   ? 112 LEU A N   1 
ATOM 694  C CA  . LEU A 1 90  ? -2.119  14.130  2.425   1.00 2.00   ? 112 LEU A CA  1 
ATOM 695  C C   . LEU A 1 90  ? -2.435  13.336  3.672   1.00 2.00   ? 112 LEU A C   1 
ATOM 696  O O   . LEU A 1 90  ? -2.430  12.111  3.649   1.00 2.00   ? 112 LEU A O   1 
ATOM 697  C CB  . LEU A 1 90  ? -0.628  14.436  2.409   1.00 2.00   ? 112 LEU A CB  1 
ATOM 698  C CG  . LEU A 1 90  ? 0.317   13.308  2.786   1.00 2.00   ? 112 LEU A CG  1 
ATOM 699  C CD1 . LEU A 1 90  ? 0.223   12.166  1.787   1.00 2.00   ? 112 LEU A CD1 1 
ATOM 700  C CD2 . LEU A 1 90  ? 1.736   13.840  2.862   1.00 2.00   ? 112 LEU A CD2 1 
ATOM 701  N N   . HIS A 1 91  ? -2.400  13.993  4.824   1.00 2.00   ? 113 HIS A N   1 
ATOM 702  C CA  . HIS A 1 91  ? -2.693  13.268  6.042   1.00 2.00   ? 113 HIS A CA  1 
ATOM 703  C C   . HIS A 1 91  ? -3.997  12.513  5.901   1.00 2.00   ? 113 HIS A C   1 
ATOM 704  O O   . HIS A 1 91  ? -4.042  11.304  6.105   1.00 2.00   ? 113 HIS A O   1 
ATOM 705  C CB  . HIS A 1 91  ? -2.798  14.233  7.208   1.00 58.23  ? 113 HIS A CB  1 
ATOM 706  C CG  . HIS A 1 91  ? -1.435  14.696  7.681   1.00 58.23  ? 113 HIS A CG  1 
ATOM 707  N ND1 . HIS A 1 91  ? -1.184  15.940  8.037   1.00 58.23  ? 113 HIS A ND1 1 
ATOM 708  C CD2 . HIS A 1 91  ? -0.297  13.945  7.749   1.00 58.23  ? 113 HIS A CD2 1 
ATOM 709  C CE1 . HIS A 1 91  ? 0.096   15.967  8.320   1.00 58.23  ? 113 HIS A CE1 1 
ATOM 710  N NE2 . HIS A 1 91  ? 0.626   14.775  8.143   1.00 58.23  ? 113 HIS A NE2 1 
ATOM 711  N N   . SER A 1 92  ? -4.937  13.100  5.170   1.00 14.11  ? 114 SER A N   1 
ATOM 712  C CA  . SER A 1 92  ? -6.208  12.441  4.991   1.00 14.11  ? 114 SER A CA  1 
ATOM 713  C C   . SER A 1 92  ? -6.106  11.243  4.062   1.00 14.11  ? 114 SER A C   1 
ATOM 714  O O   . SER A 1 92  ? -6.247  10.095  4.479   1.00 14.11  ? 114 SER A O   1 
ATOM 715  C CB  . SER A 1 92  ? -7.216  13.425  4.433   1.00 2.00   ? 114 SER A CB  1 
ATOM 716  O OG  . SER A 1 92  ? -8.437  13.323  5.146   1.00 2.00   ? 114 SER A OG  1 
ATOM 717  N N   . LYS A 1 93  ? -5.759  11.467  2.798   1.00 2.00   ? 115 LYS A N   1 
ATOM 718  C CA  . LYS A 1 93  ? -5.654  10.353  1.877   1.00 2.00   ? 115 LYS A CA  1 
ATOM 719  C C   . LYS A 1 93  ? -4.905  9.185   2.492   1.00 2.00   ? 115 LYS A C   1 
ATOM 720  O O   . LYS A 1 93  ? -5.115  8.042   2.115   1.00 2.00   ? 115 LYS A O   1 
ATOM 721  C CB  . LYS A 1 93  ? -4.962  10.794  0.596   1.00 20.70  ? 115 LYS A CB  1 
ATOM 722  C CG  . LYS A 1 93  ? -5.942  11.217  -0.490  1.00 20.70  ? 115 LYS A CG  1 
ATOM 723  C CD  . LYS A 1 93  ? -6.263  12.700  -0.354  1.00 20.70  ? 115 LYS A CD  1 
ATOM 724  C CE  . LYS A 1 93  ? -7.377  13.093  -1.314  1.00 20.70  ? 115 LYS A CE  1 
ATOM 725  N NZ  . LYS A 1 93  ? -8.214  14.131  -0.740  1.00 20.70  ? 115 LYS A NZ  1 
ATOM 726  N N   . LEU A 1 94  ? -3.883  9.454   3.299   1.00 34.12  ? 116 LEU A N   1 
ATOM 727  C CA  . LEU A 1 94  ? -3.163  8.358   3.910   1.00 34.12  ? 116 LEU A CA  1 
ATOM 728  C C   . LEU A 1 94  ? -4.144  7.481   4.658   1.00 34.12  ? 116 LEU A C   1 
ATOM 729  O O   . LEU A 1 94  ? -4.056  6.252   4.627   1.00 34.12  ? 116 LEU A O   1 
ATOM 730  C CB  . LEU A 1 94  ? -2.128  8.895   4.885   1.00 47.75  ? 116 LEU A CB  1 
ATOM 731  C CG  . LEU A 1 94  ? -0.718  9.142   4.369   1.00 47.75  ? 116 LEU A CG  1 
ATOM 732  C CD1 . LEU A 1 94  ? -0.692  9.154   2.849   1.00 47.75  ? 116 LEU A CD1 1 
ATOM 733  C CD2 . LEU A 1 94  ? -0.183  10.454  4.920   1.00 47.75  ? 116 LEU A CD2 1 
ATOM 734  N N   . ASN A 1 95  ? -4.898  8.092   5.568   1.00 2.00   ? 117 ASN A N   1 
ATOM 735  C CA  . ASN A 1 95  ? -5.883  7.332   6.312   1.00 2.00   ? 117 ASN A CA  1 
ATOM 736  C C   . ASN A 1 95  ? -6.924  6.800   5.350   1.00 2.00   ? 117 ASN A C   1 
ATOM 737  O O   . ASN A 1 95  ? -7.559  5.784   5.626   1.00 2.00   ? 117 ASN A O   1 
ATOM 738  C CB  . ASN A 1 95  ? -6.581  8.215   7.331   1.00 2.00   ? 117 ASN A CB  1 
ATOM 739  C CG  . ASN A 1 95  ? -5.633  8.711   8.400   1.00 2.00   ? 117 ASN A CG  1 
ATOM 740  O OD1 . ASN A 1 95  ? -4.624  8.082   8.711   1.00 2.00   ? 117 ASN A OD1 1 
ATOM 741  N ND2 . ASN A 1 95  ? -5.945  9.860   8.981   1.00 2.00   ? 117 ASN A ND2 1 
ATOM 742  N N   . ALA A 1 96  ? -7.470  7.725   4.574   1.00 2.00   ? 118 ALA A N   1 
ATOM 743  C CA  . ALA A 1 96  ? -8.446  7.324   3.597   1.00 2.00   ? 118 ALA A CA  1 
ATOM 744  C C   . ALA A 1 96  ? -8.091  5.983   2.953   1.00 2.00   ? 118 ALA A C   1 
ATOM 745  O O   . ALA A 1 96  ? -8.852  5.020   3.049   1.00 2.00   ? 118 ALA A O   1 
ATOM 746  C CB  . ALA A 1 96  ? -8.481  8.388   2.516   1.00 2.00   ? 118 ALA A CB  1 
ATOM 747  N N   . THR A 1 97  ? -6.815  5.804   2.605   1.00 2.00   ? 119 THR A N   1 
ATOM 748  C CA  . THR A 1 97  ? -6.401  4.561   1.983   1.00 2.00   ? 119 THR A CA  1 
ATOM 749  C C   . THR A 1 97  ? -6.287  3.458   3.006   1.00 2.00   ? 119 THR A C   1 
ATOM 750  O O   . THR A 1 97  ? -6.356  2.284   2.653   1.00 2.00   ? 119 THR A O   1 
ATOM 751  C CB  . THR A 1 97  ? -5.047  4.719   1.290   1.00 2.00   ? 119 THR A CB  1 
ATOM 752  O OG1 . THR A 1 97  ? -5.062  5.998   0.679   1.00 2.00   ? 119 THR A OG1 1 
ATOM 753  C CG2 . THR A 1 97  ? -4.817  3.632   0.255   1.00 2.00   ? 119 THR A CG2 1 
ATOM 754  N N   . ALA A 1 98  ? -5.722  3.774   4.167   1.00 2.00   ? 120 ALA A N   1 
ATOM 755  C CA  . ALA A 1 98  ? -5.599  2.741   5.179   1.00 2.00   ? 120 ALA A CA  1 
ATOM 756  C C   . ALA A 1 98  ? -6.941  2.068   5.449   1.00 2.00   ? 120 ALA A C   1 
ATOM 757  O O   . ALA A 1 98  ? -7.109  0.869   5.206   1.00 2.00   ? 120 ALA A O   1 
ATOM 758  C CB  . ALA A 1 98  ? -5.118  3.367   6.477   1.00 51.32  ? 120 ALA A CB  1 
ATOM 759  N N   . ASP A 1 99  ? -7.981  2.894   5.557   1.00 2.00   ? 121 ASP A N   1 
ATOM 760  C CA  . ASP A 1 99  ? -9.323  2.400   5.817   1.00 2.00   ? 121 ASP A CA  1 
ATOM 761  C C   . ASP A 1 99  ? -9.764  1.402   4.768   1.00 2.00   ? 121 ASP A C   1 
ATOM 762  O O   . ASP A 1 99  ? -10.501 0.468   5.097   1.00 2.00   ? 121 ASP A O   1 
ATOM 763  C CB  . ASP A 1 99  ? -10.303 3.560   5.785   1.00 2.00   ? 121 ASP A CB  1 
ATOM 764  C CG  . ASP A 1 99  ? -10.886 3.886   7.145   1.00 2.00   ? 121 ASP A CG  1 
ATOM 765  O OD1 . ASP A 1 99  ? -11.734 4.787   7.201   1.00 2.00   ? 121 ASP A OD1 1 
ATOM 766  O OD2 . ASP A 1 99  ? -10.241 3.519   8.128   1.00 2.00   ? 121 ASP A OD2 1 
ATOM 767  N N   . ILE A 1 100 ? -9.815  1.902   3.529   1.00 2.00   ? 122 ILE A N   1 
ATOM 768  C CA  . ILE A 1 100 ? -10.217 1.074   2.411   1.00 2.00   ? 122 ILE A CA  1 
ATOM 769  C C   . ILE A 1 100 ? -9.430  -0.223  2.407   1.00 2.00   ? 122 ILE A C   1 
ATOM 770  O O   . ILE A 1 100 ? -10.009 -1.306  2.454   1.00 2.00   ? 122 ILE A O   1 
ATOM 771  C CB  . ILE A 1 100 ? -9.999  1.845   1.103   1.00 34.33  ? 122 ILE A CB  1 
ATOM 772  C CG1 . ILE A 1 100 ? -11.248 2.626   0.720   1.00 34.33  ? 122 ILE A CG1 1 
ATOM 773  C CG2 . ILE A 1 100 ? -9.596  0.888   -0.004  1.00 34.33  ? 122 ILE A CG2 1 
ATOM 774  C CD1 . ILE A 1 100 ? -11.583 3.762   1.706   1.00 34.33  ? 122 ILE A CD1 1 
ATOM 775  N N   . LEU A 1 101 ? -8.154  -0.135  2.757   1.00 2.00   ? 123 LEU A N   1 
ATOM 776  C CA  . LEU A 1 101 ? -7.337  -1.328  2.795   1.00 2.00   ? 123 LEU A CA  1 
ATOM 777  C C   . LEU A 1 101 ? -7.830  -2.292  3.861   1.00 2.00   ? 123 LEU A C   1 
ATOM 778  O O   . LEU A 1 101 ? -8.148  -3.441  3.547   1.00 2.00   ? 123 LEU A O   1 
ATOM 779  C CB  . LEU A 1 101 ? -5.888  -0.965  3.076   1.00 2.00   ? 123 LEU A CB  1 
ATOM 780  C CG  . LEU A 1 101 ? -4.911  -1.204  1.936   1.00 2.00   ? 123 LEU A CG  1 
ATOM 781  C CD1 . LEU A 1 101 ? -5.129  -0.181  0.836   1.00 2.00   ? 123 LEU A CD1 1 
ATOM 782  C CD2 . LEU A 1 101 ? -3.481  -1.155  2.445   1.00 2.00   ? 123 LEU A CD2 1 
ATOM 783  N N   . ARG A 1 102 ? -8.256  -1.743  5.006   1.00 2.00   ? 124 ARG A N   1 
ATOM 784  C CA  . ARG A 1 102 ? -8.748  -2.584  6.084   1.00 2.00   ? 124 ARG A CA  1 
ATOM 785  C C   . ARG A 1 102 ? -9.918  -3.435  5.618   1.00 2.00   ? 124 ARG A C   1 
ATOM 786  O O   . ARG A 1 102 ? -9.943  -4.652  5.830   1.00 2.00   ? 124 ARG A O   1 
ATOM 787  C CB  . ARG A 1 102 ? -9.198  -1.728  7.254   1.00 143.37 ? 124 ARG A CB  1 
ATOM 788  C CG  . ARG A 1 102 ? -8.044  -1.340  8.158   1.00 143.37 ? 124 ARG A CG  1 
ATOM 789  C CD  . ARG A 1 102 ? -8.127  0.142   8.475   1.00 143.37 ? 124 ARG A CD  1 
ATOM 790  N NE  . ARG A 1 102 ? -6.902  0.603   9.091   1.00 143.37 ? 124 ARG A NE  1 
ATOM 791  C CZ  . ARG A 1 102 ? -6.937  1.612   9.959   1.00 143.37 ? 124 ARG A CZ  1 
ATOM 792  N NH1 . ARG A 1 102 ? -5.804  2.030   10.519  1.00 143.37 ? 124 ARG A NH1 1 
ATOM 793  N NH2 . ARG A 1 102 ? -8.103  2.000   10.470  1.00 143.37 ? 124 ARG A NH2 1 
ATOM 794  N N   . GLY A 1 103 ? -10.846 -2.825  4.872   1.00 2.00   ? 125 GLY A N   1 
ATOM 795  C CA  . GLY A 1 103 ? -11.989 -3.566  4.371   1.00 2.00   ? 125 GLY A CA  1 
ATOM 796  C C   . GLY A 1 103 ? -11.546 -4.702  3.457   1.00 2.00   ? 125 GLY A C   1 
ATOM 797  O O   . GLY A 1 103 ? -11.865 -5.868  3.693   1.00 2.00   ? 125 GLY A O   1 
ATOM 798  N N   . LEU A 1 104 ? -10.580 -4.424  2.578   1.00 2.00   ? 126 LEU A N   1 
ATOM 799  C CA  . LEU A 1 104 ? -10.103 -5.453  1.676   1.00 2.00   ? 126 LEU A CA  1 
ATOM 800  C C   . LEU A 1 104 ? -9.508  -6.614  2.439   1.00 2.00   ? 126 LEU A C   1 
ATOM 801  O O   . LEU A 1 104 ? -9.221  -7.659  1.859   1.00 2.00   ? 126 LEU A O   1 
ATOM 802  C CB  . LEU A 1 104 ? -9.045  -4.895  0.741   1.00 2.00   ? 126 LEU A CB  1 
ATOM 803  C CG  . LEU A 1 104 ? -8.998  -5.524  -0.644  1.00 2.00   ? 126 LEU A CG  1 
ATOM 804  C CD1 . LEU A 1 104 ? -9.711  -4.641  -1.653  1.00 2.00   ? 126 LEU A CD1 1 
ATOM 805  C CD2 . LEU A 1 104 ? -7.563  -5.778  -1.061  1.00 2.00   ? 126 LEU A CD2 1 
ATOM 806  N N   . LEU A 1 105 ? -8.929  -6.319  3.593   1.00 28.18  ? 127 LEU A N   1 
ATOM 807  C CA  . LEU A 1 105 ? -8.355  -7.386  4.371   1.00 28.18  ? 127 LEU A CA  1 
ATOM 808  C C   . LEU A 1 105 ? -9.433  -8.333  4.855   1.00 28.18  ? 127 LEU A C   1 
ATOM 809  O O   . LEU A 1 105 ? -9.547  -9.446  4.349   1.00 28.18  ? 127 LEU A O   1 
ATOM 810  C CB  . LEU A 1 105 ? -7.612  -6.831  5.566   1.00 52.67  ? 127 LEU A CB  1 
ATOM 811  C CG  . LEU A 1 105 ? -6.769  -7.846  6.314   1.00 52.67  ? 127 LEU A CG  1 
ATOM 812  C CD1 . LEU A 1 105 ? -5.324  -7.775  5.845   1.00 52.67  ? 127 LEU A CD1 1 
ATOM 813  C CD2 . LEU A 1 105 ? -6.886  -7.629  7.814   1.00 52.67  ? 127 LEU A CD2 1 
ATOM 814  N N   . SER A 1 106 ? -10.449 -7.794  5.522   1.00 78.19  ? 128 SER A N   1 
ATOM 815  C CA  . SER A 1 106 ? -11.518 -8.636  6.020   1.00 78.19  ? 128 SER A CA  1 
ATOM 816  C C   . SER A 1 106 ? -12.297 -9.315  4.902   1.00 78.19  ? 128 SER A C   1 
ATOM 817  O O   . SER A 1 106 ? -12.676 -10.480 5.025   1.00 78.19  ? 128 SER A O   1 
ATOM 818  C CB  . SER A 1 106 ? -12.460 -7.798  6.870   1.00 124.64 ? 128 SER A CB  1 
ATOM 819  O OG  . SER A 1 106 ? -11.774 -7.271  7.996   1.00 124.64 ? 128 SER A OG  1 
ATOM 820  N N   . ASN A 1 107 ? -12.270 -8.738  3.699   1.00 2.00   ? 129 ASN A N   1 
ATOM 821  C CA  . ASN A 1 107 ? -12.997 -9.347  2.599   1.00 2.00   ? 129 ASN A CA  1 
ATOM 822  C C   . ASN A 1 107 ? -12.203 -10.502 2.008   1.00 2.00   ? 129 ASN A C   1 
ATOM 823  O O   . ASN A 1 107 ? -12.729 -11.596 1.788   1.00 2.00   ? 129 ASN A O   1 
ATOM 824  C CB  . ASN A 1 107 ? -13.272 -8.301  1.532   1.00 39.52  ? 129 ASN A CB  1 
ATOM 825  C CG  . ASN A 1 107 ? -14.355 -7.330  1.975   1.00 39.52  ? 129 ASN A CG  1 
ATOM 826  O OD1 . ASN A 1 107 ? -15.243 -7.669  2.761   1.00 39.52  ? 129 ASN A OD1 1 
ATOM 827  N ND2 . ASN A 1 107 ? -14.311 -6.092  1.489   1.00 39.52  ? 129 ASN A ND2 1 
ATOM 828  N N   . VAL A 1 108 ? -10.974 -10.223 1.561   1.00 2.00   ? 130 VAL A N   1 
ATOM 829  C CA  . VAL A 1 108 ? -10.129 -11.275 1.015   1.00 2.00   ? 130 VAL A CA  1 
ATOM 830  C C   . VAL A 1 108 ? -9.946  -12.372 2.057   1.00 2.00   ? 130 VAL A C   1 
ATOM 831  O O   . VAL A 1 108 ? -10.039 -13.566 1.758   1.00 2.00   ? 130 VAL A O   1 
ATOM 832  C CB  . VAL A 1 108 ? -8.767  -10.674 0.635   1.00 83.71  ? 130 VAL A CB  1 
ATOM 833  C CG1 . VAL A 1 108 ? -7.773  -11.773 0.285   1.00 83.71  ? 130 VAL A CG1 1 
ATOM 834  C CG2 . VAL A 1 108 ? -8.930  -9.710  -0.530  1.00 83.71  ? 130 VAL A CG2 1 
ATOM 835  N N   . LEU A 1 109 ? -10.066 -11.982 3.326   1.00 2.00   ? 131 LEU A N   1 
ATOM 836  C CA  . LEU A 1 109 ? -9.924  -12.944 4.395   1.00 2.00   ? 131 LEU A CA  1 
ATOM 837  C C   . LEU A 1 109 ? -11.196 -13.757 4.542   1.00 2.00   ? 131 LEU A C   1 
ATOM 838  O O   . LEU A 1 109 ? -11.149 -14.979 4.678   1.00 2.00   ? 131 LEU A O   1 
ATOM 839  C CB  . LEU A 1 109 ? -9.622  -12.230 5.706   1.00 2.00   ? 131 LEU A CB  1 
ATOM 840  C CG  . LEU A 1 109 ? -8.782  -12.994 6.714   1.00 2.00   ? 131 LEU A CG  1 
ATOM 841  C CD1 . LEU A 1 109 ? -9.671  -13.576 7.798   1.00 2.00   ? 131 LEU A CD1 1 
ATOM 842  C CD2 . LEU A 1 109 ? -7.995  -14.086 6.010   1.00 2.00   ? 131 LEU A CD2 1 
ATOM 843  N N   . CYS A 1 110 ? -12.358 -13.122 4.363   1.00 16.35  ? 132 CYS A N   1 
ATOM 844  C CA  . CYS A 1 110 ? -13.581 -13.886 4.481   1.00 16.35  ? 132 CYS A CA  1 
ATOM 845  C C   . CYS A 1 110 ? -13.717 -14.853 3.317   1.00 16.35  ? 132 CYS A C   1 
ATOM 846  O O   . CYS A 1 110 ? -14.403 -15.866 3.410   1.00 16.35  ? 132 CYS A O   1 
ATOM 847  C CB  . CYS A 1 110 ? -14.786 -12.965 4.533   1.00 77.80  ? 132 CYS A CB  1 
ATOM 848  S SG  . CYS A 1 110 ? -15.826 -13.319 5.972   1.00 77.80  ? 132 CYS A SG  1 
ATOM 849  N N   . ARG A 1 111 ? -13.156 -14.513 2.156   1.00 3.15   ? 133 ARG A N   1 
ATOM 850  C CA  . ARG A 1 111 ? -13.235 -15.435 1.038   1.00 3.15   ? 133 ARG A CA  1 
ATOM 851  C C   . ARG A 1 111 ? -12.224 -16.556 1.244   1.00 3.15   ? 133 ARG A C   1 
ATOM 852  O O   . ARG A 1 111 ? -12.477 -17.711 0.904   1.00 3.15   ? 133 ARG A O   1 
ATOM 853  C CB  . ARG A 1 111 ? -12.943 -14.695 -0.260  1.00 2.00   ? 133 ARG A CB  1 
ATOM 854  C CG  . ARG A 1 111 ? -12.800 -15.619 -1.463  1.00 2.00   ? 133 ARG A CG  1 
ATOM 855  C CD  . ARG A 1 111 ? -14.170 -16.060 -1.966  1.00 2.00   ? 133 ARG A CD  1 
ATOM 856  N NE  . ARG A 1 111 ? -14.121 -16.455 -3.367  1.00 2.00   ? 133 ARG A NE  1 
ATOM 857  C CZ  . ARG A 1 111 ? -15.242 -16.525 -4.094  1.00 2.00   ? 133 ARG A CZ  1 
ATOM 858  N NH1 . ARG A 1 111 ? -15.169 -16.882 -5.379  1.00 2.00   ? 133 ARG A NH1 1 
ATOM 859  N NH2 . ARG A 1 111 ? -16.434 -16.442 -3.502  1.00 2.00   ? 133 ARG A NH2 1 
ATOM 860  N N   . LEU A 1 112 ? -11.264 -16.307 2.133   1.00 23.88  ? 134 LEU A N   1 
ATOM 861  C CA  . LEU A 1 112 ? -10.255 -17.299 2.438   1.00 23.88  ? 134 LEU A CA  1 
ATOM 862  C C   . LEU A 1 112 ? -10.760 -18.276 3.495   1.00 23.88  ? 134 LEU A C   1 
ATOM 863  O O   . LEU A 1 112 ? -10.931 -19.470 3.235   1.00 23.88  ? 134 LEU A O   1 
ATOM 864  C CB  . LEU A 1 112 ? -9.003  -16.604 2.954   1.00 142.49 ? 134 LEU A CB  1 
ATOM 865  C CG  . LEU A 1 112 ? -8.010  -16.057 1.936   1.00 142.49 ? 134 LEU A CG  1 
ATOM 866  C CD1 . LEU A 1 112 ? -8.671  -15.865 0.582   1.00 142.49 ? 134 LEU A CD1 1 
ATOM 867  C CD2 . LEU A 1 112 ? -7.418  -14.749 2.435   1.00 142.49 ? 134 LEU A CD2 1 
ATOM 868  N N   . CYS A 1 113 ? -10.890 -17.825 4.745   1.00 99.42  ? 135 CYS A N   1 
ATOM 869  C CA  . CYS A 1 113 ? -11.377 -18.708 5.792   1.00 99.42  ? 135 CYS A CA  1 
ATOM 870  C C   . CYS A 1 113 ? -12.689 -19.376 5.402   1.00 99.42  ? 135 CYS A C   1 
ATOM 871  O O   . CYS A 1 113 ? -13.141 -20.316 6.056   1.00 99.42  ? 135 CYS A O   1 
ATOM 872  C CB  . CYS A 1 113 ? -11.574 -17.920 7.080   1.00 47.58  ? 135 CYS A CB  1 
ATOM 873  S SG  . CYS A 1 113 ? -10.369 -18.323 8.375   1.00 47.58  ? 135 CYS A SG  1 
ATOM 874  N N   . SER A 1 114 ? -13.448 -18.750 4.503   1.00 136.16 ? 136 SER A N   1 
ATOM 875  C CA  . SER A 1 114 ? -14.705 -19.346 4.088   1.00 136.16 ? 136 SER A CA  1 
ATOM 876  C C   . SER A 1 114 ? -14.502 -20.327 2.944   1.00 136.16 ? 136 SER A C   1 
ATOM 877  O O   . SER A 1 114 ? -13.526 -21.073 2.945   1.00 136.16 ? 136 SER A O   1 
ATOM 878  C CB  . SER A 1 114 ? -15.680 -18.259 3.667   1.00 183.65 ? 136 SER A CB  1 
ATOM 879  O OG  . SER A 1 114 ? -16.441 -17.800 4.774   1.00 183.65 ? 136 SER A OG  1 
ATOM 880  N N   . LYS A 1 115 ? -15.552 -20.584 2.161   1.00 48.76  ? 137 LYS A N   1 
ATOM 881  C CA  . LYS A 1 115 ? -15.425 -21.516 1.051   1.00 48.76  ? 137 LYS A CA  1 
ATOM 882  C C   . LYS A 1 115 ? -14.058 -21.436 0.385   1.00 48.76  ? 137 LYS A C   1 
ATOM 883  O O   . LYS A 1 115 ? -13.904 -20.797 -0.659  1.00 48.76  ? 137 LYS A O   1 
ATOM 884  C CB  . LYS A 1 115 ? -16.504 -21.238 0.017   1.00 152.04 ? 137 LYS A CB  1 
ATOM 885  C CG  . LYS A 1 115 ? -17.199 -22.506 -0.459  1.00 152.04 ? 137 LYS A CG  1 
ATOM 886  C CD  . LYS A 1 115 ? -16.208 -23.419 -1.162  1.00 152.04 ? 137 LYS A CD  1 
ATOM 887  C CE  . LYS A 1 115 ? -16.948 -24.455 -1.995  1.00 152.04 ? 137 LYS A CE  1 
ATOM 888  N NZ  . LYS A 1 115 ? -16.617 -24.309 -3.400  1.00 152.04 ? 137 LYS A NZ  1 
ATOM 889  N N   . TYR A 1 116 ? -13.193 -22.380 0.745   1.00 155.44 ? 138 TYR A N   1 
ATOM 890  C CA  . TYR A 1 116 ? -11.849 -22.422 0.204   1.00 155.44 ? 138 TYR A CA  1 
ATOM 891  C C   . TYR A 1 116 ? -10.946 -23.150 1.172   1.00 155.44 ? 138 TYR A C   1 
ATOM 892  O O   . TYR A 1 116 ? -9.851  -23.567 0.802   1.00 155.44 ? 138 TYR A O   1 
ATOM 893  C CB  . TYR A 1 116 ? -11.306 -21.022 -0.002  1.00 107.56 ? 138 TYR A CB  1 
ATOM 894  C CG  . TYR A 1 116 ? -11.102 -20.715 -1.472  1.00 107.56 ? 138 TYR A CG  1 
ATOM 895  C CD1 . TYR A 1 116 ? -10.568 -21.683 -2.303  1.00 107.56 ? 138 TYR A CD1 1 
ATOM 896  C CD2 . TYR A 1 116 ? -11.440 -19.471 -1.968  1.00 107.56 ? 138 TYR A CD2 1 
ATOM 897  C CE1 . TYR A 1 116 ? -10.361 -21.404 -3.636  1.00 107.56 ? 138 TYR A CE1 1 
ATOM 898  C CE2 . TYR A 1 116 ? -11.234 -19.187 -3.302  1.00 107.56 ? 138 TYR A CE2 1 
ATOM 899  C CZ  . TYR A 1 116 ? -10.692 -20.156 -4.119  1.00 107.56 ? 138 TYR A CZ  1 
ATOM 900  O OH  . TYR A 1 116 ? -10.444 -19.859 -5.442  1.00 107.56 ? 138 TYR A OH  1 
ATOM 901  N N   . HIS A 1 117 ? -11.175 -22.880 2.453   1.00 54.26  ? 139 HIS A N   1 
ATOM 902  C CA  . HIS A 1 117 ? -10.399 -23.523 3.490   1.00 54.26  ? 139 HIS A CA  1 
ATOM 903  C C   . HIS A 1 117 ? -8.985  -22.983 3.566   1.00 54.26  ? 139 HIS A C   1 
ATOM 904  O O   . HIS A 1 117 ? -8.145  -23.299 2.726   1.00 54.26  ? 139 HIS A O   1 
ATOM 905  C CB  . HIS A 1 117 ? -10.356 -25.022 3.248   1.00 188.30 ? 139 HIS A CB  1 
ATOM 906  C CG  . HIS A 1 117 ? -11.415 -25.761 4.048   1.00 188.30 ? 139 HIS A CG  1 
ATOM 907  N ND1 . HIS A 1 117 ? -12.663 -25.904 3.632   1.00 188.30 ? 139 HIS A ND1 1 
ATOM 908  C CD2 . HIS A 1 117 ? -11.250 -26.359 5.266   1.00 188.30 ? 139 HIS A CD2 1 
ATOM 909  C CE1 . HIS A 1 117 ? -13.269 -26.585 4.576   1.00 188.30 ? 139 HIS A CE1 1 
ATOM 910  N NE2 . HIS A 1 117 ? -12.423 -26.853 5.552   1.00 188.30 ? 139 HIS A NE2 1 
ATOM 911  N N   . VAL A 1 118 ? -8.806  -21.903 4.315   1.00 77.42  ? 140 VAL A N   1 
ATOM 912  C CA  . VAL A 1 118 ? -7.480  -21.334 4.467   1.00 77.42  ? 140 VAL A CA  1 
ATOM 913  C C   . VAL A 1 118 ? -7.160  -21.172 5.943   1.00 77.42  ? 140 VAL A C   1 
ATOM 914  O O   . VAL A 1 118 ? -5.995  -21.167 6.341   1.00 77.42  ? 140 VAL A O   1 
ATOM 915  C CB  . VAL A 1 118 ? -7.389  -19.974 3.762   1.00 2.00   ? 140 VAL A CB  1 
ATOM 916  C CG1 . VAL A 1 118 ? -6.092  -19.286 4.147   1.00 2.00   ? 140 VAL A CG1 1 
ATOM 917  C CG2 . VAL A 1 118 ? -7.485  -20.147 2.254   1.00 2.00   ? 140 VAL A CG2 1 
ATOM 918  N N   . GLY A 1 119 ? -8.157  -20.748 6.722   1.00 73.59  ? 141 GLY A N   1 
ATOM 919  C CA  . GLY A 1 119 ? -7.962  -20.577 8.150   1.00 73.59  ? 141 GLY A CA  1 
ATOM 920  C C   . GLY A 1 119 ? -6.871  -19.571 8.474   1.00 73.59  ? 141 GLY A C   1 
ATOM 921  O O   . GLY A 1 119 ? -7.150  -18.454 8.913   1.00 73.59  ? 141 GLY A O   1 
ATOM 922  N N   . HIS A 1 120 ? -5.639  -20.049 8.601   1.00 62.40  ? 142 HIS A N   1 
ATOM 923  C CA  . HIS A 1 120 ? -4.552  -19.148 8.908   1.00 62.40  ? 142 HIS A CA  1 
ATOM 924  C C   . HIS A 1 120 ? -3.778  -18.747 7.662   1.00 62.40  ? 142 HIS A C   1 
ATOM 925  O O   . HIS A 1 120 ? -4.080  -19.193 6.554   1.00 62.40  ? 142 HIS A O   1 
ATOM 926  C CB  . HIS A 1 120 ? -3.619  -19.815 9.916   1.00 23.91  ? 142 HIS A CB  1 
ATOM 927  C CG  . HIS A 1 120 ? -2.359  -20.422 9.305   1.00 23.91  ? 142 HIS A CG  1 
ATOM 928  N ND1 . HIS A 1 120 ? -1.206  -20.478 9.952   1.00 23.91  ? 142 HIS A ND1 1 
ATOM 929  C CD2 . HIS A 1 120 ? -2.198  -20.912 8.033   1.00 23.91  ? 142 HIS A CD2 1 
ATOM 930  C CE1 . HIS A 1 120 ? -0.339  -20.965 9.093   1.00 23.91  ? 142 HIS A CE1 1 
ATOM 931  N NE2 . HIS A 1 120 ? -0.936  -21.218 7.947   1.00 23.91  ? 142 HIS A NE2 1 
ATOM 932  N N   . VAL A 1 121 ? -3.058  -17.637 7.757   1.00 89.48  ? 143 VAL A N   1 
ATOM 933  C CA  . VAL A 1 121 ? -2.242  -17.190 6.647   1.00 89.48  ? 143 VAL A CA  1 
ATOM 934  C C   . VAL A 1 121 ? -0.970  -16.572 7.201   1.00 89.48  ? 143 VAL A C   1 
ATOM 935  O O   . VAL A 1 121 ? -0.968  -16.022 8.303   1.00 89.48  ? 143 VAL A O   1 
ATOM 936  C CB  . VAL A 1 121 ? -2.985  -16.166 5.784   1.00 46.09  ? 143 VAL A CB  1 
ATOM 937  C CG1 . VAL A 1 121 ? -2.155  -15.839 4.551   1.00 46.09  ? 143 VAL A CG1 1 
ATOM 938  C CG2 . VAL A 1 121 ? -4.350  -16.700 5.384   1.00 46.09  ? 143 VAL A CG2 1 
ATOM 939  N N   . ASP A 1 122 ? 0.173   -16.960 6.652   1.00 20.25  ? 144 ASP A N   1 
ATOM 940  C CA  . ASP A 1 122 ? 1.428   -16.430 7.148   1.00 20.25  ? 144 ASP A CA  1 
ATOM 941  C C   . ASP A 1 122 ? 1.945   -15.298 6.273   1.00 20.25  ? 144 ASP A C   1 
ATOM 942  O O   . ASP A 1 122 ? 2.226   -15.509 5.092   1.00 20.25  ? 144 ASP A O   1 
ATOM 943  C CB  . ASP A 1 122 ? 2.425   -17.573 7.224   1.00 66.70  ? 144 ASP A CB  1 
ATOM 944  C CG  . ASP A 1 122 ? 1.779   -18.817 7.823   1.00 66.70  ? 144 ASP A CG  1 
ATOM 945  O OD1 . ASP A 1 122 ? 1.438   -18.769 9.005   1.00 66.70  ? 144 ASP A OD1 1 
ATOM 946  O OD2 . ASP A 1 122 ? 1.333   -19.676 7.057   1.00 66.70  ? 144 ASP A OD2 1 
ATOM 947  N N   . VAL A 1 123 ? 2.462   -14.237 6.896   1.00 113.12 ? 145 VAL A N   1 
ATOM 948  C CA  . VAL A 1 123 ? 2.915   -13.114 6.095   1.00 113.12 ? 145 VAL A CA  1 
ATOM 949  C C   . VAL A 1 123 ? 4.237   -12.488 6.515   1.00 113.12 ? 145 VAL A C   1 
ATOM 950  O O   . VAL A 1 123 ? 4.995   -12.011 5.670   1.00 113.12 ? 145 VAL A O   1 
ATOM 951  C CB  . VAL A 1 123 ? 1.816   -12.050 6.107   1.00 46.56  ? 145 VAL A CB  1 
ATOM 952  C CG1 . VAL A 1 123 ? 1.393   -11.758 7.537   1.00 46.56  ? 145 VAL A CG1 1 
ATOM 953  C CG2 . VAL A 1 123 ? 2.295   -10.785 5.417   1.00 46.56  ? 145 VAL A CG2 1 
ATOM 954  N N   . THR A 1 124 ? 4.527   -12.401 7.811   1.00 140.02 ? 146 THR A N   1 
ATOM 955  C CA  . THR A 1 124 ? 5.767   -11.773 8.242   1.00 140.02 ? 146 THR A CA  1 
ATOM 956  C C   . THR A 1 124 ? 5.807   -10.315 7.809   1.00 140.02 ? 146 THR A C   1 
ATOM 957  O O   . THR A 1 124 ? 6.038   -9.993  6.645   1.00 140.02 ? 146 THR A O   1 
ATOM 958  C CB  . THR A 1 124 ? 6.993   -12.535 7.717   1.00 63.03  ? 146 THR A CB  1 
ATOM 959  O OG1 . THR A 1 124 ? 7.324   -11.961 6.457   1.00 63.03  ? 146 THR A OG1 1 
ATOM 960  C CG2 . THR A 1 124 ? 6.723   -14.030 7.605   1.00 63.03  ? 146 THR A CG2 1 
ATOM 961  N N   . TYR A 1 125 ? 5.236   -9.451  8.647   1.00 62.56  ? 147 TYR A N   1 
ATOM 962  C CA  . TYR A 1 125 ? 5.195   -8.031  8.334   1.00 62.56  ? 147 TYR A CA  1 
ATOM 963  C C   . TYR A 1 125 ? 6.510   -7.508  7.777   1.00 62.56  ? 147 TYR A C   1 
ATOM 964  O O   . TYR A 1 125 ? 7.591   -7.868  8.245   1.00 62.56  ? 147 TYR A O   1 
ATOM 965  C CB  . TYR A 1 125 ? 4.804   -7.250  9.578   1.00 132.80 ? 147 TYR A CB  1 
ATOM 966  C CG  . TYR A 1 125 ? 3.426   -7.654  10.081  1.00 132.80 ? 147 TYR A CG  1 
ATOM 967  C CD1 . TYR A 1 125 ? 3.303   -8.649  11.038  1.00 132.80 ? 147 TYR A CD1 1 
ATOM 968  C CD2 . TYR A 1 125 ? 2.297   -7.075  9.527   1.00 132.80 ? 147 TYR A CD2 1 
ATOM 969  C CE1 . TYR A 1 125 ? 2.048   -9.079  11.432  1.00 132.80 ? 147 TYR A CE1 1 
ATOM 970  C CE2 . TYR A 1 125 ? 1.042   -7.500  9.922   1.00 132.80 ? 147 TYR A CE2 1 
ATOM 971  C CZ  . TYR A 1 125 ? 0.928   -8.501  10.866  1.00 132.80 ? 147 TYR A CZ  1 
ATOM 972  O OH  . TYR A 1 125 ? -0.324  -8.953  11.228  1.00 132.80 ? 147 TYR A OH  1 
ATOM 973  N N   . GLY A 1 126 ? 6.428   -6.426  7.011   1.00 176.67 ? 148 GLY A N   1 
ATOM 974  C CA  . GLY A 1 126 ? 7.618   -5.864  6.409   1.00 176.67 ? 148 GLY A CA  1 
ATOM 975  C C   . GLY A 1 126 ? 8.540   -5.174  7.399   1.00 176.67 ? 148 GLY A C   1 
ATOM 976  O O   . GLY A 1 126 ? 8.858   -5.710  8.460   1.00 176.67 ? 148 GLY A O   1 
ATOM 977  N N   . PRO A 1 127 ? 9.206   -4.113  6.942   1.00 81.56  ? 149 PRO A N   1 
ATOM 978  C CA  . PRO A 1 127 ? 10.172  -3.422  7.793   1.00 81.56  ? 149 PRO A CA  1 
ATOM 979  C C   . PRO A 1 127 ? 9.538   -2.417  8.745   1.00 81.56  ? 149 PRO A C   1 
ATOM 980  O O   . PRO A 1 127 ? 8.679   -1.623  8.351   1.00 81.56  ? 149 PRO A O   1 
ATOM 981  C CB  . PRO A 1 127 ? 11.125  -2.732  6.842   1.00 104.34 ? 149 PRO A CB  1 
ATOM 982  C CG  . PRO A 1 127 ? 10.727  -3.076  5.427   1.00 104.34 ? 149 PRO A CG  1 
ATOM 983  C CD  . PRO A 1 127 ? 9.551   -4.030  5.523   1.00 104.34 ? 149 PRO A CD  1 
ATOM 984  N N   . ASP A 1 128 ? 10.186  -2.210  9.894   1.00 2.00   ? 150 ASP A N   1 
ATOM 985  C CA  . ASP A 1 128 ? 9.665   -1.270  10.871  1.00 2.00   ? 150 ASP A CA  1 
ATOM 986  C C   . ASP A 1 128 ? 10.488  0.006   10.873  1.00 2.00   ? 150 ASP A C   1 
ATOM 987  O O   . ASP A 1 128 ? 10.614  0.659   11.913  1.00 2.00   ? 150 ASP A O   1 
ATOM 988  C CB  . ASP A 1 128 ? 9.693   -1.895  12.258  1.00 111.91 ? 150 ASP A CB  1 
ATOM 989  C CG  . ASP A 1 128 ? 8.596   -1.343  13.154  1.00 111.91 ? 150 ASP A CG  1 
ATOM 990  O OD1 . ASP A 1 128 ? 7.428   -1.596  12.862  1.00 111.91 ? 150 ASP A OD1 1 
ATOM 991  O OD2 . ASP A 1 128 ? 8.892   -0.447  13.945  1.00 111.91 ? 150 ASP A OD2 1 
ATOM 992  N N   . THR A 1 129 ? 10.618  0.586   9.676   1.00 2.00   ? 151 THR A N   1 
ATOM 993  C CA  . THR A 1 129 ? 11.397  1.800   9.492   1.00 2.00   ? 151 THR A CA  1 
ATOM 994  C C   . THR A 1 129 ? 11.089  2.920   10.486  1.00 2.00   ? 151 THR A C   1 
ATOM 995  O O   . THR A 1 129 ? 10.227  3.776   10.258  1.00 2.00   ? 151 THR A O   1 
ATOM 996  C CB  . THR A 1 129 ? 11.233  2.277   8.042   1.00 65.77  ? 151 THR A CB  1 
ATOM 997  O OG1 . THR A 1 129 ? 12.265  3.231   7.837   1.00 65.77  ? 151 THR A OG1 1 
ATOM 998  C CG2 . THR A 1 129 ? 9.857   2.866   7.760   1.00 65.77  ? 151 THR A CG2 1 
ATOM 999  N N   . SER A 1 130 ? 11.993  3.112   11.444  1.00 146.63 ? 152 SER A N   1 
ATOM 1000 C CA  . SER A 1 130 ? 11.801  4.153   12.433  1.00 146.63 ? 152 SER A CA  1 
ATOM 1001 C C   . SER A 1 130 ? 13.126  4.659   12.983  1.00 146.63 ? 152 SER A C   1 
ATOM 1002 O O   . SER A 1 130 ? 13.320  5.861   13.157  1.00 146.63 ? 152 SER A O   1 
ATOM 1003 C CB  . SER A 1 130 ? 10.943  3.636   13.574  1.00 70.02  ? 152 SER A CB  1 
ATOM 1004 O OG  . SER A 1 130 ? 11.571  2.542   14.225  1.00 70.02  ? 152 SER A OG  1 
ATOM 1005 N N   . GLY A 1 131 ? 14.133  3.793   13.080  1.00 125.51 ? 153 GLY A N   1 
ATOM 1006 C CA  . GLY A 1 131 ? 15.409  4.245   13.598  1.00 125.51 ? 153 GLY A CA  1 
ATOM 1007 C C   . GLY A 1 131 ? 16.299  4.811   12.502  1.00 125.51 ? 153 GLY A C   1 
ATOM 1008 O O   . GLY A 1 131 ? 17.410  5.265   12.768  1.00 125.51 ? 153 GLY A O   1 
ATOM 1009 N N   . LYS A 1 132 ? 15.727  5.085   11.330  1.00 45.05  ? 154 LYS A N   1 
ATOM 1010 C CA  . LYS A 1 132 ? 16.526  5.619   10.241  1.00 45.05  ? 154 LYS A CA  1 
ATOM 1011 C C   . LYS A 1 132 ? 16.554  7.138   10.234  1.00 45.05  ? 154 LYS A C   1 
ATOM 1012 O O   . LYS A 1 132 ? 15.791  7.810   10.929  1.00 45.05  ? 154 LYS A O   1 
ATOM 1013 C CB  . LYS A 1 132 ? 15.980  5.150   8.898   1.00 36.07  ? 154 LYS A CB  1 
ATOM 1014 C CG  . LYS A 1 132 ? 15.583  3.680   8.883   1.00 36.07  ? 154 LYS A CG  1 
ATOM 1015 C CD  . LYS A 1 132 ? 15.884  3.078   7.518   1.00 36.07  ? 154 LYS A CD  1 
ATOM 1016 C CE  . LYS A 1 132 ? 16.507  1.698   7.676   1.00 36.07  ? 154 LYS A CE  1 
ATOM 1017 N NZ  . LYS A 1 132 ? 15.492  0.667   7.568   1.00 36.07  ? 154 LYS A NZ  1 
ATOM 1018 N N   . ASP A 1 133 ? 17.453  7.712   9.443   1.00 71.60  ? 155 ASP A N   1 
ATOM 1019 C CA  . ASP A 1 133 ? 17.519  9.154   9.367   1.00 71.60  ? 155 ASP A CA  1 
ATOM 1020 C C   . ASP A 1 133 ? 16.265  9.682   8.690   1.00 71.60  ? 155 ASP A C   1 
ATOM 1021 O O   . ASP A 1 133 ? 15.601  8.941   7.969   1.00 71.60  ? 155 ASP A O   1 
ATOM 1022 C CB  . ASP A 1 133 ? 18.749  9.559   8.572   1.00 55.64  ? 155 ASP A CB  1 
ATOM 1023 C CG  . ASP A 1 133 ? 18.512  10.788  7.714   1.00 55.64  ? 155 ASP A CG  1 
ATOM 1024 O OD1 . ASP A 1 133 ? 18.431  10.641  6.496   1.00 55.64  ? 155 ASP A OD1 1 
ATOM 1025 O OD2 . ASP A 1 133 ? 18.227  11.846  8.274   1.00 55.64  ? 155 ASP A OD2 1 
ATOM 1026 N N   . VAL A 1 134 ? 15.706  10.766  9.221   1.00 2.00   ? 156 VAL A N   1 
ATOM 1027 C CA  . VAL A 1 134 ? 14.497  11.308  8.618   1.00 2.00   ? 156 VAL A CA  1 
ATOM 1028 C C   . VAL A 1 134 ? 14.504  11.255  7.098   1.00 2.00   ? 156 VAL A C   1 
ATOM 1029 O O   . VAL A 1 134 ? 13.495  10.925  6.492   1.00 2.00   ? 156 VAL A O   1 
ATOM 1030 C CB  . VAL A 1 134 ? 14.234  12.749  9.096   1.00 13.65  ? 156 VAL A CB  1 
ATOM 1031 C CG1 . VAL A 1 134 ? 15.496  13.361  9.680   1.00 13.65  ? 156 VAL A CG1 1 
ATOM 1032 C CG2 . VAL A 1 134 ? 13.699  13.602  7.954   1.00 13.65  ? 156 VAL A CG2 1 
ATOM 1033 N N   . PHE A 1 135 ? 15.532  11.768  6.429   1.00 54.10  ? 157 PHE A N   1 
ATOM 1034 C CA  . PHE A 1 135 ? 15.500  11.700  4.980   1.00 54.10  ? 157 PHE A CA  1 
ATOM 1035 C C   . PHE A 1 135 ? 15.183  10.291  4.514   1.00 54.10  ? 157 PHE A C   1 
ATOM 1036 O O   . PHE A 1 135 ? 14.669  10.087  3.418   1.00 54.10  ? 157 PHE A O   1 
ATOM 1037 C CB  . PHE A 1 135 ? 16.826  12.131  4.377   1.00 2.00   ? 157 PHE A CB  1 
ATOM 1038 C CG  . PHE A 1 135 ? 16.710  12.422  2.888   1.00 2.00   ? 157 PHE A CG  1 
ATOM 1039 C CD1 . PHE A 1 135 ? 17.119  11.475  1.965   1.00 2.00   ? 157 PHE A CD1 1 
ATOM 1040 C CD2 . PHE A 1 135 ? 16.163  13.619  2.457   1.00 2.00   ? 157 PHE A CD2 1 
ATOM 1041 C CE1 . PHE A 1 135 ? 16.972  11.727  0.613   1.00 2.00   ? 157 PHE A CE1 1 
ATOM 1042 C CE2 . PHE A 1 135 ? 16.021  13.860  1.103   1.00 2.00   ? 157 PHE A CE2 1 
ATOM 1043 C CZ  . PHE A 1 135 ? 16.421  12.917  0.182   1.00 2.00   ? 157 PHE A CZ  1 
ATOM 1044 N N   . GLN A 1 136 ? 15.656  9.279   5.234   1.00 2.00   ? 158 GLN A N   1 
ATOM 1045 C CA  . GLN A 1 136 ? 15.350  7.922   4.818   1.00 2.00   ? 158 GLN A CA  1 
ATOM 1046 C C   . GLN A 1 136 ? 13.872  7.606   5.022   1.00 2.00   ? 158 GLN A C   1 
ATOM 1047 O O   . GLN A 1 136 ? 13.175  7.200   4.092   1.00 2.00   ? 158 GLN A O   1 
ATOM 1048 C CB  . GLN A 1 136 ? 16.188  6.925   5.601   1.00 2.00   ? 158 GLN A CB  1 
ATOM 1049 C CG  . GLN A 1 136 ? 17.672  7.016   5.278   1.00 2.00   ? 158 GLN A CG  1 
ATOM 1050 C CD  . GLN A 1 136 ? 17.996  6.924   3.791   1.00 2.00   ? 158 GLN A CD  1 
ATOM 1051 O OE1 . GLN A 1 136 ? 18.455  7.881   3.168   1.00 2.00   ? 158 GLN A OE1 1 
ATOM 1052 N NE2 . GLN A 1 136 ? 17.773  5.764   3.180   1.00 2.00   ? 158 GLN A NE2 1 
ATOM 1053 N N   . LYS A 1 137 ? 13.313  8.036   6.152   1.00 2.00   ? 159 LYS A N   1 
ATOM 1054 C CA  . LYS A 1 137 ? 11.911  7.789   6.428   1.00 2.00   ? 159 LYS A CA  1 
ATOM 1055 C C   . LYS A 1 137 ? 11.017  8.374   5.353   1.00 2.00   ? 159 LYS A C   1 
ATOM 1056 O O   . LYS A 1 137 ? 9.956   7.846   5.047   1.00 2.00   ? 159 LYS A O   1 
ATOM 1057 C CB  . LYS A 1 137 ? 11.537  8.404   7.769   1.00 18.61  ? 159 LYS A CB  1 
ATOM 1058 C CG  . LYS A 1 137 ? 12.207  7.707   8.944   1.00 18.61  ? 159 LYS A CG  1 
ATOM 1059 C CD  . LYS A 1 137 ? 11.173  6.924   9.740   1.00 18.61  ? 159 LYS A CD  1 
ATOM 1060 C CE  . LYS A 1 137 ? 11.084  7.461   11.158  1.00 18.61  ? 159 LYS A CE  1 
ATOM 1061 N NZ  . LYS A 1 137 ? 10.804  8.882   11.149  1.00 18.61  ? 159 LYS A NZ  1 
ATOM 1062 N N   . LYS A 1 138 ? 11.424  9.487   4.758   1.00 2.00   ? 160 LYS A N   1 
ATOM 1063 C CA  . LYS A 1 138 ? 10.606  10.093  3.733   1.00 2.00   ? 160 LYS A CA  1 
ATOM 1064 C C   . LYS A 1 138 ? 10.755  9.386   2.398   1.00 2.00   ? 160 LYS A C   1 
ATOM 1065 O O   . LYS A 1 138 ? 9.817   9.360   1.596   1.00 2.00   ? 160 LYS A O   1 
ATOM 1066 C CB  . LYS A 1 138 ? 11.002  11.546  3.558   1.00 2.00   ? 160 LYS A CB  1 
ATOM 1067 C CG  . LYS A 1 138 ? 10.730  12.376  4.798   1.00 2.00   ? 160 LYS A CG  1 
ATOM 1068 C CD  . LYS A 1 138 ? 10.446  13.819  4.405   1.00 2.00   ? 160 LYS A CD  1 
ATOM 1069 C CE  . LYS A 1 138 ? 11.294  14.783  5.227   1.00 2.00   ? 160 LYS A CE  1 
ATOM 1070 N NZ  . LYS A 1 138 ? 11.193  16.135  4.700   1.00 2.00   ? 160 LYS A NZ  1 
ATOM 1071 N N   . LYS A 1 139 ? 12.004  9.106   2.008   1.00 2.00   ? 161 LYS A N   1 
ATOM 1072 C CA  . LYS A 1 139 ? 12.265  8.442   0.738   1.00 2.00   ? 161 LYS A CA  1 
ATOM 1073 C C   . LYS A 1 139 ? 11.525  7.116   0.605   1.00 2.00   ? 161 LYS A C   1 
ATOM 1074 O O   . LYS A 1 139 ? 10.659  6.956   -0.257  1.00 2.00   ? 161 LYS A O   1 
ATOM 1075 C CB  . LYS A 1 139 ? 13.761  8.221   0.592   1.00 2.00   ? 161 LYS A CB  1 
ATOM 1076 C CG  . LYS A 1 139 ? 14.114  6.938   -0.139  1.00 2.00   ? 161 LYS A CG  1 
ATOM 1077 C CD  . LYS A 1 139 ? 15.546  6.538   0.185   1.00 2.00   ? 161 LYS A CD  1 
ATOM 1078 C CE  . LYS A 1 139 ? 16.342  6.301   -1.090  1.00 2.00   ? 161 LYS A CE  1 
ATOM 1079 N NZ  . LYS A 1 139 ? 16.613  7.561   -1.760  1.00 2.00   ? 161 LYS A NZ  1 
ATOM 1080 N N   . LEU A 1 140 ? 11.681  6.252   1.606   1.00 25.85  ? 162 LEU A N   1 
ATOM 1081 C CA  . LEU A 1 140 ? 11.020  4.957   1.582   1.00 25.85  ? 162 LEU A CA  1 
ATOM 1082 C C   . LEU A 1 140 ? 9.514   5.121   1.584   1.00 25.85  ? 162 LEU A C   1 
ATOM 1083 O O   . LEU A 1 140 ? 8.794   4.195   1.225   1.00 25.85  ? 162 LEU A O   1 
ATOM 1084 C CB  . LEU A 1 140 ? 11.442  4.158   2.802   1.00 2.00   ? 162 LEU A CB  1 
ATOM 1085 C CG  . LEU A 1 140 ? 12.852  4.407   3.310   1.00 2.00   ? 162 LEU A CG  1 
ATOM 1086 C CD1 . LEU A 1 140 ? 12.904  4.220   4.814   1.00 2.00   ? 162 LEU A CD1 1 
ATOM 1087 C CD2 . LEU A 1 140 ? 13.839  3.487   2.614   1.00 2.00   ? 162 LEU A CD2 1 
ATOM 1088 N N   . GLY A 1 141 ? 9.041   6.019   2.435   1.00 2.00   ? 163 GLY A N   1 
ATOM 1089 C CA  . GLY A 1 141 ? 7.624   6.262   2.463   1.00 2.00   ? 163 GLY A CA  1 
ATOM 1090 C C   . GLY A 1 141 ? 7.199   6.643   1.065   1.00 2.00   ? 163 GLY A C   1 
ATOM 1091 O O   . GLY A 1 141 ? 6.111   6.287   0.618   1.00 2.00   ? 163 GLY A O   1 
ATOM 1092 N N   . CYS A 1 142 ? 8.097   7.307   0.323   1.00 2.00   ? 164 CYS A N   1 
ATOM 1093 C CA  . CYS A 1 142 ? 7.785   7.690   -1.049  1.00 2.00   ? 164 CYS A CA  1 
ATOM 1094 C C   . CYS A 1 142 ? 7.933   6.503   -1.985  1.00 2.00   ? 164 CYS A C   1 
ATOM 1095 O O   . CYS A 1 142 ? 6.960   6.101   -2.627  1.00 2.00   ? 164 CYS A O   1 
ATOM 1096 C CB  . CYS A 1 142 ? 8.699   8.803   -1.554  1.00 2.00   ? 164 CYS A CB  1 
ATOM 1097 S SG  . CYS A 1 142 ? 7.868   9.805   -2.819  1.00 2.00   ? 164 CYS A SG  1 
ATOM 1098 N N   . GLN A 1 143 ? 8.939   5.675   -1.709  1.00 2.00   ? 165 GLN A N   1 
ATOM 1099 C CA  . GLN A 1 143 ? 9.146   4.527   -2.563  1.00 2.00   ? 165 GLN A CA  1 
ATOM 1100 C C   . GLN A 1 143 ? 7.996   3.555   -2.424  1.00 2.00   ? 165 GLN A C   1 
ATOM 1101 O O   . GLN A 1 143 ? 7.471   3.044   -3.408  1.00 2.00   ? 165 GLN A O   1 
ATOM 1102 C CB  . GLN A 1 143 ? 10.431  3.827   -2.175  1.00 2.00   ? 165 GLN A CB  1 
ATOM 1103 C CG  . GLN A 1 143 ? 11.575  4.802   -1.980  1.00 2.00   ? 165 GLN A CG  1 
ATOM 1104 C CD  . GLN A 1 143 ? 12.916  4.222   -2.397  1.00 2.00   ? 165 GLN A CD  1 
ATOM 1105 O OE1 . GLN A 1 143 ? 13.461  4.570   -3.444  1.00 2.00   ? 165 GLN A OE1 1 
ATOM 1106 N NE2 . GLN A 1 143 ? 13.473  3.319   -1.593  1.00 2.00   ? 165 GLN A NE2 1 
ATOM 1107 N N   . LEU A 1 144 ? 7.444   3.449   -1.223  1.00 2.00   ? 166 LEU A N   1 
ATOM 1108 C CA  . LEU A 1 144 ? 6.335   2.541   -1.044  1.00 2.00   ? 166 LEU A CA  1 
ATOM 1109 C C   . LEU A 1 144 ? 5.125   3.035   -1.807  1.00 2.00   ? 166 LEU A C   1 
ATOM 1110 O O   . LEU A 1 144 ? 4.318   2.245   -2.285  1.00 2.00   ? 166 LEU A O   1 
ATOM 1111 C CB  . LEU A 1 144 ? 5.954   2.424   0.423   1.00 2.00   ? 166 LEU A CB  1 
ATOM 1112 C CG  . LEU A 1 144 ? 4.635   1.719   0.718   1.00 2.00   ? 166 LEU A CG  1 
ATOM 1113 C CD1 . LEU A 1 144 ? 4.774   0.225   0.480   1.00 2.00   ? 166 LEU A CD1 1 
ATOM 1114 C CD2 . LEU A 1 144 ? 4.184   1.994   2.142   1.00 2.00   ? 166 LEU A CD2 1 
ATOM 1115 N N   . LEU A 1 145 ? 4.811   4.316   -1.675  1.00 2.00   ? 167 LEU A N   1 
ATOM 1116 C CA  . LEU A 1 145 ? 3.657   4.827   -2.379  1.00 2.00   ? 167 LEU A CA  1 
ATOM 1117 C C   . LEU A 1 145 ? 3.782   4.642   -3.879  1.00 2.00   ? 167 LEU A C   1 
ATOM 1118 O O   . LEU A 1 145 ? 2.874   4.110   -4.510  1.00 2.00   ? 167 LEU A O   1 
ATOM 1119 C CB  . LEU A 1 145 ? 3.452   6.295   -2.055  1.00 2.00   ? 167 LEU A CB  1 
ATOM 1120 C CG  . LEU A 1 145 ? 3.101   6.611   -0.610  1.00 2.00   ? 167 LEU A CG  1 
ATOM 1121 C CD1 . LEU A 1 145 ? 2.998   8.109   -0.420  1.00 2.00   ? 167 LEU A CD1 1 
ATOM 1122 C CD2 . LEU A 1 145 ? 1.801   5.935   -0.206  1.00 2.00   ? 167 LEU A CD2 1 
ATOM 1123 N N   . GLY A 1 146 ? 4.999   4.745   -4.410  1.00 2.00   ? 168 GLY A N   1 
ATOM 1124 C CA  . GLY A 1 146 ? 5.162   4.573   -5.843  1.00 2.00   ? 168 GLY A CA  1 
ATOM 1125 C C   . GLY A 1 146 ? 4.926   3.126   -6.245  1.00 2.00   ? 168 GLY A C   1 
ATOM 1126 O O   . GLY A 1 146 ? 4.049   2.820   -7.053  1.00 2.00   ? 168 GLY A O   1 
ATOM 1127 N N   . LYS A 1 147 ? 5.476   2.204   -5.466  1.00 2.00   ? 169 LYS A N   1 
ATOM 1128 C CA  . LYS A 1 147 ? 5.286   0.807   -5.775  1.00 2.00   ? 169 LYS A CA  1 
ATOM 1129 C C   . LYS A 1 147 ? 3.829   0.440   -5.593  1.00 2.00   ? 169 LYS A C   1 
ATOM 1130 O O   . LYS A 1 147 ? 3.285   -0.423  -6.275  1.00 2.00   ? 169 LYS A O   1 
ATOM 1131 C CB  . LYS A 1 147 ? 6.136   -0.030  -4.837  1.00 2.00   ? 169 LYS A CB  1 
ATOM 1132 C CG  . LYS A 1 147 ? 5.752   -1.499  -4.848  1.00 2.00   ? 169 LYS A CG  1 
ATOM 1133 C CD  . LYS A 1 147 ? 6.540   -2.241  -5.917  1.00 2.00   ? 169 LYS A CD  1 
ATOM 1134 C CE  . LYS A 1 147 ? 6.512   -3.729  -5.612  1.00 2.00   ? 169 LYS A CE  1 
ATOM 1135 N NZ  . LYS A 1 147 ? 6.594   -4.520  -6.824  1.00 2.00   ? 169 LYS A NZ  1 
ATOM 1136 N N   . TYR A 1 148 ? 3.192   1.026   -4.588  1.00 2.00   ? 170 TYR A N   1 
ATOM 1137 C CA  . TYR A 1 148 ? 1.799   0.714   -4.366  1.00 2.00   ? 170 TYR A CA  1 
ATOM 1138 C C   . TYR A 1 148 ? 0.995   1.062   -5.605  1.00 2.00   ? 170 TYR A C   1 
ATOM 1139 O O   . TYR A 1 148 ? 0.555   0.161   -6.318  1.00 2.00   ? 170 TYR A O   1 
ATOM 1140 C CB  . TYR A 1 148 ? 1.306   1.493   -3.157  1.00 2.00   ? 170 TYR A CB  1 
ATOM 1141 C CG  . TYR A 1 148 ? -0.181  1.783   -3.179  1.00 2.00   ? 170 TYR A CG  1 
ATOM 1142 C CD1 . TYR A 1 148 ? -1.073  0.851   -2.679  1.00 2.00   ? 170 TYR A CD1 1 
ATOM 1143 C CD2 . TYR A 1 148 ? -0.627  3.006   -3.647  1.00 2.00   ? 170 TYR A CD2 1 
ATOM 1144 C CE1 . TYR A 1 148 ? -2.424  1.146   -2.641  1.00 2.00   ? 170 TYR A CE1 1 
ATOM 1145 C CE2 . TYR A 1 148 ? -1.974  3.307   -3.608  1.00 2.00   ? 170 TYR A CE2 1 
ATOM 1146 C CZ  . TYR A 1 148 ? -2.864  2.377   -3.105  1.00 2.00   ? 170 TYR A CZ  1 
ATOM 1147 O OH  . TYR A 1 148 ? -4.212  2.688   -3.052  1.00 2.00   ? 170 TYR A OH  1 
ATOM 1148 N N   . LYS A 1 149 ? 1.209   2.266   -6.131  1.00 2.00   ? 171 LYS A N   1 
ATOM 1149 C CA  . LYS A 1 149 ? 0.494   2.655   -7.326  1.00 2.00   ? 171 LYS A CA  1 
ATOM 1150 C C   . LYS A 1 149 ? 0.937   1.834   -8.535  1.00 2.00   ? 171 LYS A C   1 
ATOM 1151 O O   . LYS A 1 149 ? 0.089   1.283   -9.239  1.00 2.00   ? 171 LYS A O   1 
ATOM 1152 C CB  . LYS A 1 149 ? 0.726   4.134   -7.581  1.00 2.00   ? 171 LYS A CB  1 
ATOM 1153 C CG  . LYS A 1 149 ? 1.566   4.400   -8.818  1.00 2.00   ? 171 LYS A CG  1 
ATOM 1154 C CD  . LYS A 1 149 ? 2.380   5.669   -8.618  1.00 2.00   ? 171 LYS A CD  1 
ATOM 1155 C CE  . LYS A 1 149 ? 2.714   6.322   -9.952  1.00 2.00   ? 171 LYS A CE  1 
ATOM 1156 N NZ  . LYS A 1 149 ? 2.445   7.749   -9.891  1.00 2.00   ? 171 LYS A NZ  1 
ATOM 1157 N N   . GLN A 1 150 ? 2.177   1.341   -8.506  1.00 2.00   ? 172 GLN A N   1 
ATOM 1158 C CA  . GLN A 1 150 ? 2.670   0.566   -9.633  1.00 2.00   ? 172 GLN A CA  1 
ATOM 1159 C C   . GLN A 1 150 ? 2.114   -0.849  -9.681  1.00 2.00   ? 172 GLN A C   1 
ATOM 1160 O O   . GLN A 1 150 ? 1.871   -1.408  -10.754 1.00 2.00   ? 172 GLN A O   1 
ATOM 1161 C CB  . GLN A 1 150 ? 4.189   0.490   -9.587  1.00 81.77  ? 172 GLN A CB  1 
ATOM 1162 C CG  . GLN A 1 150 ? 4.770   -0.376  -10.696 1.00 81.77  ? 172 GLN A CG  1 
ATOM 1163 C CD  . GLN A 1 150 ? 5.445   0.443   -11.786 1.00 81.77  ? 172 GLN A CD  1 
ATOM 1164 O OE1 . GLN A 1 150 ? 5.386   1.672   -11.799 1.00 81.77  ? 172 GLN A OE1 1 
ATOM 1165 N NE2 . GLN A 1 150 ? 6.108   -0.218  -12.730 1.00 81.77  ? 172 GLN A NE2 1 
ATOM 1166 N N   . VAL A 1 151 ? 1.869   -1.454  -8.525  1.00 36.76  ? 173 VAL A N   1 
ATOM 1167 C CA  . VAL A 1 151 ? 1.359   -2.810  -8.525  1.00 36.76  ? 173 VAL A CA  1 
ATOM 1168 C C   . VAL A 1 151 ? -0.138  -2.850  -8.310  1.00 36.76  ? 173 VAL A C   1 
ATOM 1169 O O   . VAL A 1 151 ? -0.792  -3.843  -8.602  1.00 36.76  ? 173 VAL A O   1 
ATOM 1170 C CB  . VAL A 1 151 ? 2.048   -3.622  -7.428  1.00 2.00   ? 173 VAL A CB  1 
ATOM 1171 C CG1 . VAL A 1 151 ? 1.220   -3.574  -6.159  1.00 2.00   ? 173 VAL A CG1 1 
ATOM 1172 C CG2 . VAL A 1 151 ? 2.246   -5.060  -7.870  1.00 2.00   ? 173 VAL A CG2 1 
ATOM 1173 N N   . ILE A 1 152 ? -0.704  -1.826  -7.695  1.00 2.00   ? 174 ILE A N   1 
ATOM 1174 C CA  . ILE A 1 152 ? -2.133  -1.891  -7.488  1.00 2.00   ? 174 ILE A CA  1 
ATOM 1175 C C   . ILE A 1 152 ? -2.862  -1.914  -8.822  1.00 2.00   ? 174 ILE A C   1 
ATOM 1176 O O   . ILE A 1 152 ? -3.732  -2.749  -9.060  1.00 2.00   ? 174 ILE A O   1 
ATOM 1177 C CB  . ILE A 1 152 ? -2.600  -0.708  -6.629  1.00 2.00   ? 174 ILE A CB  1 
ATOM 1178 C CG1 . ILE A 1 152 ? -4.050  -0.889  -6.212  1.00 2.00   ? 174 ILE A CG1 1 
ATOM 1179 C CG2 . ILE A 1 152 ? -2.392  0.606   -7.373  1.00 2.00   ? 174 ILE A CG2 1 
ATOM 1180 C CD1 . ILE A 1 152 ? -4.434  -0.041  -4.989  1.00 2.00   ? 174 ILE A CD1 1 
ATOM 1181 N N   . SER A 1 153 ? -2.329  -1.193  -9.802  1.00 2.00   ? 175 SER A N   1 
ATOM 1182 C CA  . SER A 1 153 ? -2.954  -1.177  -11.110 1.00 2.00   ? 175 SER A CA  1 
ATOM 1183 C C   . SER A 1 153 ? -2.865  -2.554  -11.756 1.00 2.00   ? 175 SER A C   1 
ATOM 1184 O O   . SER A 1 153 ? -3.344  -2.755  -12.876 1.00 2.00   ? 175 SER A O   1 
ATOM 1185 C CB  . SER A 1 153 ? -2.258  -0.160  -11.999 1.00 157.41 ? 175 SER A CB  1 
ATOM 1186 O OG  . SER A 1 153 ? -0.873  -0.078  -11.695 1.00 157.41 ? 175 SER A OG  1 
ATOM 1187 N N   . VAL A 1 154 ? -1.878  -3.326  -11.302 1.00 2.00   ? 176 VAL A N   1 
ATOM 1188 C CA  . VAL A 1 154 ? -1.697  -4.662  -11.824 1.00 2.00   ? 176 VAL A CA  1 
ATOM 1189 C C   . VAL A 1 154 ? -2.643  -5.609  -11.122 1.00 2.00   ? 176 VAL A C   1 
ATOM 1190 O O   . VAL A 1 154 ? -3.393  -6.324  -11.788 1.00 2.00   ? 176 VAL A O   1 
ATOM 1191 C CB  . VAL A 1 154 ? -0.254  -5.112  -11.593 1.00 82.30  ? 176 VAL A CB  1 
ATOM 1192 C CG1 . VAL A 1 154 ? -0.082  -6.552  -12.039 1.00 82.30  ? 176 VAL A CG1 1 
ATOM 1193 C CG2 . VAL A 1 154 ? 0.708   -4.196  -12.334 1.00 82.30  ? 176 VAL A CG2 1 
ATOM 1194 N N   . LEU A 1 155 ? -2.930  -5.286  -9.860  1.00 26.30  ? 177 LEU A N   1 
ATOM 1195 C CA  . LEU A 1 155 ? -3.816  -6.096  -9.048  1.00 26.30  ? 177 LEU A CA  1 
ATOM 1196 C C   . LEU A 1 155 ? -5.263  -6.019  -9.518  1.00 26.30  ? 177 LEU A C   1 
ATOM 1197 O O   . LEU A 1 155 ? -6.037  -6.958  -9.333  1.00 26.30  ? 177 LEU A O   1 
ATOM 1198 C CB  . LEU A 1 155 ? -3.745  -5.634  -7.596  1.00 2.00   ? 177 LEU A CB  1 
ATOM 1199 C CG  . LEU A 1 155 ? -2.566  -6.103  -6.750  1.00 2.00   ? 177 LEU A CG  1 
ATOM 1200 C CD1 . LEU A 1 155 ? -1.793  -4.907  -6.217  1.00 2.00   ? 177 LEU A CD1 1 
ATOM 1201 C CD2 . LEU A 1 155 ? -3.049  -6.965  -5.594  1.00 2.00   ? 177 LEU A CD2 1 
ATOM 1202 N N   . ALA A 1 156 ? -5.681  -4.870  -10.054 1.00 32.87  ? 178 ALA A N   1 
ATOM 1203 C CA  . ALA A 1 156 ? -7.052  -4.736  -10.510 1.00 32.87  ? 178 ALA A CA  1 
ATOM 1204 C C   . ALA A 1 156 ? -7.316  -5.529  -11.776 1.00 32.87  ? 178 ALA A C   1 
ATOM 1205 O O   . ALA A 1 156 ? -8.369  -6.140  -11.928 1.00 32.87  ? 178 ALA A O   1 
ATOM 1206 C CB  . ALA A 1 156 ? -7.342  -3.284  -10.833 1.00 2.00   ? 178 ALA A CB  1 
ATOM 1207 N N   . GLN A 1 157 ? -6.298  -5.705  -12.611 1.00 70.29  ? 179 GLN A N   1 
ATOM 1208 C CA  . GLN A 1 157 ? -6.483  -6.453  -13.843 1.00 70.29  ? 179 GLN A CA  1 
ATOM 1209 C C   . GLN A 1 157 ? -6.490  -7.955  -13.614 1.00 70.29  ? 179 GLN A C   1 
ATOM 1210 O O   . GLN A 1 157 ? -6.707  -8.716  -14.557 1.00 70.29  ? 179 GLN A O   1 
ATOM 1211 C CB  . GLN A 1 157 ? -5.355  -6.146  -14.814 1.00 2.00   ? 179 GLN A CB  1 
ATOM 1212 C CG  . GLN A 1 157 ? -5.508  -4.800  -15.511 1.00 2.00   ? 179 GLN A CG  1 
ATOM 1213 C CD  . GLN A 1 157 ? -4.179  -4.217  -15.997 1.00 2.00   ? 179 GLN A CD  1 
ATOM 1214 O OE1 . GLN A 1 157 ? -3.142  -4.897  -15.997 1.00 2.00   ? 179 GLN A OE1 1 
ATOM 1215 N NE2 . GLN A 1 157 ? -4.176  -2.940  -16.403 1.00 2.00   ? 179 GLN A NE2 1 
ATOM 1216 N N   . ALA A 1 158 ? -6.554  -8.404  -12.359 1.00 88.12  ? 180 ALA A N   1 
ATOM 1217 C CA  . ALA A 1 158 ? -6.518  -9.835  -12.113 1.00 88.12  ? 180 ALA A CA  1 
ATOM 1218 C C   . ALA A 1 158 ? -7.675  -10.382 -11.288 1.00 88.12  ? 180 ALA A C   1 
ATOM 1219 O O   . ALA A 1 158 ? -7.814  -11.593 -11.131 1.00 88.12  ? 180 ALA A O   1 
ATOM 1220 C CB  . ALA A 1 158 ? -5.240  -10.166 -11.365 1.00 19.03  ? 180 ALA A CB  1 
ATOM 1221 N N   . PHE A 1 159 ? -8.620  -9.547  -10.877 1.00 77.68  ? 181 PHE A N   1 
ATOM 1222 C CA  . PHE A 1 159 ? -9.704  -10.090 -10.080 1.00 77.68  ? 181 PHE A CA  1 
ATOM 1223 C C   . PHE A 1 159 ? -11.063 -9.809  -10.696 1.00 77.68  ? 181 PHE A C   1 
ATOM 1224 O O   . PHE A 1 159 ? -11.081 -9.076  -11.683 1.00 60.21  ? 181 PHE A O   1 
ATOM 1225 C CB  . PHE A 1 159 ? -9.640  -9.517  -8.671  1.00 60.21  ? 181 PHE A CB  1 
ATOM 1226 C CG  . PHE A 1 159 ? -8.491  -10.102 -7.861  1.00 60.21  ? 181 PHE A CG  1 
ATOM 1227 C CD1 . PHE A 1 159 ? -8.459  -11.462 -7.595  1.00 60.21  ? 181 PHE A CD1 1 
ATOM 1228 C CD2 . PHE A 1 159 ? -7.465  -9.283  -7.411  1.00 60.21  ? 181 PHE A CD2 1 
ATOM 1229 C CE1 . PHE A 1 159 ? -7.400  -11.998 -6.883  1.00 60.21  ? 181 PHE A CE1 1 
ATOM 1230 C CE2 . PHE A 1 159 ? -6.411  -9.829  -6.701  1.00 60.21  ? 181 PHE A CE2 1 
ATOM 1231 C CZ  . PHE A 1 159 ? -6.378  -11.185 -6.437  1.00 60.21  ? 181 PHE A CZ  1 
ATOM 1232 O OXT . PHE A 1 159 ? -11.959 -10.626 -10.470 1.00 60.21  ? 181 PHE A OXT 1 
# 
